data_1V2Y
#
_entry.id   1V2Y
#
_entity_poly.entity_id   1
_entity_poly.type   'polypeptide(L)'
_entity_poly.pdbx_seq_one_letter_code
;GSSGSSGMTVRVCKMDGEVMPVVVVQNATVLDLKKAIQRYVQLKQEREGGVQHISWSYVWRTYHLTSAGEKLTEDRKKLR
DYGIRNRDEVSFIKKLGQKSGPSSG
;
_entity_poly.pdbx_strand_id   A
#
# COMPACT_ATOMS: atom_id res chain seq x y z
N GLY A 1 18.38 10.25 -23.08
CA GLY A 1 17.20 10.93 -23.57
C GLY A 1 16.74 12.01 -22.59
N SER A 2 15.50 11.88 -22.15
CA SER A 2 14.93 12.84 -21.21
C SER A 2 13.93 12.15 -20.29
N SER A 3 14.20 12.22 -19.01
CA SER A 3 13.33 11.60 -18.01
C SER A 3 12.48 12.67 -17.34
N GLY A 4 11.19 12.63 -17.65
CA GLY A 4 10.25 13.59 -17.08
C GLY A 4 9.57 13.02 -15.84
N SER A 5 8.29 12.71 -16.00
CA SER A 5 7.51 12.15 -14.90
C SER A 5 6.98 10.77 -15.29
N SER A 6 7.56 9.76 -14.66
CA SER A 6 7.15 8.38 -14.93
C SER A 6 6.70 7.72 -13.63
N GLY A 7 5.77 6.78 -13.78
CA GLY A 7 5.24 6.06 -12.64
C GLY A 7 3.71 6.08 -12.64
N MET A 8 3.14 5.85 -11.47
CA MET A 8 1.69 5.84 -11.33
C MET A 8 1.29 6.17 -9.90
N THR A 9 0.05 6.64 -9.75
CA THR A 9 -0.47 7.00 -8.45
C THR A 9 -1.48 5.95 -7.97
N VAL A 10 -1.00 5.07 -7.10
CA VAL A 10 -1.85 4.02 -6.56
C VAL A 10 -2.45 4.48 -5.23
N ARG A 11 -3.76 4.55 -5.22
CA ARG A 11 -4.48 4.98 -4.01
C ARG A 11 -4.64 3.81 -3.06
N VAL A 12 -4.41 4.09 -1.78
CA VAL A 12 -4.53 3.07 -0.75
C VAL A 12 -5.59 3.50 0.27
N CYS A 13 -6.84 3.16 -0.04
CA CYS A 13 -7.94 3.50 0.84
C CYS A 13 -7.82 2.67 2.12
N LYS A 14 -6.96 3.15 3.00
CA LYS A 14 -6.74 2.46 4.27
C LYS A 14 -8.08 1.95 4.81
N MET A 15 -8.00 0.89 5.60
CA MET A 15 -9.19 0.30 6.18
C MET A 15 -10.10 1.37 6.78
N ASP A 16 -9.48 2.27 7.54
CA ASP A 16 -10.22 3.35 8.18
C ASP A 16 -11.03 4.11 7.12
N GLY A 17 -10.32 4.58 6.11
CA GLY A 17 -10.95 5.32 5.03
C GLY A 17 -9.94 6.20 4.29
N GLU A 18 -9.22 7.00 5.08
CA GLU A 18 -8.22 7.89 4.52
C GLU A 18 -7.35 7.15 3.51
N VAL A 19 -7.42 7.59 2.27
CA VAL A 19 -6.65 6.98 1.20
C VAL A 19 -5.30 7.70 1.07
N MET A 20 -4.28 6.93 0.73
CA MET A 20 -2.94 7.48 0.57
C MET A 20 -2.41 7.23 -0.84
N PRO A 21 -2.02 8.35 -1.51
CA PRO A 21 -1.50 8.27 -2.86
C PRO A 21 -0.07 7.73 -2.86
N VAL A 22 0.07 6.50 -3.33
CA VAL A 22 1.38 5.87 -3.40
C VAL A 22 1.90 5.91 -4.83
N VAL A 23 3.22 5.95 -4.96
CA VAL A 23 3.85 5.99 -6.26
C VAL A 23 4.64 4.71 -6.48
N VAL A 24 4.66 4.26 -7.73
CA VAL A 24 5.37 3.04 -8.08
C VAL A 24 5.68 3.07 -9.58
N VAL A 25 6.51 2.11 -9.99
CA VAL A 25 6.90 2.01 -11.39
C VAL A 25 5.69 1.54 -12.21
N GLN A 26 5.73 1.87 -13.50
CA GLN A 26 4.66 1.50 -14.40
C GLN A 26 4.45 -0.02 -14.38
N ASN A 27 5.49 -0.71 -13.93
CA ASN A 27 5.43 -2.16 -13.86
C ASN A 27 5.82 -2.61 -12.45
N ALA A 28 5.07 -2.13 -11.48
CA ALA A 28 5.32 -2.46 -10.09
C ALA A 28 4.53 -3.73 -9.74
N THR A 29 4.73 -4.19 -8.51
CA THR A 29 4.06 -5.38 -8.03
C THR A 29 3.42 -5.13 -6.66
N VAL A 30 2.82 -6.17 -6.13
CA VAL A 30 2.17 -6.08 -4.83
C VAL A 30 3.20 -5.69 -3.77
N LEU A 31 4.37 -6.30 -3.90
CA LEU A 31 5.45 -6.03 -2.95
C LEU A 31 5.78 -4.54 -2.96
N ASP A 32 6.26 -4.08 -4.12
CA ASP A 32 6.61 -2.68 -4.28
C ASP A 32 5.56 -1.82 -3.59
N LEU A 33 4.31 -2.00 -4.00
CA LEU A 33 3.21 -1.24 -3.43
C LEU A 33 3.42 -1.11 -1.92
N LYS A 34 3.65 -2.24 -1.28
CA LYS A 34 3.88 -2.25 0.16
C LYS A 34 5.07 -1.37 0.50
N LYS A 35 6.18 -1.64 -0.16
CA LYS A 35 7.39 -0.87 0.06
C LYS A 35 7.08 0.62 -0.11
N ALA A 36 6.39 0.93 -1.19
CA ALA A 36 6.03 2.30 -1.48
C ALA A 36 5.24 2.87 -0.30
N ILE A 37 4.09 2.25 -0.04
CA ILE A 37 3.24 2.69 1.04
C ILE A 37 4.10 3.02 2.27
N GLN A 38 5.16 2.25 2.43
CA GLN A 38 6.07 2.45 3.55
C GLN A 38 7.01 3.62 3.26
N ARG A 39 7.50 3.66 2.02
CA ARG A 39 8.40 4.72 1.61
C ARG A 39 7.65 6.05 1.51
N TYR A 40 6.34 5.97 1.68
CA TYR A 40 5.51 7.15 1.62
C TYR A 40 5.42 7.84 2.98
N VAL A 41 5.35 7.01 4.02
CA VAL A 41 5.26 7.53 5.37
C VAL A 41 6.67 7.62 5.97
N GLN A 42 7.52 6.68 5.58
CA GLN A 42 8.88 6.66 6.07
C GLN A 42 9.66 7.87 5.53
N LEU A 43 9.85 7.87 4.22
CA LEU A 43 10.57 8.95 3.56
C LEU A 43 9.99 10.29 4.02
N LYS A 44 8.67 10.34 4.07
CA LYS A 44 7.99 11.54 4.50
C LYS A 44 8.51 11.98 5.87
N GLN A 45 8.36 11.08 6.83
CA GLN A 45 8.81 11.34 8.18
C GLN A 45 10.28 11.79 8.18
N GLU A 46 11.10 11.01 7.50
CA GLU A 46 12.51 11.32 7.41
C GLU A 46 12.72 12.78 6.98
N ARG A 47 12.03 13.15 5.92
CA ARG A 47 12.12 14.51 5.41
C ARG A 47 11.43 15.49 6.37
N GLU A 48 10.59 14.93 7.22
CA GLU A 48 9.86 15.74 8.19
C GLU A 48 10.45 15.54 9.60
N GLY A 49 11.65 14.99 9.62
CA GLY A 49 12.34 14.73 10.88
C GLY A 49 11.46 13.93 11.83
N GLY A 50 11.27 12.66 11.48
CA GLY A 50 10.45 11.77 12.29
C GLY A 50 10.99 10.34 12.23
N VAL A 51 10.84 9.65 13.36
CA VAL A 51 11.31 8.28 13.46
C VAL A 51 10.11 7.33 13.31
N GLN A 52 10.32 6.28 12.54
CA GLN A 52 9.28 5.29 12.31
C GLN A 52 8.73 4.78 13.65
N HIS A 53 7.43 4.54 13.67
CA HIS A 53 6.78 4.05 14.87
C HIS A 53 5.53 3.25 14.49
N ILE A 54 5.62 2.60 13.33
CA ILE A 54 4.51 1.80 12.84
C ILE A 54 5.01 0.38 12.55
N SER A 55 4.39 -0.58 13.22
CA SER A 55 4.76 -1.97 13.05
C SER A 55 4.24 -2.48 11.70
N TRP A 56 4.96 -2.13 10.65
CA TRP A 56 4.59 -2.55 9.31
C TRP A 56 4.63 -4.08 9.27
N SER A 57 5.48 -4.65 10.11
CA SER A 57 5.62 -6.09 10.18
C SER A 57 4.26 -6.74 10.36
N TYR A 58 3.61 -6.39 11.47
CA TYR A 58 2.31 -6.94 11.78
C TYR A 58 1.26 -6.45 10.76
N VAL A 59 1.28 -5.16 10.51
CA VAL A 59 0.35 -4.57 9.56
C VAL A 59 0.31 -5.42 8.29
N TRP A 60 1.47 -5.55 7.68
CA TRP A 60 1.58 -6.32 6.45
C TRP A 60 1.21 -7.77 6.77
N ARG A 61 1.62 -8.21 7.95
CA ARG A 61 1.34 -9.55 8.40
C ARG A 61 0.01 -9.61 9.15
N THR A 62 -0.95 -8.86 8.62
CA THR A 62 -2.28 -8.81 9.22
C THR A 62 -3.33 -8.43 8.17
N TYR A 63 -3.00 -7.41 7.40
CA TYR A 63 -3.90 -6.94 6.36
C TYR A 63 -3.24 -7.07 4.97
N HIS A 64 -4.10 -7.07 3.95
CA HIS A 64 -3.63 -7.18 2.58
C HIS A 64 -4.15 -5.99 1.77
N LEU A 65 -3.79 -6.01 0.49
CA LEU A 65 -4.21 -4.95 -0.42
C LEU A 65 -5.28 -5.48 -1.36
N THR A 66 -6.43 -4.82 -1.34
CA THR A 66 -7.54 -5.22 -2.20
C THR A 66 -7.91 -4.08 -3.14
N SER A 67 -8.62 -4.43 -4.21
CA SER A 67 -9.04 -3.45 -5.19
C SER A 67 -10.53 -3.67 -5.53
N ALA A 68 -10.81 -4.84 -6.09
CA ALA A 68 -12.17 -5.18 -6.46
C ALA A 68 -12.28 -6.70 -6.63
N GLY A 69 -12.20 -7.39 -5.50
CA GLY A 69 -12.30 -8.84 -5.51
C GLY A 69 -10.92 -9.48 -5.70
N GLU A 70 -10.06 -8.76 -6.39
CA GLU A 70 -8.71 -9.23 -6.65
C GLU A 70 -7.83 -9.02 -5.42
N LYS A 71 -7.52 -10.11 -4.75
CA LYS A 71 -6.68 -10.05 -3.56
C LYS A 71 -5.22 -9.92 -3.97
N LEU A 72 -4.65 -8.77 -3.65
CA LEU A 72 -3.25 -8.50 -3.98
C LEU A 72 -2.35 -9.18 -2.95
N THR A 73 -2.10 -10.45 -3.20
CA THR A 73 -1.24 -11.22 -2.30
C THR A 73 0.09 -11.54 -2.97
N GLU A 74 0.00 -12.14 -4.15
CA GLU A 74 1.19 -12.50 -4.90
C GLU A 74 2.07 -11.27 -5.13
N ASP A 75 3.33 -11.40 -4.76
CA ASP A 75 4.28 -10.32 -4.92
C ASP A 75 5.03 -10.48 -6.24
N ARG A 76 5.15 -11.73 -6.66
CA ARG A 76 5.84 -12.05 -7.91
C ARG A 76 4.94 -11.74 -9.10
N LYS A 77 3.71 -11.33 -8.79
CA LYS A 77 2.75 -11.00 -9.83
C LYS A 77 2.60 -9.48 -9.93
N LYS A 78 2.88 -8.97 -11.11
CA LYS A 78 2.77 -7.53 -11.35
C LYS A 78 1.33 -7.09 -11.17
N LEU A 79 1.17 -5.86 -10.71
CA LEU A 79 -0.16 -5.31 -10.49
C LEU A 79 -0.90 -5.23 -11.82
N ARG A 80 -0.16 -4.86 -12.86
CA ARG A 80 -0.74 -4.74 -14.18
C ARG A 80 -1.42 -6.05 -14.58
N ASP A 81 -0.99 -7.13 -13.93
CA ASP A 81 -1.56 -8.44 -14.20
C ASP A 81 -2.85 -8.61 -13.41
N TYR A 82 -2.91 -7.93 -12.27
CA TYR A 82 -4.08 -8.01 -11.42
C TYR A 82 -5.21 -7.15 -11.96
N GLY A 83 -4.87 -6.31 -12.93
CA GLY A 83 -5.84 -5.42 -13.54
C GLY A 83 -5.73 -4.00 -12.98
N ILE A 84 -4.67 -3.78 -12.21
CA ILE A 84 -4.44 -2.49 -11.61
C ILE A 84 -3.55 -1.66 -12.53
N ARG A 85 -4.03 -0.47 -12.88
CA ARG A 85 -3.29 0.43 -13.74
C ARG A 85 -3.06 1.77 -13.05
N ASN A 86 -2.48 2.69 -13.79
CA ASN A 86 -2.19 4.02 -13.27
C ASN A 86 -3.52 4.71 -12.92
N ARG A 87 -3.50 5.43 -11.81
CA ARG A 87 -4.68 6.14 -11.35
C ARG A 87 -5.80 5.15 -11.02
N ASP A 88 -5.48 4.24 -10.09
CA ASP A 88 -6.44 3.24 -9.67
C ASP A 88 -6.79 3.46 -8.19
N GLU A 89 -7.80 2.76 -7.75
CA GLU A 89 -8.24 2.86 -6.36
C GLU A 89 -8.09 1.52 -5.65
N VAL A 90 -7.12 1.48 -4.74
CA VAL A 90 -6.87 0.26 -3.98
C VAL A 90 -7.11 0.53 -2.50
N SER A 91 -7.54 -0.51 -1.80
CA SER A 91 -7.81 -0.40 -0.38
C SER A 91 -7.25 -1.63 0.35
N PHE A 92 -7.22 -1.51 1.67
CA PHE A 92 -6.72 -2.60 2.50
C PHE A 92 -7.85 -3.55 2.91
N ILE A 93 -7.46 -4.73 3.36
CA ILE A 93 -8.43 -5.73 3.79
C ILE A 93 -7.87 -6.48 5.00
N LYS A 94 -8.79 -7.08 5.74
CA LYS A 94 -8.40 -7.84 6.93
C LYS A 94 -8.62 -9.33 6.67
N LYS A 95 -7.58 -10.11 6.96
CA LYS A 95 -7.65 -11.54 6.78
C LYS A 95 -8.97 -12.07 7.34
N LEU A 96 -9.28 -13.31 6.98
CA LEU A 96 -10.51 -13.94 7.45
C LEU A 96 -10.59 -13.82 8.97
N GLY A 97 -11.43 -12.90 9.42
CA GLY A 97 -11.61 -12.68 10.84
C GLY A 97 -13.09 -12.67 11.22
N GLN A 98 -13.40 -11.93 12.27
CA GLN A 98 -14.77 -11.82 12.73
C GLN A 98 -15.07 -10.40 13.21
N LYS A 99 -14.30 -9.97 14.21
CA LYS A 99 -14.47 -8.63 14.75
C LYS A 99 -13.53 -7.67 14.03
N SER A 100 -13.64 -6.40 14.40
CA SER A 100 -12.80 -5.37 13.81
C SER A 100 -12.55 -4.24 14.81
N GLY A 101 -11.40 -3.62 14.68
CA GLY A 101 -11.02 -2.52 15.56
C GLY A 101 -11.76 -1.24 15.18
N PRO A 102 -12.65 -0.79 16.12
CA PRO A 102 -13.42 0.42 15.89
C PRO A 102 -12.55 1.66 16.08
N SER A 103 -13.14 2.80 15.76
CA SER A 103 -12.43 4.07 15.89
C SER A 103 -13.34 5.11 16.55
N SER A 104 -14.48 5.35 15.91
CA SER A 104 -15.43 6.32 16.42
C SER A 104 -16.75 5.62 16.78
N GLY A 105 -17.39 6.13 17.81
CA GLY A 105 -18.65 5.57 18.26
C GLY A 105 -18.44 4.65 19.47
N GLY A 1 14.30 20.49 -10.28
CA GLY A 1 13.75 19.95 -9.06
C GLY A 1 13.28 18.50 -9.27
N SER A 2 12.01 18.37 -9.64
CA SER A 2 11.43 17.06 -9.87
C SER A 2 10.91 16.97 -11.30
N SER A 3 11.58 16.15 -12.09
CA SER A 3 11.19 15.96 -13.48
C SER A 3 11.19 14.47 -13.84
N GLY A 4 10.57 14.16 -14.97
CA GLY A 4 10.49 12.78 -15.43
C GLY A 4 9.04 12.31 -15.47
N SER A 5 8.86 11.09 -15.96
CA SER A 5 7.54 10.51 -16.07
C SER A 5 7.65 8.98 -16.25
N SER A 6 7.60 8.29 -15.12
CA SER A 6 7.70 6.83 -15.14
C SER A 6 7.21 6.27 -13.82
N GLY A 7 5.93 5.91 -13.79
CA GLY A 7 5.33 5.36 -12.60
C GLY A 7 3.81 5.50 -12.63
N MET A 8 3.20 5.30 -11.47
CA MET A 8 1.75 5.40 -11.34
C MET A 8 1.35 5.81 -9.93
N THR A 9 0.18 6.42 -9.83
CA THR A 9 -0.33 6.87 -8.55
C THR A 9 -1.40 5.89 -8.03
N VAL A 10 -0.99 5.05 -7.09
CA VAL A 10 -1.90 4.08 -6.51
C VAL A 10 -2.44 4.62 -5.19
N ARG A 11 -3.76 4.74 -5.12
CA ARG A 11 -4.40 5.24 -3.92
C ARG A 11 -4.72 4.08 -2.97
N VAL A 12 -4.63 4.38 -1.68
CA VAL A 12 -4.90 3.37 -0.67
C VAL A 12 -6.15 3.78 0.12
N CYS A 13 -6.98 2.79 0.40
CA CYS A 13 -8.20 3.04 1.15
C CYS A 13 -8.00 2.53 2.58
N LYS A 14 -7.42 3.39 3.41
CA LYS A 14 -7.17 3.03 4.80
C LYS A 14 -8.48 2.62 5.47
N MET A 15 -8.35 1.89 6.56
CA MET A 15 -9.51 1.43 7.30
C MET A 15 -10.38 2.60 7.74
N ASP A 16 -9.72 3.66 8.17
CA ASP A 16 -10.43 4.85 8.61
C ASP A 16 -11.20 5.45 7.43
N GLY A 17 -10.47 5.71 6.36
CA GLY A 17 -11.07 6.28 5.16
C GLY A 17 -10.04 7.08 4.36
N GLU A 18 -9.28 7.90 5.09
CA GLU A 18 -8.27 8.73 4.47
C GLU A 18 -7.54 7.95 3.39
N VAL A 19 -7.23 8.64 2.30
CA VAL A 19 -6.54 8.02 1.17
C VAL A 19 -5.11 8.55 1.13
N MET A 20 -4.25 7.76 0.49
CA MET A 20 -2.84 8.14 0.36
C MET A 20 -2.31 7.80 -1.02
N PRO A 21 -1.80 8.86 -1.73
CA PRO A 21 -1.26 8.68 -3.05
C PRO A 21 0.11 8.00 -3.01
N VAL A 22 0.13 6.76 -3.45
CA VAL A 22 1.37 5.98 -3.47
C VAL A 22 1.91 5.93 -4.89
N VAL A 23 3.23 5.83 -4.98
CA VAL A 23 3.88 5.77 -6.28
C VAL A 23 4.57 4.40 -6.44
N VAL A 24 4.62 3.95 -7.69
CA VAL A 24 5.24 2.67 -7.99
C VAL A 24 5.64 2.64 -9.45
N VAL A 25 6.38 1.60 -9.81
CA VAL A 25 6.84 1.44 -11.18
C VAL A 25 5.68 0.94 -12.05
N GLN A 26 5.64 1.43 -13.27
CA GLN A 26 4.60 1.05 -14.20
C GLN A 26 4.30 -0.45 -14.09
N ASN A 27 5.37 -1.22 -13.95
CA ASN A 27 5.24 -2.67 -13.82
C ASN A 27 5.59 -3.08 -12.39
N ALA A 28 4.97 -2.39 -11.44
CA ALA A 28 5.20 -2.68 -10.04
C ALA A 28 4.49 -3.98 -9.66
N THR A 29 4.70 -4.39 -8.42
CA THR A 29 4.08 -5.61 -7.92
C THR A 29 3.40 -5.36 -6.58
N VAL A 30 2.89 -6.44 -6.00
CA VAL A 30 2.22 -6.34 -4.71
C VAL A 30 3.19 -5.84 -3.65
N LEU A 31 4.36 -6.48 -3.63
CA LEU A 31 5.39 -6.11 -2.67
C LEU A 31 5.66 -4.61 -2.79
N ASP A 32 5.99 -4.18 -4.00
CA ASP A 32 6.27 -2.78 -4.24
C ASP A 32 5.24 -1.92 -3.54
N LEU A 33 3.97 -2.21 -3.81
CA LEU A 33 2.88 -1.48 -3.20
C LEU A 33 3.22 -1.17 -1.75
N LYS A 34 3.20 -2.21 -0.93
CA LYS A 34 3.50 -2.08 0.48
C LYS A 34 4.75 -1.22 0.64
N LYS A 35 5.84 -1.69 0.03
CA LYS A 35 7.10 -0.97 0.09
C LYS A 35 6.85 0.52 -0.12
N ALA A 36 6.12 0.83 -1.18
CA ALA A 36 5.81 2.21 -1.50
C ALA A 36 5.09 2.85 -0.32
N ILE A 37 3.89 2.37 -0.04
CA ILE A 37 3.10 2.90 1.06
C ILE A 37 4.03 3.16 2.25
N GLN A 38 5.05 2.33 2.36
CA GLN A 38 6.00 2.47 3.44
C GLN A 38 6.95 3.65 3.18
N ARG A 39 7.50 3.67 1.98
CA ARG A 39 8.41 4.73 1.60
C ARG A 39 7.67 6.07 1.53
N TYR A 40 6.36 5.98 1.64
CA TYR A 40 5.53 7.18 1.60
C TYR A 40 5.42 7.83 2.98
N VAL A 41 5.36 6.97 3.99
CA VAL A 41 5.25 7.45 5.35
C VAL A 41 6.65 7.54 5.97
N GLN A 42 7.51 6.61 5.57
CA GLN A 42 8.87 6.58 6.07
C GLN A 42 9.65 7.80 5.56
N LEU A 43 9.87 7.82 4.26
CA LEU A 43 10.60 8.91 3.63
C LEU A 43 10.02 10.24 4.11
N LYS A 44 8.69 10.30 4.12
CA LYS A 44 8.01 11.51 4.56
C LYS A 44 8.50 11.90 5.95
N GLN A 45 8.18 11.05 6.92
CA GLN A 45 8.58 11.28 8.30
C GLN A 45 10.07 11.65 8.36
N GLU A 46 10.88 10.77 7.77
CA GLU A 46 12.31 10.97 7.76
C GLU A 46 12.64 12.42 7.35
N ARG A 47 12.04 12.84 6.24
CA ARG A 47 12.25 14.18 5.74
C ARG A 47 11.54 15.20 6.63
N GLU A 48 10.54 14.71 7.35
CA GLU A 48 9.77 15.56 8.24
C GLU A 48 10.21 15.35 9.70
N GLY A 49 11.42 14.82 9.84
CA GLY A 49 11.96 14.56 11.17
C GLY A 49 12.43 13.11 11.29
N GLY A 50 11.47 12.21 11.22
CA GLY A 50 11.77 10.78 11.33
C GLY A 50 11.48 10.26 12.74
N VAL A 51 11.18 8.98 12.81
CA VAL A 51 10.89 8.35 14.08
C VAL A 51 10.92 6.82 13.92
N GLN A 52 10.64 6.13 15.01
CA GLN A 52 10.65 4.68 14.99
C GLN A 52 9.56 4.16 14.05
N HIS A 53 9.77 2.93 13.60
CA HIS A 53 8.82 2.30 12.68
C HIS A 53 7.43 2.27 13.33
N ILE A 54 6.46 1.90 12.51
CA ILE A 54 5.08 1.82 12.98
C ILE A 54 4.58 0.38 12.83
N SER A 55 5.41 -0.55 13.27
CA SER A 55 5.07 -1.96 13.18
C SER A 55 4.43 -2.27 11.82
N TRP A 56 5.17 -1.97 10.77
CA TRP A 56 4.70 -2.20 9.42
C TRP A 56 4.57 -3.72 9.22
N SER A 57 5.62 -4.42 9.61
CA SER A 57 5.64 -5.87 9.48
C SER A 57 4.27 -6.44 9.82
N TYR A 58 3.85 -6.20 11.06
CA TYR A 58 2.56 -6.69 11.52
C TYR A 58 1.44 -6.23 10.59
N VAL A 59 1.44 -4.94 10.30
CA VAL A 59 0.43 -4.36 9.43
C VAL A 59 0.34 -5.20 8.14
N TRP A 60 1.49 -5.40 7.53
CA TRP A 60 1.55 -6.17 6.29
C TRP A 60 1.26 -7.63 6.64
N ARG A 61 1.58 -7.99 7.87
CA ARG A 61 1.35 -9.35 8.33
C ARG A 61 -0.04 -9.47 8.96
N THR A 62 -0.98 -8.75 8.38
CA THR A 62 -2.34 -8.78 8.87
C THR A 62 -3.32 -8.33 7.77
N TYR A 63 -2.94 -7.28 7.08
CA TYR A 63 -3.76 -6.74 6.01
C TYR A 63 -3.01 -6.78 4.68
N HIS A 64 -3.79 -6.70 3.61
CA HIS A 64 -3.21 -6.73 2.27
C HIS A 64 -3.97 -5.75 1.36
N LEU A 65 -3.37 -5.48 0.21
CA LEU A 65 -3.98 -4.57 -0.74
C LEU A 65 -4.91 -5.35 -1.68
N THR A 66 -6.17 -4.94 -1.70
CA THR A 66 -7.16 -5.59 -2.53
C THR A 66 -7.49 -4.72 -3.75
N SER A 67 -8.32 -5.26 -4.62
CA SER A 67 -8.73 -4.55 -5.82
C SER A 67 -9.39 -5.52 -6.80
N ALA A 68 -10.31 -4.98 -7.59
CA ALA A 68 -11.01 -5.78 -8.58
C ALA A 68 -11.41 -7.11 -7.95
N GLY A 69 -11.94 -7.03 -6.75
CA GLY A 69 -12.37 -8.22 -6.03
C GLY A 69 -11.30 -9.30 -6.09
N GLU A 70 -10.05 -8.88 -5.92
CA GLU A 70 -8.93 -9.81 -5.95
C GLU A 70 -7.95 -9.49 -4.82
N LYS A 71 -7.50 -10.55 -4.16
CA LYS A 71 -6.56 -10.39 -3.06
C LYS A 71 -5.14 -10.34 -3.61
N LEU A 72 -4.48 -9.22 -3.36
CA LEU A 72 -3.11 -9.02 -3.82
C LEU A 72 -2.14 -9.54 -2.76
N THR A 73 -1.84 -10.82 -2.86
CA THR A 73 -0.91 -11.44 -1.91
C THR A 73 0.40 -11.82 -2.61
N GLU A 74 0.27 -12.23 -3.86
CA GLU A 74 1.43 -12.61 -4.64
C GLU A 74 2.34 -11.41 -4.88
N ASP A 75 3.58 -11.56 -4.45
CA ASP A 75 4.56 -10.49 -4.60
C ASP A 75 5.15 -10.54 -6.01
N ARG A 76 5.29 -11.76 -6.52
CA ARG A 76 5.85 -11.97 -7.84
C ARG A 76 4.86 -11.48 -8.91
N LYS A 77 3.58 -11.64 -8.60
CA LYS A 77 2.53 -11.23 -9.52
C LYS A 77 2.50 -9.69 -9.58
N LYS A 78 2.52 -9.19 -10.80
CA LYS A 78 2.49 -7.75 -11.02
C LYS A 78 1.07 -7.24 -10.79
N LEU A 79 0.99 -5.96 -10.45
CA LEU A 79 -0.31 -5.33 -10.21
C LEU A 79 -1.09 -5.26 -11.52
N ARG A 80 -0.38 -4.83 -12.56
CA ARG A 80 -1.00 -4.70 -13.88
C ARG A 80 -1.58 -6.05 -14.32
N ASP A 81 -1.13 -7.11 -13.65
CA ASP A 81 -1.60 -8.44 -13.95
C ASP A 81 -2.88 -8.72 -13.17
N TYR A 82 -3.18 -7.83 -12.25
CA TYR A 82 -4.36 -7.97 -11.42
C TYR A 82 -5.47 -7.03 -11.88
N GLY A 83 -5.15 -6.24 -12.89
CA GLY A 83 -6.10 -5.30 -13.45
C GLY A 83 -5.98 -3.93 -12.75
N ILE A 84 -4.86 -3.74 -12.08
CA ILE A 84 -4.60 -2.50 -11.38
C ILE A 84 -3.73 -1.58 -12.24
N ARG A 85 -4.37 -0.55 -12.77
CA ARG A 85 -3.67 0.40 -13.62
C ARG A 85 -3.30 1.65 -12.82
N ASN A 86 -2.76 2.63 -13.53
CA ASN A 86 -2.36 3.87 -12.91
C ASN A 86 -3.60 4.71 -12.58
N ARG A 87 -3.49 5.48 -11.52
CA ARG A 87 -4.60 6.32 -11.09
C ARG A 87 -5.78 5.46 -10.64
N ASP A 88 -5.45 4.30 -10.09
CA ASP A 88 -6.47 3.37 -9.62
C ASP A 88 -6.59 3.50 -8.11
N GLU A 89 -7.73 3.07 -7.60
CA GLU A 89 -8.00 3.13 -6.17
C GLU A 89 -7.90 1.73 -5.55
N VAL A 90 -7.02 1.60 -4.57
CA VAL A 90 -6.83 0.33 -3.90
C VAL A 90 -7.34 0.44 -2.47
N SER A 91 -7.65 -0.71 -1.89
CA SER A 91 -8.15 -0.76 -0.52
C SER A 91 -7.35 -1.79 0.28
N PHE A 92 -7.53 -1.73 1.60
CA PHE A 92 -6.84 -2.64 2.49
C PHE A 92 -7.79 -3.70 3.05
N ILE A 93 -7.39 -4.95 2.88
CA ILE A 93 -8.20 -6.06 3.36
C ILE A 93 -7.47 -6.74 4.52
N LYS A 94 -8.22 -7.61 5.21
CA LYS A 94 -7.67 -8.33 6.34
C LYS A 94 -7.72 -9.83 6.06
N LYS A 95 -6.60 -10.49 6.33
CA LYS A 95 -6.51 -11.93 6.10
C LYS A 95 -7.73 -12.61 6.73
N LEU A 96 -7.87 -13.89 6.42
CA LEU A 96 -8.98 -14.67 6.93
C LEU A 96 -8.88 -14.75 8.46
N GLY A 97 -9.85 -14.15 9.12
CA GLY A 97 -9.89 -14.14 10.57
C GLY A 97 -11.33 -14.23 11.09
N GLN A 98 -11.53 -13.68 12.28
CA GLN A 98 -12.83 -13.69 12.91
C GLN A 98 -13.32 -12.27 13.17
N LYS A 99 -14.55 -12.00 12.79
CA LYS A 99 -15.14 -10.69 12.99
C LYS A 99 -14.73 -9.77 11.83
N SER A 100 -15.44 -9.93 10.73
CA SER A 100 -15.17 -9.13 9.54
C SER A 100 -15.34 -7.64 9.87
N GLY A 101 -14.62 -6.82 9.12
CA GLY A 101 -14.68 -5.38 9.32
C GLY A 101 -16.04 -4.83 8.91
N PRO A 102 -16.46 -3.75 9.62
CA PRO A 102 -17.75 -3.13 9.34
C PRO A 102 -17.69 -2.30 8.06
N SER A 103 -18.06 -2.94 6.96
CA SER A 103 -18.06 -2.28 5.67
C SER A 103 -19.44 -1.69 5.37
N SER A 104 -20.42 -2.58 5.30
CA SER A 104 -21.79 -2.16 5.02
C SER A 104 -21.88 -1.54 3.63
N GLY A 105 -22.57 -2.23 2.74
CA GLY A 105 -22.74 -1.75 1.38
C GLY A 105 -24.00 -2.34 0.74
N GLY A 1 15.21 9.31 -11.19
CA GLY A 1 16.15 9.86 -12.16
C GLY A 1 15.80 11.32 -12.49
N SER A 2 15.51 11.55 -13.77
CA SER A 2 15.17 12.88 -14.22
C SER A 2 14.41 12.79 -15.55
N SER A 3 13.49 13.73 -15.73
CA SER A 3 12.70 13.78 -16.95
C SER A 3 11.91 12.47 -17.11
N GLY A 4 11.00 12.49 -18.06
CA GLY A 4 10.17 11.32 -18.33
C GLY A 4 9.24 11.03 -17.15
N SER A 5 7.97 10.83 -17.47
CA SER A 5 6.98 10.55 -16.46
C SER A 5 6.54 9.09 -16.54
N SER A 6 7.38 8.22 -15.98
CA SER A 6 7.11 6.79 -16.00
C SER A 6 6.75 6.32 -14.58
N GLY A 7 5.45 6.30 -14.31
CA GLY A 7 4.97 5.87 -13.01
C GLY A 7 3.45 5.94 -12.93
N MET A 8 2.93 5.69 -11.75
CA MET A 8 1.48 5.71 -11.54
C MET A 8 1.15 6.13 -10.11
N THR A 9 -0.12 6.39 -9.88
CA THR A 9 -0.59 6.79 -8.56
C THR A 9 -1.60 5.78 -8.01
N VAL A 10 -1.08 4.87 -7.20
CA VAL A 10 -1.91 3.85 -6.60
C VAL A 10 -2.49 4.37 -5.29
N ARG A 11 -3.80 4.56 -5.28
CA ARG A 11 -4.48 5.05 -4.10
C ARG A 11 -4.74 3.91 -3.12
N VAL A 12 -4.43 4.16 -1.86
CA VAL A 12 -4.62 3.16 -0.82
C VAL A 12 -5.65 3.68 0.19
N CYS A 13 -6.90 3.33 -0.07
CA CYS A 13 -7.99 3.75 0.80
C CYS A 13 -7.92 2.92 2.08
N LYS A 14 -7.10 3.37 3.00
CA LYS A 14 -6.94 2.68 4.28
C LYS A 14 -8.30 2.16 4.74
N MET A 15 -8.25 1.09 5.53
CA MET A 15 -9.47 0.49 6.05
C MET A 15 -10.38 1.55 6.67
N ASP A 16 -9.80 2.36 7.54
CA ASP A 16 -10.55 3.41 8.21
C ASP A 16 -9.65 4.65 8.35
N GLY A 17 -9.08 5.05 7.22
CA GLY A 17 -8.21 6.21 7.21
C GLY A 17 -8.37 6.99 5.91
N GLU A 18 -7.50 7.98 5.73
CA GLU A 18 -7.53 8.80 4.54
C GLU A 18 -6.67 8.18 3.43
N VAL A 19 -7.33 7.84 2.35
CA VAL A 19 -6.66 7.23 1.21
C VAL A 19 -5.31 7.94 0.99
N MET A 20 -4.29 7.14 0.74
CA MET A 20 -2.95 7.67 0.51
C MET A 20 -2.48 7.35 -0.91
N PRO A 21 -2.13 8.43 -1.65
CA PRO A 21 -1.65 8.28 -3.02
C PRO A 21 -0.21 7.76 -3.04
N VAL A 22 -0.08 6.50 -3.45
CA VAL A 22 1.23 5.88 -3.52
C VAL A 22 1.69 5.84 -4.98
N VAL A 23 2.99 5.98 -5.15
CA VAL A 23 3.58 5.97 -6.49
C VAL A 23 4.46 4.72 -6.64
N VAL A 24 4.47 4.19 -7.85
CA VAL A 24 5.27 3.01 -8.14
C VAL A 24 5.69 3.03 -9.61
N VAL A 25 6.50 2.05 -9.98
CA VAL A 25 6.98 1.95 -11.35
C VAL A 25 5.83 1.50 -12.25
N GLN A 26 5.85 2.01 -13.47
CA GLN A 26 4.82 1.66 -14.44
C GLN A 26 4.56 0.16 -14.42
N ASN A 27 5.57 -0.59 -14.00
CA ASN A 27 5.46 -2.03 -13.92
C ASN A 27 5.89 -2.51 -12.54
N ALA A 28 5.10 -2.11 -11.55
CA ALA A 28 5.39 -2.48 -10.17
C ALA A 28 4.61 -3.74 -9.82
N THR A 29 4.82 -4.20 -8.59
CA THR A 29 4.14 -5.40 -8.12
C THR A 29 3.49 -5.14 -6.76
N VAL A 30 2.91 -6.20 -6.19
CA VAL A 30 2.26 -6.09 -4.90
C VAL A 30 3.26 -5.59 -3.86
N LEU A 31 4.30 -6.39 -3.65
CA LEU A 31 5.33 -6.04 -2.69
C LEU A 31 5.69 -4.56 -2.85
N ASP A 32 6.11 -4.21 -4.06
CA ASP A 32 6.49 -2.85 -4.36
C ASP A 32 5.48 -1.90 -3.71
N LEU A 33 4.22 -2.08 -4.10
CA LEU A 33 3.15 -1.25 -3.57
C LEU A 33 3.38 -0.99 -2.08
N LYS A 34 3.45 -2.08 -1.33
CA LYS A 34 3.67 -2.01 0.11
C LYS A 34 4.90 -1.14 0.37
N LYS A 35 6.02 -1.56 -0.20
CA LYS A 35 7.26 -0.85 -0.03
C LYS A 35 7.00 0.66 -0.15
N ALA A 36 6.29 1.01 -1.21
CA ALA A 36 5.96 2.40 -1.45
C ALA A 36 5.20 2.97 -0.24
N ILE A 37 4.00 2.44 -0.03
CA ILE A 37 3.18 2.88 1.08
C ILE A 37 4.06 3.12 2.31
N GLN A 38 5.08 2.27 2.44
CA GLN A 38 6.01 2.37 3.55
C GLN A 38 6.97 3.54 3.33
N ARG A 39 7.56 3.57 2.15
CA ARG A 39 8.51 4.62 1.81
C ARG A 39 7.78 5.95 1.65
N TYR A 40 6.46 5.88 1.70
CA TYR A 40 5.64 7.07 1.57
C TYR A 40 5.51 7.81 2.91
N VAL A 41 5.26 7.03 3.95
CA VAL A 41 5.12 7.59 5.28
C VAL A 41 6.50 7.69 5.95
N GLN A 42 7.27 6.63 5.78
CA GLN A 42 8.60 6.59 6.36
C GLN A 42 9.42 7.80 5.89
N LEU A 43 9.72 7.81 4.59
CA LEU A 43 10.49 8.89 4.01
C LEU A 43 9.90 10.23 4.46
N LYS A 44 8.57 10.29 4.44
CA LYS A 44 7.87 11.49 4.83
C LYS A 44 8.41 11.97 6.18
N GLN A 45 8.06 11.22 7.21
CA GLN A 45 8.50 11.56 8.56
C GLN A 45 10.00 11.85 8.57
N GLU A 46 10.76 10.90 8.03
CA GLU A 46 12.20 11.05 7.98
C GLU A 46 12.58 12.45 7.53
N ARG A 47 12.10 12.82 6.35
CA ARG A 47 12.38 14.13 5.80
C ARG A 47 11.92 15.22 6.77
N GLU A 48 10.96 14.86 7.60
CA GLU A 48 10.41 15.79 8.57
C GLU A 48 11.02 15.53 9.95
N GLY A 49 12.10 14.77 9.95
CA GLY A 49 12.77 14.43 11.19
C GLY A 49 12.59 12.94 11.53
N GLY A 50 11.33 12.53 11.58
CA GLY A 50 11.01 11.15 11.89
C GLY A 50 9.93 11.07 12.96
N VAL A 51 9.65 9.84 13.39
CA VAL A 51 8.64 9.61 14.41
C VAL A 51 8.67 8.15 14.82
N GLN A 52 7.78 7.80 15.74
CA GLN A 52 7.68 6.43 16.23
C GLN A 52 7.62 5.46 15.06
N HIS A 53 8.14 4.26 15.30
CA HIS A 53 8.15 3.23 14.27
C HIS A 53 6.88 2.38 14.41
N ILE A 54 6.43 1.86 13.28
CA ILE A 54 5.24 1.03 13.25
C ILE A 54 5.61 -0.38 12.78
N SER A 55 4.93 -1.36 13.33
CA SER A 55 5.17 -2.75 12.96
C SER A 55 4.60 -3.04 11.59
N TRP A 56 5.24 -2.46 10.58
CA TRP A 56 4.80 -2.65 9.20
C TRP A 56 4.70 -4.15 8.94
N SER A 57 5.77 -4.85 9.28
CA SER A 57 5.82 -6.30 9.09
C SER A 57 4.47 -6.91 9.45
N TYR A 58 4.05 -6.67 10.67
CA TYR A 58 2.78 -7.20 11.15
C TYR A 58 1.62 -6.66 10.32
N VAL A 59 1.62 -5.34 10.13
CA VAL A 59 0.58 -4.70 9.37
C VAL A 59 0.44 -5.38 8.01
N TRP A 60 1.59 -5.74 7.44
CA TRP A 60 1.60 -6.42 6.16
C TRP A 60 1.32 -7.90 6.39
N ARG A 61 1.72 -8.38 7.56
CA ARG A 61 1.51 -9.77 7.91
C ARG A 61 0.17 -9.93 8.63
N THR A 62 -0.81 -9.16 8.17
CA THR A 62 -2.14 -9.23 8.75
C THR A 62 -3.16 -8.62 7.79
N TYR A 63 -2.81 -7.48 7.22
CA TYR A 63 -3.68 -6.79 6.29
C TYR A 63 -3.12 -6.86 4.87
N HIS A 64 -4.03 -7.04 3.92
CA HIS A 64 -3.64 -7.12 2.52
C HIS A 64 -4.25 -5.95 1.75
N LEU A 65 -3.71 -5.72 0.57
CA LEU A 65 -4.19 -4.63 -0.28
C LEU A 65 -5.23 -5.17 -1.25
N THR A 66 -6.43 -4.60 -1.18
CA THR A 66 -7.51 -5.01 -2.04
C THR A 66 -7.80 -3.94 -3.10
N SER A 67 -8.47 -4.36 -4.15
CA SER A 67 -8.81 -3.44 -5.24
C SER A 67 -10.26 -3.67 -5.67
N ALA A 68 -10.43 -4.60 -6.61
CA ALA A 68 -11.74 -4.92 -7.13
C ALA A 68 -12.31 -6.10 -6.34
N GLY A 69 -11.96 -7.29 -6.78
CA GLY A 69 -12.44 -8.50 -6.12
C GLY A 69 -11.30 -9.50 -5.92
N GLU A 70 -10.08 -8.96 -5.87
CA GLU A 70 -8.90 -9.79 -5.69
C GLU A 70 -8.07 -9.27 -4.51
N LYS A 71 -7.35 -10.19 -3.89
CA LYS A 71 -6.51 -9.84 -2.75
C LYS A 71 -5.05 -9.75 -3.21
N LEU A 72 -4.53 -8.54 -3.17
CA LEU A 72 -3.16 -8.29 -3.58
C LEU A 72 -2.21 -8.95 -2.57
N THR A 73 -1.93 -10.21 -2.80
CA THR A 73 -1.04 -10.96 -1.93
C THR A 73 0.27 -11.28 -2.65
N GLU A 74 0.15 -12.09 -3.69
CA GLU A 74 1.32 -12.47 -4.47
C GLU A 74 2.21 -11.26 -4.73
N ASP A 75 3.51 -11.47 -4.59
CA ASP A 75 4.48 -10.41 -4.81
C ASP A 75 5.08 -10.55 -6.20
N ARG A 76 5.48 -11.77 -6.52
CA ARG A 76 6.07 -12.05 -7.82
C ARG A 76 5.10 -11.65 -8.94
N LYS A 77 3.84 -11.54 -8.58
CA LYS A 77 2.80 -11.17 -9.53
C LYS A 77 2.75 -9.64 -9.64
N LYS A 78 2.74 -9.17 -10.88
CA LYS A 78 2.69 -7.74 -11.14
C LYS A 78 1.25 -7.25 -10.94
N LEU A 79 1.15 -5.97 -10.61
CA LEU A 79 -0.16 -5.35 -10.40
C LEU A 79 -0.96 -5.42 -11.70
N ARG A 80 -0.26 -5.24 -12.81
CA ARG A 80 -0.89 -5.27 -14.12
C ARG A 80 -1.53 -6.63 -14.36
N ASP A 81 -0.92 -7.66 -13.77
CA ASP A 81 -1.42 -9.00 -13.92
C ASP A 81 -2.67 -9.18 -13.06
N TYR A 82 -2.84 -8.26 -12.12
CA TYR A 82 -3.99 -8.30 -11.22
C TYR A 82 -5.14 -7.49 -11.80
N GLY A 83 -4.89 -6.86 -12.93
CA GLY A 83 -5.90 -6.04 -13.58
C GLY A 83 -5.79 -4.58 -13.16
N ILE A 84 -4.75 -4.30 -12.40
CA ILE A 84 -4.51 -2.95 -11.91
C ILE A 84 -3.74 -2.16 -12.98
N ARG A 85 -3.91 -0.84 -12.93
CA ARG A 85 -3.23 0.02 -13.88
C ARG A 85 -2.92 1.38 -13.23
N ASN A 86 -2.41 2.29 -14.04
CA ASN A 86 -2.07 3.62 -13.56
C ASN A 86 -3.35 4.36 -13.16
N ARG A 87 -3.23 5.16 -12.12
CA ARG A 87 -4.37 5.92 -11.63
C ARG A 87 -5.52 4.99 -11.28
N ASP A 88 -5.26 4.11 -10.32
CA ASP A 88 -6.27 3.16 -9.88
C ASP A 88 -6.62 3.45 -8.42
N GLU A 89 -7.64 2.75 -7.95
CA GLU A 89 -8.10 2.91 -6.58
C GLU A 89 -7.97 1.59 -5.81
N VAL A 90 -7.01 1.58 -4.90
CA VAL A 90 -6.76 0.39 -4.09
C VAL A 90 -7.15 0.67 -2.63
N SER A 91 -7.61 -0.36 -1.96
CA SER A 91 -8.02 -0.23 -0.57
C SER A 91 -7.35 -1.33 0.27
N PHE A 92 -7.39 -1.13 1.58
CA PHE A 92 -6.81 -2.09 2.50
C PHE A 92 -7.86 -3.06 3.04
N ILE A 93 -7.42 -4.27 3.33
CA ILE A 93 -8.32 -5.30 3.85
C ILE A 93 -7.58 -6.13 4.91
N LYS A 94 -8.37 -6.82 5.72
CA LYS A 94 -7.81 -7.65 6.76
C LYS A 94 -8.20 -9.11 6.51
N LYS A 95 -7.31 -10.01 6.95
CA LYS A 95 -7.56 -11.43 6.78
C LYS A 95 -8.80 -11.84 7.58
N LEU A 96 -9.11 -13.12 7.51
CA LEU A 96 -10.26 -13.65 8.23
C LEU A 96 -10.01 -13.55 9.74
N GLY A 97 -11.07 -13.74 10.49
CA GLY A 97 -10.99 -13.68 11.94
C GLY A 97 -11.90 -14.72 12.59
N GLN A 98 -11.67 -14.96 13.87
CA GLN A 98 -12.46 -15.92 14.61
C GLN A 98 -12.90 -15.33 15.95
N LYS A 99 -11.91 -14.98 16.77
CA LYS A 99 -12.18 -14.40 18.07
C LYS A 99 -10.88 -13.91 18.69
N SER A 100 -10.74 -12.59 18.74
CA SER A 100 -9.55 -11.98 19.30
C SER A 100 -9.94 -10.85 20.26
N GLY A 101 -8.95 -10.39 21.01
CA GLY A 101 -9.17 -9.32 21.97
C GLY A 101 -9.84 -8.12 21.31
N PRO A 102 -10.52 -7.30 22.15
CA PRO A 102 -11.21 -6.12 21.67
C PRO A 102 -10.22 -5.01 21.32
N SER A 103 -10.75 -3.92 20.80
CA SER A 103 -9.93 -2.78 20.43
C SER A 103 -8.86 -3.21 19.43
N SER A 104 -8.26 -2.22 18.78
CA SER A 104 -7.23 -2.49 17.79
C SER A 104 -6.62 -1.17 17.30
N GLY A 105 -5.58 -0.73 17.99
CA GLY A 105 -4.91 0.51 17.62
C GLY A 105 -3.47 0.25 17.21
N GLY A 1 3.69 12.88 -7.23
CA GLY A 1 3.42 14.29 -7.02
C GLY A 1 4.72 15.08 -6.89
N SER A 2 4.99 15.50 -5.66
CA SER A 2 6.19 16.27 -5.37
C SER A 2 7.39 15.66 -6.12
N SER A 3 7.79 16.35 -7.18
CA SER A 3 8.90 15.90 -7.99
C SER A 3 8.63 14.48 -8.52
N GLY A 4 8.28 14.42 -9.80
CA GLY A 4 7.98 13.15 -10.42
C GLY A 4 7.48 13.34 -11.85
N SER A 5 7.67 12.31 -12.66
CA SER A 5 7.24 12.35 -14.05
C SER A 5 6.63 11.01 -14.44
N SER A 6 7.44 9.97 -14.33
CA SER A 6 6.99 8.63 -14.69
C SER A 6 6.44 7.93 -13.44
N GLY A 7 5.64 6.89 -13.69
CA GLY A 7 5.05 6.14 -12.61
C GLY A 7 3.53 6.30 -12.60
N MET A 8 2.93 5.97 -11.46
CA MET A 8 1.50 6.07 -11.31
C MET A 8 1.13 6.46 -9.88
N THR A 9 -0.18 6.57 -9.64
CA THR A 9 -0.68 6.94 -8.33
C THR A 9 -1.66 5.88 -7.82
N VAL A 10 -1.14 4.99 -6.98
CA VAL A 10 -1.95 3.94 -6.42
C VAL A 10 -2.52 4.40 -5.06
N ARG A 11 -3.82 4.70 -5.08
CA ARG A 11 -4.49 5.15 -3.87
C ARG A 11 -4.79 3.97 -2.96
N VAL A 12 -4.22 4.03 -1.76
CA VAL A 12 -4.41 2.97 -0.78
C VAL A 12 -5.50 3.39 0.22
N CYS A 13 -6.72 2.96 -0.06
CA CYS A 13 -7.85 3.28 0.80
C CYS A 13 -7.78 2.40 2.04
N LYS A 14 -6.98 2.83 3.00
CA LYS A 14 -6.82 2.08 4.23
C LYS A 14 -8.19 1.54 4.68
N MET A 15 -8.13 0.47 5.46
CA MET A 15 -9.35 -0.16 5.95
C MET A 15 -10.22 0.86 6.68
N ASP A 16 -9.56 1.75 7.42
CA ASP A 16 -10.27 2.78 8.16
C ASP A 16 -11.12 3.61 7.20
N GLY A 17 -10.43 4.20 6.22
CA GLY A 17 -11.11 5.03 5.23
C GLY A 17 -10.11 5.92 4.49
N GLU A 18 -9.38 6.71 5.27
CA GLU A 18 -8.39 7.60 4.70
C GLU A 18 -7.53 6.87 3.67
N VAL A 19 -7.50 7.41 2.47
CA VAL A 19 -6.73 6.83 1.39
C VAL A 19 -5.41 7.58 1.24
N MET A 20 -4.39 6.85 0.82
CA MET A 20 -3.07 7.43 0.65
C MET A 20 -2.56 7.20 -0.78
N PRO A 21 -2.22 8.33 -1.46
CA PRO A 21 -1.72 8.24 -2.82
C PRO A 21 -0.27 7.76 -2.86
N VAL A 22 -0.11 6.53 -3.32
CA VAL A 22 1.22 5.94 -3.39
C VAL A 22 1.68 5.94 -4.85
N VAL A 23 2.99 6.02 -5.02
CA VAL A 23 3.58 6.04 -6.35
C VAL A 23 4.41 4.77 -6.55
N VAL A 24 4.41 4.28 -7.78
CA VAL A 24 5.15 3.08 -8.11
C VAL A 24 5.51 3.11 -9.60
N VAL A 25 6.39 2.18 -9.98
CA VAL A 25 6.82 2.09 -11.37
C VAL A 25 5.61 1.78 -12.26
N GLN A 26 5.77 2.10 -13.54
CA GLN A 26 4.70 1.85 -14.49
C GLN A 26 4.30 0.38 -14.49
N ASN A 27 5.18 -0.43 -13.92
CA ASN A 27 4.93 -1.87 -13.85
C ASN A 27 5.43 -2.40 -12.50
N ALA A 28 4.78 -1.94 -11.45
CA ALA A 28 5.14 -2.35 -10.10
C ALA A 28 4.39 -3.64 -9.74
N THR A 29 4.66 -4.12 -8.54
CA THR A 29 4.02 -5.34 -8.07
C THR A 29 3.43 -5.14 -6.67
N VAL A 30 2.87 -6.21 -6.14
CA VAL A 30 2.29 -6.16 -4.81
C VAL A 30 3.35 -5.72 -3.80
N LEU A 31 4.51 -6.32 -3.93
CA LEU A 31 5.62 -6.02 -3.04
C LEU A 31 5.92 -4.51 -3.10
N ASP A 32 6.26 -4.07 -4.31
CA ASP A 32 6.56 -2.67 -4.53
C ASP A 32 5.53 -1.81 -3.81
N LEU A 33 4.27 -2.03 -4.17
CA LEU A 33 3.18 -1.27 -3.57
C LEU A 33 3.44 -1.11 -2.07
N LYS A 34 3.56 -2.24 -1.39
CA LYS A 34 3.81 -2.24 0.04
C LYS A 34 4.99 -1.30 0.34
N LYS A 35 6.13 -1.63 -0.24
CA LYS A 35 7.33 -0.83 -0.05
C LYS A 35 6.98 0.66 -0.21
N ALA A 36 6.33 0.95 -1.32
CA ALA A 36 5.93 2.32 -1.61
C ALA A 36 5.21 2.91 -0.39
N ILE A 37 4.05 2.33 -0.10
CA ILE A 37 3.26 2.78 1.03
C ILE A 37 4.18 3.10 2.21
N GLN A 38 5.26 2.33 2.29
CA GLN A 38 6.23 2.51 3.36
C GLN A 38 7.13 3.70 3.06
N ARG A 39 7.73 3.67 1.88
CA ARG A 39 8.62 4.73 1.44
C ARG A 39 7.84 6.04 1.29
N TYR A 40 6.52 5.92 1.37
CA TYR A 40 5.67 7.08 1.23
C TYR A 40 5.60 7.89 2.53
N VAL A 41 5.50 7.16 3.63
CA VAL A 41 5.44 7.78 4.94
C VAL A 41 6.84 7.83 5.54
N GLN A 42 7.50 6.68 5.54
CA GLN A 42 8.84 6.59 6.08
C GLN A 42 9.68 7.79 5.64
N LEU A 43 10.00 7.81 4.36
CA LEU A 43 10.80 8.89 3.81
C LEU A 43 10.19 10.23 4.22
N LYS A 44 8.87 10.23 4.31
CA LYS A 44 8.15 11.44 4.68
C LYS A 44 8.63 11.91 6.06
N GLN A 45 8.35 11.09 7.06
CA GLN A 45 8.76 11.41 8.42
C GLN A 45 10.26 11.71 8.48
N GLU A 46 11.02 10.89 7.76
CA GLU A 46 12.46 11.05 7.72
C GLU A 46 12.82 12.48 7.35
N ARG A 47 12.29 12.93 6.22
CA ARG A 47 12.55 14.27 5.74
C ARG A 47 11.86 15.30 6.65
N GLU A 48 10.97 14.80 7.49
CA GLU A 48 10.24 15.65 8.41
C GLU A 48 10.68 15.36 9.85
N GLY A 49 11.82 14.71 9.97
CA GLY A 49 12.36 14.38 11.28
C GLY A 49 11.32 13.63 12.11
N GLY A 50 11.16 12.36 11.80
CA GLY A 50 10.21 11.51 12.52
C GLY A 50 10.68 10.05 12.55
N VAL A 51 11.30 9.70 13.66
CA VAL A 51 11.80 8.34 13.83
C VAL A 51 10.65 7.35 13.62
N GLN A 52 10.98 6.23 12.98
CA GLN A 52 10.00 5.21 12.71
C GLN A 52 9.19 4.88 13.98
N HIS A 53 7.93 4.54 13.79
CA HIS A 53 7.06 4.21 14.89
C HIS A 53 5.78 3.57 14.37
N ILE A 54 5.97 2.63 13.45
CA ILE A 54 4.84 1.92 12.87
C ILE A 54 5.20 0.46 12.67
N SER A 55 4.43 -0.41 13.32
CA SER A 55 4.66 -1.84 13.23
C SER A 55 4.16 -2.35 11.88
N TRP A 56 4.87 -1.95 10.83
CA TRP A 56 4.52 -2.37 9.48
C TRP A 56 4.43 -3.90 9.46
N SER A 57 5.29 -4.52 10.26
CA SER A 57 5.33 -5.96 10.34
C SER A 57 3.92 -6.50 10.59
N TYR A 58 3.32 -6.05 11.68
CA TYR A 58 1.98 -6.48 12.04
C TYR A 58 0.97 -6.09 10.95
N VAL A 59 0.99 -4.80 10.62
CA VAL A 59 0.08 -4.28 9.61
C VAL A 59 0.13 -5.19 8.38
N TRP A 60 1.32 -5.32 7.83
CA TRP A 60 1.52 -6.16 6.66
C TRP A 60 1.17 -7.60 7.03
N ARG A 61 1.56 -7.96 8.24
CA ARG A 61 1.29 -9.30 8.74
C ARG A 61 -0.08 -9.36 9.43
N THR A 62 -1.04 -8.71 8.80
CA THR A 62 -2.38 -8.68 9.33
C THR A 62 -3.39 -8.34 8.23
N TYR A 63 -3.04 -7.35 7.44
CA TYR A 63 -3.89 -6.92 6.34
C TYR A 63 -3.17 -7.01 5.00
N HIS A 64 -3.95 -7.03 3.93
CA HIS A 64 -3.38 -7.12 2.59
C HIS A 64 -4.00 -6.04 1.70
N LEU A 65 -3.52 -5.98 0.48
CA LEU A 65 -4.02 -5.00 -0.48
C LEU A 65 -4.92 -5.70 -1.49
N THR A 66 -6.09 -5.10 -1.70
CA THR A 66 -7.06 -5.64 -2.64
C THR A 66 -7.13 -4.78 -3.89
N SER A 67 -7.91 -5.26 -4.86
CA SER A 67 -8.07 -4.53 -6.11
C SER A 67 -9.03 -5.31 -7.03
N ALA A 68 -9.98 -4.56 -7.59
CA ALA A 68 -10.96 -5.16 -8.48
C ALA A 68 -11.90 -6.06 -7.68
N GLY A 69 -11.32 -7.12 -7.12
CA GLY A 69 -12.09 -8.06 -6.33
C GLY A 69 -11.26 -9.29 -5.99
N GLU A 70 -9.99 -9.06 -5.69
CA GLU A 70 -9.08 -10.13 -5.35
C GLU A 70 -8.06 -9.66 -4.31
N LYS A 71 -7.48 -10.64 -3.63
CA LYS A 71 -6.49 -10.34 -2.61
C LYS A 71 -5.09 -10.30 -3.25
N LEU A 72 -4.46 -9.13 -3.15
CA LEU A 72 -3.13 -8.95 -3.71
C LEU A 72 -2.10 -9.52 -2.74
N THR A 73 -1.96 -10.84 -2.77
CA THR A 73 -1.01 -11.51 -1.90
C THR A 73 0.21 -11.98 -2.71
N GLU A 74 0.02 -12.07 -4.02
CA GLU A 74 1.08 -12.50 -4.91
C GLU A 74 2.09 -11.36 -5.11
N ASP A 75 3.30 -11.59 -4.64
CA ASP A 75 4.35 -10.59 -4.77
C ASP A 75 4.96 -10.68 -6.17
N ARG A 76 5.00 -11.89 -6.69
CA ARG A 76 5.55 -12.12 -8.01
C ARG A 76 4.56 -11.66 -9.09
N LYS A 77 3.31 -11.52 -8.67
CA LYS A 77 2.27 -11.08 -9.58
C LYS A 77 2.25 -9.55 -9.65
N LYS A 78 2.42 -9.04 -10.87
CA LYS A 78 2.44 -7.61 -11.08
C LYS A 78 1.04 -7.05 -10.82
N LEU A 79 1.00 -5.74 -10.57
CA LEU A 79 -0.26 -5.07 -10.30
C LEU A 79 -1.14 -5.11 -11.56
N ARG A 80 -0.49 -4.88 -12.69
CA ARG A 80 -1.18 -4.88 -13.97
C ARG A 80 -1.86 -6.24 -14.20
N ASP A 81 -1.33 -7.25 -13.53
CA ASP A 81 -1.86 -8.59 -13.66
C ASP A 81 -3.21 -8.67 -12.92
N TYR A 82 -3.43 -7.68 -12.06
CA TYR A 82 -4.66 -7.63 -11.29
C TYR A 82 -5.63 -6.59 -11.87
N GLY A 83 -5.30 -6.13 -13.07
CA GLY A 83 -6.12 -5.14 -13.74
C GLY A 83 -5.88 -3.75 -13.16
N ILE A 84 -4.69 -3.58 -12.58
CA ILE A 84 -4.33 -2.31 -11.98
C ILE A 84 -3.50 -1.50 -12.99
N ARG A 85 -3.94 -0.26 -13.21
CA ARG A 85 -3.26 0.62 -14.15
C ARG A 85 -2.90 1.94 -13.46
N ASN A 86 -2.35 2.85 -14.26
CA ASN A 86 -1.96 4.16 -13.75
C ASN A 86 -3.20 4.89 -13.24
N ARG A 87 -3.05 5.49 -12.07
CA ARG A 87 -4.14 6.24 -11.47
C ARG A 87 -5.32 5.30 -11.16
N ASP A 88 -5.10 4.45 -10.18
CA ASP A 88 -6.13 3.50 -9.77
C ASP A 88 -6.40 3.66 -8.28
N GLU A 89 -7.52 3.07 -7.85
CA GLU A 89 -7.92 3.15 -6.46
C GLU A 89 -7.83 1.77 -5.81
N VAL A 90 -6.90 1.65 -4.87
CA VAL A 90 -6.71 0.38 -4.17
C VAL A 90 -7.14 0.55 -2.70
N SER A 91 -7.56 -0.56 -2.12
CA SER A 91 -8.00 -0.55 -0.74
C SER A 91 -7.28 -1.64 0.05
N PHE A 92 -7.40 -1.56 1.36
CA PHE A 92 -6.77 -2.55 2.24
C PHE A 92 -7.79 -3.55 2.77
N ILE A 93 -7.44 -4.82 2.64
CA ILE A 93 -8.31 -5.89 3.10
C ILE A 93 -7.69 -6.56 4.32
N LYS A 94 -8.49 -7.40 4.96
CA LYS A 94 -8.03 -8.10 6.15
C LYS A 94 -8.00 -9.61 5.85
N LYS A 95 -7.08 -10.29 6.51
CA LYS A 95 -6.92 -11.72 6.34
C LYS A 95 -8.22 -12.42 6.75
N LEU A 96 -8.26 -13.72 6.48
CA LEU A 96 -9.44 -14.50 6.82
C LEU A 96 -9.41 -14.85 8.31
N GLY A 97 -9.93 -13.94 9.10
CA GLY A 97 -9.97 -14.13 10.55
C GLY A 97 -8.55 -14.21 11.13
N GLN A 98 -8.05 -13.05 11.52
CA GLN A 98 -6.71 -12.97 12.10
C GLN A 98 -6.52 -11.64 12.83
N LYS A 99 -6.24 -11.74 14.11
CA LYS A 99 -6.04 -10.56 14.93
C LYS A 99 -5.38 -10.97 16.25
N SER A 100 -4.29 -10.28 16.57
CA SER A 100 -3.57 -10.56 17.80
C SER A 100 -2.35 -9.64 17.90
N GLY A 101 -2.32 -8.86 18.97
CA GLY A 101 -1.22 -7.94 19.20
C GLY A 101 -1.75 -6.53 19.50
N PRO A 102 -1.06 -5.85 20.46
CA PRO A 102 -1.44 -4.50 20.85
C PRO A 102 -1.03 -3.49 19.78
N SER A 103 -1.32 -2.23 20.07
CA SER A 103 -0.99 -1.15 19.14
C SER A 103 -0.63 0.12 19.92
N SER A 104 0.50 0.70 19.56
CA SER A 104 0.97 1.91 20.21
C SER A 104 1.25 1.63 21.69
N GLY A 105 2.40 2.12 22.13
CA GLY A 105 2.81 1.93 23.51
C GLY A 105 4.20 2.53 23.77
N GLY A 1 16.97 16.94 -5.22
CA GLY A 1 17.00 15.84 -6.17
C GLY A 1 15.97 16.04 -7.28
N SER A 2 16.47 16.35 -8.46
CA SER A 2 15.61 16.57 -9.61
C SER A 2 15.23 15.23 -10.25
N SER A 3 14.09 15.23 -10.91
CA SER A 3 13.61 14.03 -11.57
C SER A 3 12.44 14.37 -12.50
N GLY A 4 12.34 13.60 -13.58
CA GLY A 4 11.28 13.81 -14.55
C GLY A 4 9.92 13.38 -14.00
N SER A 5 9.23 12.57 -14.79
CA SER A 5 7.92 12.08 -14.38
C SER A 5 7.51 10.90 -15.28
N SER A 6 7.35 9.75 -14.64
CA SER A 6 6.96 8.55 -15.36
C SER A 6 6.63 7.43 -14.37
N GLY A 7 5.34 7.24 -14.14
CA GLY A 7 4.88 6.21 -13.22
C GLY A 7 3.36 6.20 -13.13
N MET A 8 2.87 5.92 -11.93
CA MET A 8 1.44 5.87 -11.69
C MET A 8 1.11 6.28 -10.25
N THR A 9 -0.18 6.43 -10.00
CA THR A 9 -0.65 6.82 -8.68
C THR A 9 -1.65 5.80 -8.15
N VAL A 10 -1.17 4.97 -7.22
CA VAL A 10 -2.02 3.94 -6.63
C VAL A 10 -2.53 4.44 -5.27
N ARG A 11 -3.76 4.94 -5.29
CA ARG A 11 -4.38 5.45 -4.08
C ARG A 11 -4.74 4.30 -3.15
N VAL A 12 -4.04 4.25 -2.02
CA VAL A 12 -4.27 3.20 -1.05
C VAL A 12 -5.32 3.68 -0.04
N CYS A 13 -6.47 3.02 -0.06
CA CYS A 13 -7.55 3.37 0.84
C CYS A 13 -7.38 2.56 2.13
N LYS A 14 -6.63 3.13 3.06
CA LYS A 14 -6.39 2.48 4.33
C LYS A 14 -7.68 1.82 4.82
N MET A 15 -7.52 0.75 5.58
CA MET A 15 -8.67 0.03 6.12
C MET A 15 -9.69 1.00 6.72
N ASP A 16 -9.19 1.86 7.60
CA ASP A 16 -10.05 2.83 8.25
C ASP A 16 -9.28 4.14 8.41
N GLY A 17 -8.72 4.60 7.31
CA GLY A 17 -7.96 5.84 7.31
C GLY A 17 -8.17 6.61 6.00
N GLU A 18 -7.49 7.75 5.91
CA GLU A 18 -7.59 8.59 4.72
C GLU A 18 -6.72 8.02 3.60
N VAL A 19 -7.39 7.64 2.51
CA VAL A 19 -6.69 7.09 1.37
C VAL A 19 -5.38 7.86 1.15
N MET A 20 -4.38 7.14 0.66
CA MET A 20 -3.09 7.75 0.40
C MET A 20 -2.61 7.43 -1.02
N PRO A 21 -2.28 8.51 -1.77
CA PRO A 21 -1.81 8.36 -3.13
C PRO A 21 -0.37 7.87 -3.16
N VAL A 22 -0.21 6.61 -3.59
CA VAL A 22 1.10 6.01 -3.67
C VAL A 22 1.57 6.01 -5.12
N VAL A 23 2.88 6.05 -5.30
CA VAL A 23 3.48 6.06 -6.62
C VAL A 23 4.36 4.82 -6.79
N VAL A 24 4.39 4.32 -8.02
CA VAL A 24 5.20 3.15 -8.32
C VAL A 24 5.57 3.16 -9.81
N VAL A 25 6.30 2.13 -10.21
CA VAL A 25 6.73 2.02 -11.59
C VAL A 25 5.56 1.57 -12.45
N GLN A 26 5.65 1.89 -13.74
CA GLN A 26 4.60 1.53 -14.67
C GLN A 26 4.32 0.02 -14.61
N ASN A 27 5.29 -0.70 -14.07
CA ASN A 27 5.17 -2.14 -13.94
C ASN A 27 5.56 -2.55 -12.52
N ALA A 28 4.80 -2.05 -11.55
CA ALA A 28 5.04 -2.36 -10.16
C ALA A 28 4.29 -3.63 -9.78
N THR A 29 4.60 -4.14 -8.59
CA THR A 29 3.97 -5.35 -8.11
C THR A 29 3.45 -5.14 -6.67
N VAL A 30 2.68 -6.11 -6.21
CA VAL A 30 2.13 -6.05 -4.87
C VAL A 30 3.22 -5.61 -3.89
N LEU A 31 4.40 -6.17 -4.08
CA LEU A 31 5.52 -5.85 -3.23
C LEU A 31 5.80 -4.35 -3.30
N ASP A 32 6.18 -3.90 -4.49
CA ASP A 32 6.48 -2.50 -4.70
C ASP A 32 5.43 -1.65 -3.97
N LEU A 33 4.17 -1.92 -4.28
CA LEU A 33 3.08 -1.19 -3.67
C LEU A 33 3.39 -0.96 -2.19
N LYS A 34 3.50 -2.07 -1.46
CA LYS A 34 3.79 -2.01 -0.05
C LYS A 34 5.02 -1.13 0.18
N LYS A 35 6.11 -1.52 -0.48
CA LYS A 35 7.35 -0.77 -0.36
C LYS A 35 7.07 0.73 -0.50
N ALA A 36 6.26 1.05 -1.50
CA ALA A 36 5.91 2.43 -1.76
C ALA A 36 5.23 3.02 -0.51
N ILE A 37 4.03 2.53 -0.25
CA ILE A 37 3.27 2.98 0.90
C ILE A 37 4.21 3.16 2.10
N GLN A 38 5.22 2.30 2.13
CA GLN A 38 6.19 2.34 3.21
C GLN A 38 7.15 3.52 3.02
N ARG A 39 7.80 3.54 1.87
CA ARG A 39 8.74 4.60 1.56
C ARG A 39 8.00 5.93 1.42
N TYR A 40 6.67 5.85 1.44
CA TYR A 40 5.85 7.05 1.32
C TYR A 40 5.68 7.73 2.67
N VAL A 41 5.49 6.91 3.69
CA VAL A 41 5.31 7.42 5.04
C VAL A 41 6.67 7.43 5.76
N GLN A 42 7.39 6.34 5.61
CA GLN A 42 8.69 6.22 6.24
C GLN A 42 9.56 7.43 5.93
N LEU A 43 9.97 7.52 4.66
CA LEU A 43 10.81 8.62 4.22
C LEU A 43 10.13 9.94 4.61
N LYS A 44 8.93 10.13 4.09
CA LYS A 44 8.17 11.35 4.38
C LYS A 44 8.36 11.71 5.85
N GLN A 45 7.98 10.79 6.72
CA GLN A 45 8.10 11.01 8.15
C GLN A 45 9.55 11.32 8.52
N GLU A 46 10.45 10.49 8.00
CA GLU A 46 11.87 10.67 8.26
C GLU A 46 12.25 12.15 8.13
N ARG A 47 11.88 12.73 7.00
CA ARG A 47 12.17 14.12 6.74
C ARG A 47 11.34 15.02 7.65
N GLU A 48 10.22 14.48 8.10
CA GLU A 48 9.33 15.22 8.98
C GLU A 48 9.50 14.76 10.42
N GLY A 49 10.65 14.15 10.69
CA GLY A 49 10.96 13.66 12.02
C GLY A 49 9.72 13.02 12.66
N GLY A 50 9.53 11.74 12.36
CA GLY A 50 8.40 11.00 12.89
C GLY A 50 8.87 9.85 13.78
N VAL A 51 7.97 8.89 13.98
CA VAL A 51 8.28 7.74 14.80
C VAL A 51 8.99 6.68 13.95
N GLN A 52 10.10 6.20 14.47
CA GLN A 52 10.88 5.19 13.78
C GLN A 52 10.00 3.98 13.43
N HIS A 53 9.64 3.89 12.16
CA HIS A 53 8.80 2.80 11.69
C HIS A 53 7.48 2.80 12.47
N ILE A 54 6.49 2.15 11.87
CA ILE A 54 5.17 2.06 12.50
C ILE A 54 4.70 0.61 12.47
N SER A 55 5.52 -0.27 13.03
CA SER A 55 5.19 -1.68 13.07
C SER A 55 4.55 -2.11 11.75
N TRP A 56 5.28 -1.90 10.67
CA TRP A 56 4.80 -2.26 9.34
C TRP A 56 4.67 -3.78 9.28
N SER A 57 5.65 -4.45 9.88
CA SER A 57 5.67 -5.91 9.89
C SER A 57 4.28 -6.43 10.22
N TYR A 58 3.81 -6.06 11.40
CA TYR A 58 2.49 -6.49 11.86
C TYR A 58 1.39 -6.00 10.91
N VAL A 59 1.43 -4.71 10.64
CA VAL A 59 0.45 -4.10 9.76
C VAL A 59 0.28 -4.97 8.52
N TRP A 60 1.41 -5.29 7.90
CA TRP A 60 1.39 -6.11 6.70
C TRP A 60 1.02 -7.53 7.11
N ARG A 61 1.39 -7.88 8.33
CA ARG A 61 1.10 -9.20 8.85
C ARG A 61 -0.25 -9.20 9.58
N THR A 62 -1.20 -8.47 9.01
CA THR A 62 -2.52 -8.37 9.58
C THR A 62 -3.55 -8.04 8.51
N TYR A 63 -3.19 -7.08 7.66
CA TYR A 63 -4.07 -6.65 6.59
C TYR A 63 -3.39 -6.83 5.23
N HIS A 64 -4.22 -7.07 4.22
CA HIS A 64 -3.71 -7.26 2.87
C HIS A 64 -4.30 -6.19 1.95
N LEU A 65 -3.69 -6.06 0.78
CA LEU A 65 -4.13 -5.09 -0.19
C LEU A 65 -5.11 -5.75 -1.16
N THR A 66 -6.17 -5.02 -1.48
CA THR A 66 -7.19 -5.52 -2.39
C THR A 66 -7.48 -4.49 -3.48
N SER A 67 -8.36 -4.87 -4.39
CA SER A 67 -8.74 -4.00 -5.48
C SER A 67 -9.68 -4.72 -6.45
N ALA A 68 -10.71 -4.01 -6.87
CA ALA A 68 -11.69 -4.59 -7.79
C ALA A 68 -12.50 -5.66 -7.06
N GLY A 69 -11.81 -6.70 -6.66
CA GLY A 69 -12.46 -7.80 -5.95
C GLY A 69 -11.54 -9.01 -5.86
N GLU A 70 -10.27 -8.75 -5.60
CA GLU A 70 -9.28 -9.81 -5.49
C GLU A 70 -8.22 -9.43 -4.46
N LYS A 71 -7.81 -10.42 -3.69
CA LYS A 71 -6.79 -10.20 -2.66
C LYS A 71 -5.41 -10.17 -3.31
N LEU A 72 -4.75 -9.04 -3.18
CA LEU A 72 -3.42 -8.87 -3.74
C LEU A 72 -2.38 -9.32 -2.73
N THR A 73 -2.13 -10.62 -2.72
CA THR A 73 -1.15 -11.18 -1.79
C THR A 73 0.14 -11.55 -2.54
N GLU A 74 -0.05 -12.04 -3.76
CA GLU A 74 1.09 -12.43 -4.58
C GLU A 74 2.03 -11.24 -4.78
N ASP A 75 3.31 -11.49 -4.54
CA ASP A 75 4.31 -10.45 -4.70
C ASP A 75 4.96 -10.57 -6.08
N ARG A 76 5.17 -11.81 -6.48
CA ARG A 76 5.79 -12.09 -7.78
C ARG A 76 4.86 -11.63 -8.91
N LYS A 77 3.60 -11.45 -8.55
CA LYS A 77 2.60 -11.02 -9.52
C LYS A 77 2.61 -9.50 -9.63
N LYS A 78 2.45 -9.01 -10.85
CA LYS A 78 2.44 -7.59 -11.09
C LYS A 78 1.01 -7.05 -10.93
N LEU A 79 0.93 -5.78 -10.55
CA LEU A 79 -0.36 -5.15 -10.36
C LEU A 79 -1.10 -5.08 -11.69
N ARG A 80 -0.34 -4.79 -12.74
CA ARG A 80 -0.90 -4.69 -14.07
C ARG A 80 -1.52 -6.03 -14.49
N ASP A 81 -1.12 -7.07 -13.77
CA ASP A 81 -1.62 -8.41 -14.06
C ASP A 81 -2.89 -8.65 -13.23
N TYR A 82 -3.14 -7.74 -12.30
CA TYR A 82 -4.31 -7.86 -11.44
C TYR A 82 -5.42 -6.92 -11.90
N GLY A 83 -5.12 -6.16 -12.96
CA GLY A 83 -6.08 -5.23 -13.51
C GLY A 83 -5.78 -3.81 -13.05
N ILE A 84 -4.87 -3.70 -12.10
CA ILE A 84 -4.48 -2.40 -11.57
C ILE A 84 -3.50 -1.73 -12.53
N ARG A 85 -3.94 -0.61 -13.08
CA ARG A 85 -3.11 0.14 -14.01
C ARG A 85 -2.81 1.53 -13.46
N ASN A 86 -2.14 2.33 -14.28
CA ASN A 86 -1.79 3.68 -13.89
C ASN A 86 -3.05 4.43 -13.45
N ARG A 87 -2.91 5.17 -12.37
CA ARG A 87 -4.03 5.94 -11.84
C ARG A 87 -5.16 4.99 -11.42
N ASP A 88 -4.85 4.12 -10.47
CA ASP A 88 -5.82 3.17 -9.99
C ASP A 88 -6.07 3.42 -8.49
N GLU A 89 -6.89 2.57 -7.91
CA GLU A 89 -7.22 2.68 -6.50
C GLU A 89 -7.16 1.30 -5.83
N VAL A 90 -6.64 1.30 -4.61
CA VAL A 90 -6.52 0.06 -3.85
C VAL A 90 -6.99 0.30 -2.42
N SER A 91 -7.49 -0.77 -1.81
CA SER A 91 -7.97 -0.69 -0.44
C SER A 91 -7.26 -1.72 0.44
N PHE A 92 -7.45 -1.58 1.74
CA PHE A 92 -6.83 -2.49 2.69
C PHE A 92 -7.85 -3.46 3.26
N ILE A 93 -7.46 -4.73 3.31
CA ILE A 93 -8.33 -5.77 3.83
C ILE A 93 -7.68 -6.42 5.06
N LYS A 94 -8.47 -7.19 5.77
CA LYS A 94 -7.99 -7.87 6.96
C LYS A 94 -8.01 -9.38 6.72
N LYS A 95 -7.09 -10.06 7.38
CA LYS A 95 -6.99 -11.51 7.25
C LYS A 95 -8.32 -12.14 7.64
N LEU A 96 -8.46 -13.41 7.29
CA LEU A 96 -9.67 -14.15 7.60
C LEU A 96 -9.76 -14.36 9.10
N GLY A 97 -10.88 -13.91 9.67
CA GLY A 97 -11.10 -14.05 11.10
C GLY A 97 -11.32 -15.51 11.48
N GLN A 98 -11.18 -15.78 12.77
CA GLN A 98 -11.36 -17.13 13.27
C GLN A 98 -11.64 -17.10 14.78
N LYS A 99 -12.07 -18.25 15.29
CA LYS A 99 -12.37 -18.37 16.71
C LYS A 99 -11.07 -18.39 17.51
N SER A 100 -11.12 -17.81 18.69
CA SER A 100 -9.96 -17.76 19.56
C SER A 100 -8.77 -17.13 18.81
N GLY A 101 -8.62 -15.83 19.00
CA GLY A 101 -7.54 -15.10 18.35
C GLY A 101 -7.26 -13.78 19.07
N PRO A 102 -6.75 -13.91 20.33
CA PRO A 102 -6.42 -12.74 21.12
C PRO A 102 -5.14 -12.08 20.64
N SER A 103 -5.12 -10.75 20.74
CA SER A 103 -3.97 -9.98 20.30
C SER A 103 -3.82 -8.74 21.17
N SER A 104 -2.56 -8.33 21.36
CA SER A 104 -2.26 -7.16 22.17
C SER A 104 -0.97 -6.51 21.68
N GLY A 105 -0.82 -5.24 22.04
CA GLY A 105 0.37 -4.49 21.64
C GLY A 105 1.19 -4.09 22.87
N GLY A 1 6.48 15.38 -5.49
CA GLY A 1 5.78 16.40 -6.25
C GLY A 1 6.78 17.33 -6.95
N SER A 2 7.57 16.74 -7.84
CA SER A 2 8.56 17.52 -8.57
C SER A 2 8.40 17.27 -10.07
N SER A 3 9.11 18.06 -10.86
CA SER A 3 9.06 17.95 -12.30
C SER A 3 9.34 16.50 -12.72
N GLY A 4 8.46 15.99 -13.56
CA GLY A 4 8.61 14.62 -14.04
C GLY A 4 7.23 13.96 -14.25
N SER A 5 7.16 13.12 -15.25
CA SER A 5 5.92 12.42 -15.56
C SER A 5 6.21 10.99 -16.00
N SER A 6 6.40 10.13 -15.00
CA SER A 6 6.69 8.73 -15.27
C SER A 6 6.29 7.88 -14.07
N GLY A 7 5.23 7.09 -14.27
CA GLY A 7 4.73 6.23 -13.22
C GLY A 7 3.20 6.33 -13.11
N MET A 8 2.70 5.91 -11.96
CA MET A 8 1.27 5.94 -11.72
C MET A 8 0.97 6.39 -10.27
N THR A 9 -0.31 6.58 -10.01
CA THR A 9 -0.75 7.00 -8.69
C THR A 9 -1.76 6.01 -8.11
N VAL A 10 -1.30 5.22 -7.16
CA VAL A 10 -2.15 4.23 -6.53
C VAL A 10 -2.60 4.75 -5.16
N ARG A 11 -3.91 4.77 -4.98
CA ARG A 11 -4.49 5.25 -3.73
C ARG A 11 -4.80 4.07 -2.81
N VAL A 12 -4.51 4.27 -1.53
CA VAL A 12 -4.75 3.24 -0.54
C VAL A 12 -6.04 3.56 0.22
N CYS A 13 -6.96 2.61 0.19
CA CYS A 13 -8.24 2.78 0.87
C CYS A 13 -8.09 2.25 2.30
N LYS A 14 -7.56 3.11 3.16
CA LYS A 14 -7.36 2.75 4.55
C LYS A 14 -8.60 2.01 5.07
N MET A 15 -9.61 2.79 5.42
CA MET A 15 -10.85 2.23 5.92
C MET A 15 -12.06 2.98 5.38
N ASP A 16 -11.96 3.37 4.12
CA ASP A 16 -13.03 4.10 3.46
C ASP A 16 -13.14 5.49 4.08
N GLY A 17 -12.00 6.04 4.46
CA GLY A 17 -11.96 7.36 5.07
C GLY A 17 -10.78 8.16 4.55
N GLU A 18 -9.58 7.69 4.86
CA GLU A 18 -8.37 8.36 4.44
C GLU A 18 -7.74 7.61 3.26
N VAL A 19 -7.18 8.39 2.33
CA VAL A 19 -6.54 7.81 1.16
C VAL A 19 -5.15 8.42 0.99
N MET A 20 -4.23 7.59 0.55
CA MET A 20 -2.86 8.03 0.35
C MET A 20 -2.39 7.73 -1.08
N PRO A 21 -1.97 8.82 -1.78
CA PRO A 21 -1.51 8.68 -3.16
C PRO A 21 -0.11 8.08 -3.20
N VAL A 22 -0.05 6.83 -3.67
CA VAL A 22 1.20 6.12 -3.77
C VAL A 22 1.66 6.11 -5.23
N VAL A 23 2.98 6.08 -5.40
CA VAL A 23 3.55 6.06 -6.74
C VAL A 23 4.39 4.79 -6.92
N VAL A 24 4.35 4.27 -8.13
CA VAL A 24 5.09 3.06 -8.44
C VAL A 24 5.43 3.04 -9.94
N VAL A 25 6.38 2.19 -10.29
CA VAL A 25 6.82 2.08 -11.67
C VAL A 25 5.62 1.68 -12.54
N GLN A 26 5.69 2.05 -13.80
CA GLN A 26 4.63 1.75 -14.74
C GLN A 26 4.31 0.26 -14.72
N ASN A 27 5.27 -0.51 -14.22
CA ASN A 27 5.11 -1.95 -14.14
C ASN A 27 5.62 -2.44 -12.78
N ALA A 28 4.90 -2.04 -11.73
CA ALA A 28 5.27 -2.42 -10.39
C ALA A 28 4.55 -3.71 -10.01
N THR A 29 4.82 -4.18 -8.81
CA THR A 29 4.20 -5.40 -8.32
C THR A 29 3.54 -5.17 -6.96
N VAL A 30 3.03 -6.25 -6.40
CA VAL A 30 2.37 -6.18 -5.11
C VAL A 30 3.37 -5.69 -4.05
N LEU A 31 4.60 -6.17 -4.19
CA LEU A 31 5.66 -5.80 -3.26
C LEU A 31 5.89 -4.29 -3.34
N ASP A 32 6.26 -3.83 -4.52
CA ASP A 32 6.51 -2.42 -4.73
C ASP A 32 5.45 -1.60 -4.00
N LEU A 33 4.19 -1.90 -4.33
CA LEU A 33 3.08 -1.20 -3.73
C LEU A 33 3.37 -0.99 -2.24
N LYS A 34 3.34 -2.08 -1.49
CA LYS A 34 3.60 -2.02 -0.07
C LYS A 34 4.80 -1.12 0.19
N LYS A 35 5.94 -1.52 -0.36
CA LYS A 35 7.16 -0.76 -0.20
C LYS A 35 6.86 0.73 -0.36
N ALA A 36 6.32 1.07 -1.51
CA ALA A 36 5.98 2.45 -1.80
C ALA A 36 5.23 3.06 -0.61
N ILE A 37 4.03 2.53 -0.39
CA ILE A 37 3.20 3.01 0.71
C ILE A 37 4.09 3.25 1.94
N GLN A 38 5.11 2.42 2.06
CA GLN A 38 6.04 2.54 3.18
C GLN A 38 7.03 3.69 2.93
N ARG A 39 7.71 3.60 1.79
CA ARG A 39 8.69 4.61 1.43
C ARG A 39 8.01 5.97 1.27
N TYR A 40 6.69 5.93 1.24
CA TYR A 40 5.91 7.16 1.10
C TYR A 40 5.75 7.86 2.44
N VAL A 41 5.49 7.08 3.47
CA VAL A 41 5.31 7.62 4.81
C VAL A 41 6.65 7.60 5.54
N GLN A 42 7.35 6.48 5.42
CA GLN A 42 8.64 6.32 6.06
C GLN A 42 9.54 7.50 5.72
N LEU A 43 9.95 7.56 4.46
CA LEU A 43 10.81 8.64 4.00
C LEU A 43 10.27 9.98 4.50
N LYS A 44 8.94 10.09 4.47
CA LYS A 44 8.29 11.31 4.92
C LYS A 44 8.77 11.65 6.33
N GLN A 45 8.33 10.85 7.28
CA GLN A 45 8.70 11.06 8.67
C GLN A 45 10.23 11.09 8.80
N GLU A 46 10.88 10.20 8.08
CA GLU A 46 12.33 10.12 8.11
C GLU A 46 12.94 11.53 7.96
N ARG A 47 12.45 12.24 6.96
CA ARG A 47 12.94 13.59 6.69
C ARG A 47 12.46 14.54 7.78
N GLU A 48 11.37 14.17 8.42
CA GLU A 48 10.81 14.98 9.49
C GLU A 48 11.32 14.49 10.84
N GLY A 49 12.36 13.68 10.80
CA GLY A 49 12.95 13.15 12.02
C GLY A 49 12.15 11.95 12.53
N GLY A 50 11.94 10.99 11.65
CA GLY A 50 11.19 9.79 12.00
C GLY A 50 9.96 10.15 12.85
N VAL A 51 9.48 9.15 13.56
CA VAL A 51 8.31 9.33 14.41
C VAL A 51 8.48 8.52 15.69
N GLN A 52 7.44 8.54 16.52
CA GLN A 52 7.47 7.80 17.77
C GLN A 52 7.83 6.33 17.52
N HIS A 53 6.92 5.63 16.89
CA HIS A 53 7.13 4.22 16.59
C HIS A 53 6.08 3.74 15.59
N ILE A 54 6.49 2.83 14.73
CA ILE A 54 5.59 2.29 13.72
C ILE A 54 5.85 0.78 13.59
N SER A 55 4.76 0.02 13.65
CA SER A 55 4.85 -1.42 13.54
C SER A 55 4.30 -1.88 12.18
N TRP A 56 5.08 -1.61 11.15
CA TRP A 56 4.69 -1.97 9.79
C TRP A 56 4.48 -3.49 9.75
N SER A 57 5.44 -4.19 10.34
CA SER A 57 5.38 -5.64 10.38
C SER A 57 3.95 -6.10 10.68
N TYR A 58 3.44 -5.61 11.80
CA TYR A 58 2.08 -5.96 12.22
C TYR A 58 1.06 -5.54 11.15
N VAL A 59 1.09 -4.27 10.80
CA VAL A 59 0.18 -3.74 9.81
C VAL A 59 0.12 -4.70 8.62
N TRP A 60 1.27 -4.86 7.97
CA TRP A 60 1.35 -5.75 6.82
C TRP A 60 0.99 -7.16 7.28
N ARG A 61 1.39 -7.48 8.49
CA ARG A 61 1.10 -8.79 9.06
C ARG A 61 -0.25 -8.78 9.76
N THR A 62 -1.22 -8.17 9.09
CA THR A 62 -2.56 -8.08 9.63
C THR A 62 -3.57 -7.76 8.53
N TYR A 63 -3.18 -6.81 7.68
CA TYR A 63 -4.04 -6.41 6.58
C TYR A 63 -3.34 -6.62 5.23
N HIS A 64 -4.13 -7.06 4.26
CA HIS A 64 -3.60 -7.31 2.94
C HIS A 64 -4.19 -6.30 1.95
N LEU A 65 -3.69 -6.36 0.72
CA LEU A 65 -4.16 -5.46 -0.32
C LEU A 65 -4.99 -6.25 -1.33
N THR A 66 -6.24 -5.82 -1.48
CA THR A 66 -7.16 -6.48 -2.40
C THR A 66 -7.50 -5.54 -3.56
N SER A 67 -8.29 -6.06 -4.48
CA SER A 67 -8.70 -5.28 -5.64
C SER A 67 -9.44 -6.18 -6.65
N ALA A 68 -10.39 -5.58 -7.34
CA ALA A 68 -11.17 -6.31 -8.32
C ALA A 68 -11.64 -7.63 -7.72
N GLY A 69 -11.84 -7.62 -6.41
CA GLY A 69 -12.28 -8.80 -5.69
C GLY A 69 -11.21 -9.89 -5.74
N GLU A 70 -9.97 -9.45 -5.68
CA GLU A 70 -8.84 -10.38 -5.71
C GLU A 70 -7.78 -9.97 -4.68
N LYS A 71 -7.25 -10.96 -3.99
CA LYS A 71 -6.24 -10.72 -2.98
C LYS A 71 -4.90 -10.45 -3.67
N LEU A 72 -4.29 -9.34 -3.30
CA LEU A 72 -3.02 -8.95 -3.87
C LEU A 72 -1.89 -9.45 -2.96
N THR A 73 -1.70 -10.76 -2.96
CA THR A 73 -0.67 -11.37 -2.14
C THR A 73 0.57 -11.66 -2.99
N GLU A 74 0.34 -12.22 -4.16
CA GLU A 74 1.42 -12.55 -5.06
C GLU A 74 2.34 -11.33 -5.27
N ASP A 75 3.61 -11.54 -5.01
CA ASP A 75 4.58 -10.47 -5.16
C ASP A 75 5.19 -10.53 -6.56
N ARG A 76 5.38 -11.76 -7.04
CA ARG A 76 5.95 -11.96 -8.36
C ARG A 76 5.01 -11.40 -9.43
N LYS A 77 3.72 -11.36 -9.10
CA LYS A 77 2.73 -10.84 -10.02
C LYS A 77 2.80 -9.31 -10.03
N LYS A 78 2.36 -8.74 -11.14
CA LYS A 78 2.36 -7.29 -11.31
C LYS A 78 0.97 -6.75 -11.00
N LEU A 79 0.94 -5.50 -10.56
CA LEU A 79 -0.31 -4.85 -10.22
C LEU A 79 -1.20 -4.78 -11.47
N ARG A 80 -0.54 -4.56 -12.61
CA ARG A 80 -1.26 -4.47 -13.87
C ARG A 80 -1.93 -5.80 -14.19
N ASP A 81 -1.16 -6.88 -14.05
CA ASP A 81 -1.68 -8.21 -14.32
C ASP A 81 -2.89 -8.47 -13.43
N TYR A 82 -2.99 -7.67 -12.37
CA TYR A 82 -4.09 -7.81 -11.44
C TYR A 82 -5.27 -6.92 -11.84
N GLY A 83 -5.04 -6.10 -12.86
CA GLY A 83 -6.06 -5.20 -13.34
C GLY A 83 -5.86 -3.78 -12.79
N ILE A 84 -4.76 -3.62 -12.05
CA ILE A 84 -4.44 -2.34 -11.47
C ILE A 84 -3.50 -1.58 -12.40
N ARG A 85 -4.07 -0.58 -13.09
CA ARG A 85 -3.29 0.23 -14.01
C ARG A 85 -3.00 1.60 -13.40
N ASN A 86 -2.39 2.45 -14.21
CA ASN A 86 -2.06 3.80 -13.77
C ASN A 86 -3.33 4.51 -13.31
N ARG A 87 -3.21 5.19 -12.18
CA ARG A 87 -4.34 5.92 -11.62
C ARG A 87 -5.45 4.95 -11.21
N ASP A 88 -5.12 4.10 -10.25
CA ASP A 88 -6.08 3.12 -9.75
C ASP A 88 -6.18 3.22 -8.24
N GLU A 89 -7.29 2.72 -7.71
CA GLU A 89 -7.51 2.76 -6.27
C GLU A 89 -7.50 1.34 -5.70
N VAL A 90 -6.70 1.16 -4.66
CA VAL A 90 -6.58 -0.14 -4.02
C VAL A 90 -7.22 -0.07 -2.63
N SER A 91 -7.69 -1.23 -2.18
CA SER A 91 -8.33 -1.32 -0.87
C SER A 91 -7.48 -2.15 0.07
N PHE A 92 -7.80 -2.08 1.35
CA PHE A 92 -7.07 -2.83 2.36
C PHE A 92 -7.97 -3.87 3.02
N ILE A 93 -7.52 -5.11 2.96
CA ILE A 93 -8.26 -6.21 3.55
C ILE A 93 -7.58 -6.65 4.84
N LYS A 94 -8.33 -7.40 5.64
CA LYS A 94 -7.81 -7.89 6.91
C LYS A 94 -7.58 -9.40 6.81
N LYS A 95 -6.79 -9.92 7.74
CA LYS A 95 -6.48 -11.33 7.77
C LYS A 95 -7.47 -12.04 8.70
N LEU A 96 -8.60 -11.40 8.91
CA LEU A 96 -9.63 -11.96 9.78
C LEU A 96 -11.00 -11.73 9.15
N GLY A 97 -11.84 -12.76 9.24
CA GLY A 97 -13.18 -12.68 8.68
C GLY A 97 -13.78 -14.08 8.51
N GLN A 98 -14.67 -14.42 9.43
CA GLN A 98 -15.33 -15.71 9.39
C GLN A 98 -16.76 -15.58 8.86
N LYS A 99 -16.94 -14.56 8.03
CA LYS A 99 -18.25 -14.31 7.45
C LYS A 99 -18.14 -14.36 5.92
N SER A 100 -17.23 -13.56 5.40
CA SER A 100 -17.02 -13.51 3.96
C SER A 100 -18.36 -13.52 3.23
N GLY A 101 -18.93 -12.33 3.07
CA GLY A 101 -20.21 -12.20 2.39
C GLY A 101 -20.03 -12.18 0.88
N PRO A 102 -21.09 -11.72 0.18
CA PRO A 102 -21.06 -11.63 -1.27
C PRO A 102 -20.19 -10.47 -1.75
N SER A 103 -19.80 -10.54 -3.01
CA SER A 103 -18.96 -9.50 -3.59
C SER A 103 -19.59 -8.13 -3.35
N SER A 104 -20.83 -8.00 -3.80
CA SER A 104 -21.55 -6.75 -3.64
C SER A 104 -20.82 -5.63 -4.36
N GLY A 105 -21.24 -5.38 -5.59
CA GLY A 105 -20.62 -4.33 -6.40
C GLY A 105 -21.67 -3.63 -7.27
N GLY A 1 11.68 17.89 -6.30
CA GLY A 1 11.26 18.78 -7.36
C GLY A 1 9.91 18.36 -7.94
N SER A 2 9.46 19.10 -8.93
CA SER A 2 8.18 18.82 -9.57
C SER A 2 8.24 17.43 -10.23
N SER A 3 7.41 16.54 -9.70
CA SER A 3 7.34 15.18 -10.22
C SER A 3 8.71 14.49 -10.07
N GLY A 4 8.67 13.17 -10.09
CA GLY A 4 9.88 12.39 -9.95
C GLY A 4 9.88 11.18 -10.90
N SER A 5 10.42 11.40 -12.08
CA SER A 5 10.48 10.36 -13.09
C SER A 5 9.08 9.80 -13.35
N SER A 6 9.00 8.93 -14.34
CA SER A 6 7.73 8.32 -14.71
C SER A 6 7.23 7.44 -13.57
N GLY A 7 6.04 6.90 -13.76
CA GLY A 7 5.44 6.03 -12.76
C GLY A 7 3.91 6.10 -12.82
N MET A 8 3.29 5.77 -11.70
CA MET A 8 1.84 5.77 -11.62
C MET A 8 1.37 6.15 -10.21
N THR A 9 0.14 6.64 -10.14
CA THR A 9 -0.43 7.04 -8.87
C THR A 9 -1.47 6.01 -8.40
N VAL A 10 -1.08 5.27 -7.37
CA VAL A 10 -1.95 4.24 -6.83
C VAL A 10 -2.51 4.73 -5.48
N ARG A 11 -3.83 4.74 -5.39
CA ARG A 11 -4.49 5.16 -4.17
C ARG A 11 -4.66 3.99 -3.21
N VAL A 12 -4.84 4.31 -1.94
CA VAL A 12 -5.01 3.29 -0.93
C VAL A 12 -6.20 3.66 -0.02
N CYS A 13 -7.08 2.70 0.18
CA CYS A 13 -8.25 2.93 1.01
C CYS A 13 -8.00 2.28 2.37
N LYS A 14 -7.33 3.04 3.24
CA LYS A 14 -7.02 2.55 4.57
C LYS A 14 -8.29 1.99 5.21
N MET A 15 -8.08 1.10 6.17
CA MET A 15 -9.21 0.48 6.86
C MET A 15 -10.15 1.53 7.44
N ASP A 16 -9.55 2.57 8.01
CA ASP A 16 -10.32 3.65 8.60
C ASP A 16 -9.52 4.96 8.50
N GLY A 17 -9.02 5.20 7.30
CA GLY A 17 -8.23 6.41 7.06
C GLY A 17 -8.68 7.10 5.77
N GLU A 18 -7.77 7.87 5.20
CA GLU A 18 -8.06 8.59 3.97
C GLU A 18 -7.25 7.99 2.81
N VAL A 19 -7.54 8.49 1.61
CA VAL A 19 -6.85 8.02 0.42
C VAL A 19 -5.44 8.61 0.38
N MET A 20 -4.49 7.75 0.03
CA MET A 20 -3.10 8.17 -0.05
C MET A 20 -2.52 7.87 -1.43
N PRO A 21 -2.01 8.94 -2.09
CA PRO A 21 -1.42 8.79 -3.41
C PRO A 21 -0.03 8.17 -3.32
N VAL A 22 0.05 6.92 -3.78
CA VAL A 22 1.30 6.19 -3.75
C VAL A 22 1.91 6.20 -5.16
N VAL A 23 3.23 6.14 -5.19
CA VAL A 23 3.95 6.13 -6.45
C VAL A 23 4.72 4.81 -6.60
N VAL A 24 4.65 4.25 -7.79
CA VAL A 24 5.32 3.00 -8.08
C VAL A 24 5.81 3.00 -9.52
N VAL A 25 6.39 1.87 -9.91
CA VAL A 25 6.91 1.73 -11.27
C VAL A 25 5.75 1.34 -12.20
N GLN A 26 5.90 1.73 -13.45
CA GLN A 26 4.88 1.43 -14.46
C GLN A 26 4.56 -0.07 -14.44
N ASN A 27 5.48 -0.84 -13.90
CA ASN A 27 5.31 -2.28 -13.82
C ASN A 27 5.72 -2.76 -12.42
N ALA A 28 4.95 -2.33 -11.43
CA ALA A 28 5.23 -2.71 -10.05
C ALA A 28 4.37 -3.91 -9.68
N THR A 29 4.62 -4.43 -8.49
CA THR A 29 3.89 -5.58 -8.00
C THR A 29 3.26 -5.28 -6.63
N VAL A 30 2.61 -6.29 -6.07
CA VAL A 30 1.97 -6.14 -4.78
C VAL A 30 3.01 -5.71 -3.74
N LEU A 31 4.15 -6.38 -3.78
CA LEU A 31 5.23 -6.08 -2.86
C LEU A 31 5.56 -4.59 -2.94
N ASP A 32 5.99 -4.18 -4.12
CA ASP A 32 6.34 -2.77 -4.34
C ASP A 32 5.29 -1.88 -3.68
N LEU A 33 4.04 -2.11 -4.06
CA LEU A 33 2.94 -1.33 -3.52
C LEU A 33 3.17 -1.09 -2.03
N LYS A 34 3.41 -2.18 -1.31
CA LYS A 34 3.66 -2.10 0.11
C LYS A 34 4.85 -1.18 0.38
N LYS A 35 5.95 -1.47 -0.32
CA LYS A 35 7.16 -0.68 -0.17
C LYS A 35 6.82 0.80 -0.38
N ALA A 36 6.15 1.07 -1.48
CA ALA A 36 5.76 2.44 -1.80
C ALA A 36 5.03 3.05 -0.61
N ILE A 37 3.82 2.55 -0.38
CA ILE A 37 3.00 3.05 0.73
C ILE A 37 3.90 3.28 1.95
N GLN A 38 4.91 2.43 2.07
CA GLN A 38 5.83 2.53 3.18
C GLN A 38 6.78 3.72 2.98
N ARG A 39 7.56 3.64 1.91
CA ARG A 39 8.50 4.69 1.60
C ARG A 39 7.79 6.04 1.53
N TYR A 40 6.48 5.98 1.38
CA TYR A 40 5.66 7.18 1.29
C TYR A 40 5.47 7.79 2.68
N VAL A 41 5.23 6.94 3.65
CA VAL A 41 5.02 7.39 5.01
C VAL A 41 6.36 7.49 5.73
N GLN A 42 7.16 6.44 5.56
CA GLN A 42 8.48 6.40 6.19
C GLN A 42 9.29 7.64 5.80
N LEU A 43 9.66 7.69 4.53
CA LEU A 43 10.43 8.82 4.02
C LEU A 43 9.85 10.11 4.57
N LYS A 44 8.53 10.15 4.66
CA LYS A 44 7.84 11.32 5.17
C LYS A 44 8.35 11.64 6.57
N GLN A 45 7.94 10.79 7.52
CA GLN A 45 8.34 10.97 8.90
C GLN A 45 9.86 11.14 8.99
N GLU A 46 10.56 10.33 8.22
CA GLU A 46 12.02 10.38 8.21
C GLU A 46 12.50 11.84 8.14
N ARG A 47 11.90 12.57 7.21
CA ARG A 47 12.26 13.97 7.04
C ARG A 47 12.45 14.65 8.40
N GLU A 48 11.43 14.50 9.23
CA GLU A 48 11.47 15.09 10.57
C GLU A 48 12.19 14.16 11.53
N GLY A 49 12.17 12.88 11.20
CA GLY A 49 12.81 11.87 12.04
C GLY A 49 11.78 10.96 12.69
N GLY A 50 11.10 10.19 11.85
CA GLY A 50 10.08 9.27 12.33
C GLY A 50 10.61 8.44 13.49
N VAL A 51 9.72 7.61 14.04
CA VAL A 51 10.09 6.76 15.16
C VAL A 51 11.20 5.81 14.73
N GLN A 52 12.12 5.57 15.65
CA GLN A 52 13.24 4.68 15.38
C GLN A 52 12.73 3.34 14.82
N HIS A 53 12.70 3.28 13.49
CA HIS A 53 12.24 2.07 12.82
C HIS A 53 10.77 1.81 13.17
N ILE A 54 10.01 1.48 12.15
CA ILE A 54 8.59 1.21 12.32
C ILE A 54 8.33 -0.28 12.10
N SER A 55 7.29 -0.78 12.75
CA SER A 55 6.92 -2.18 12.63
C SER A 55 5.89 -2.36 11.52
N TRP A 56 6.35 -2.19 10.29
CA TRP A 56 5.48 -2.32 9.12
C TRP A 56 5.19 -3.81 8.93
N SER A 57 6.22 -4.62 9.15
CA SER A 57 6.09 -6.06 9.01
C SER A 57 4.73 -6.51 9.55
N TYR A 58 4.53 -6.30 10.84
CA TYR A 58 3.28 -6.68 11.48
C TYR A 58 2.08 -6.19 10.68
N VAL A 59 2.09 -4.89 10.40
CA VAL A 59 1.01 -4.28 9.65
C VAL A 59 0.69 -5.14 8.42
N TRP A 60 1.73 -5.37 7.62
CA TRP A 60 1.59 -6.17 6.41
C TRP A 60 1.24 -7.60 6.84
N ARG A 61 1.69 -7.95 8.03
CA ARG A 61 1.45 -9.28 8.56
C ARG A 61 0.14 -9.30 9.35
N THR A 62 -0.85 -8.60 8.82
CA THR A 62 -2.16 -8.53 9.45
C THR A 62 -3.22 -8.12 8.43
N TYR A 63 -2.88 -7.13 7.63
CA TYR A 63 -3.79 -6.64 6.61
C TYR A 63 -3.24 -6.87 5.20
N HIS A 64 -4.16 -7.02 4.26
CA HIS A 64 -3.77 -7.25 2.88
C HIS A 64 -4.28 -6.10 2.01
N LEU A 65 -3.83 -6.11 0.76
CA LEU A 65 -4.23 -5.07 -0.19
C LEU A 65 -5.16 -5.68 -1.23
N THR A 66 -6.27 -4.98 -1.46
CA THR A 66 -7.25 -5.44 -2.44
C THR A 66 -7.39 -4.41 -3.57
N SER A 67 -7.92 -4.90 -4.69
CA SER A 67 -8.11 -4.04 -5.85
C SER A 67 -9.06 -4.70 -6.84
N ALA A 68 -10.09 -3.95 -7.21
CA ALA A 68 -11.09 -4.45 -8.14
C ALA A 68 -12.07 -5.36 -7.40
N GLY A 69 -11.51 -6.33 -6.69
CA GLY A 69 -12.32 -7.27 -5.93
C GLY A 69 -11.46 -8.39 -5.35
N GLU A 70 -10.40 -8.72 -6.08
CA GLU A 70 -9.49 -9.77 -5.65
C GLU A 70 -8.62 -9.28 -4.50
N LYS A 71 -7.91 -10.22 -3.89
CA LYS A 71 -7.05 -9.90 -2.77
C LYS A 71 -5.59 -9.98 -3.22
N LEU A 72 -4.93 -8.83 -3.15
CA LEU A 72 -3.53 -8.75 -3.55
C LEU A 72 -2.66 -9.46 -2.51
N THR A 73 -2.14 -10.61 -2.91
CA THR A 73 -1.30 -11.39 -2.02
C THR A 73 0.03 -11.74 -2.72
N GLU A 74 -0.08 -12.18 -3.96
CA GLU A 74 1.09 -12.54 -4.74
C GLU A 74 1.97 -11.31 -4.97
N ASP A 75 3.21 -11.41 -4.49
CA ASP A 75 4.15 -10.32 -4.64
C ASP A 75 4.87 -10.45 -5.98
N ARG A 76 5.11 -11.69 -6.37
CA ARG A 76 5.78 -11.97 -7.62
C ARG A 76 4.89 -11.57 -8.80
N LYS A 77 3.61 -11.44 -8.50
CA LYS A 77 2.64 -11.06 -9.52
C LYS A 77 2.55 -9.54 -9.61
N LYS A 78 2.76 -9.03 -10.81
CA LYS A 78 2.70 -7.59 -11.03
C LYS A 78 1.27 -7.10 -10.83
N LEU A 79 1.14 -5.81 -10.60
CA LEU A 79 -0.17 -5.21 -10.39
C LEU A 79 -0.95 -5.24 -11.71
N ARG A 80 -0.22 -5.08 -12.80
CA ARG A 80 -0.84 -5.08 -14.11
C ARG A 80 -1.51 -6.43 -14.38
N ASP A 81 -0.82 -7.50 -13.99
CA ASP A 81 -1.33 -8.83 -14.17
C ASP A 81 -2.72 -8.95 -13.53
N TYR A 82 -2.90 -8.14 -12.49
CA TYR A 82 -4.17 -8.14 -11.77
C TYR A 82 -5.17 -7.19 -12.45
N GLY A 83 -4.74 -6.61 -13.55
CA GLY A 83 -5.58 -5.68 -14.29
C GLY A 83 -5.48 -4.27 -13.70
N ILE A 84 -4.53 -4.11 -12.80
CA ILE A 84 -4.31 -2.82 -12.15
C ILE A 84 -3.52 -1.91 -13.09
N ARG A 85 -3.89 -0.64 -13.09
CA ARG A 85 -3.22 0.34 -13.93
C ARG A 85 -2.91 1.61 -13.13
N ASN A 86 -2.45 2.63 -13.85
CA ASN A 86 -2.12 3.89 -13.22
C ASN A 86 -3.40 4.65 -12.90
N ARG A 87 -3.38 5.36 -11.78
CA ARG A 87 -4.53 6.14 -11.35
C ARG A 87 -5.64 5.21 -10.86
N ASP A 88 -5.22 4.08 -10.31
CA ASP A 88 -6.16 3.09 -9.80
C ASP A 88 -6.44 3.39 -8.32
N GLU A 89 -7.28 2.54 -7.74
CA GLU A 89 -7.63 2.69 -6.34
C GLU A 89 -7.56 1.33 -5.63
N VAL A 90 -6.65 1.25 -4.67
CA VAL A 90 -6.48 0.02 -3.91
C VAL A 90 -7.09 0.20 -2.52
N SER A 91 -7.52 -0.92 -1.96
CA SER A 91 -8.13 -0.91 -0.63
C SER A 91 -7.39 -1.87 0.29
N PHE A 92 -7.59 -1.68 1.58
CA PHE A 92 -6.95 -2.52 2.57
C PHE A 92 -7.96 -3.49 3.21
N ILE A 93 -7.44 -4.62 3.64
CA ILE A 93 -8.28 -5.63 4.27
C ILE A 93 -7.58 -6.17 5.52
N LYS A 94 -8.37 -6.80 6.37
CA LYS A 94 -7.85 -7.35 7.61
C LYS A 94 -8.03 -8.88 7.59
N LYS A 95 -6.97 -9.57 7.98
CA LYS A 95 -6.99 -11.01 8.01
C LYS A 95 -8.25 -11.49 8.76
N LEU A 96 -8.52 -12.77 8.63
CA LEU A 96 -9.69 -13.35 9.28
C LEU A 96 -9.23 -14.44 10.25
N GLY A 97 -9.83 -14.39 11.44
CA GLY A 97 -9.49 -15.37 12.47
C GLY A 97 -9.41 -14.69 13.85
N GLN A 98 -8.31 -14.93 14.53
CA GLN A 98 -8.10 -14.37 15.85
C GLN A 98 -8.62 -12.93 15.90
N LYS A 99 -9.03 -12.52 17.09
CA LYS A 99 -9.56 -11.17 17.28
C LYS A 99 -9.77 -10.93 18.77
N SER A 100 -9.27 -9.78 19.22
CA SER A 100 -9.39 -9.41 20.62
C SER A 100 -9.58 -7.89 20.75
N GLY A 101 -10.42 -7.51 21.68
CA GLY A 101 -10.70 -6.10 21.92
C GLY A 101 -11.04 -5.84 23.38
N PRO A 102 -10.02 -6.06 24.25
CA PRO A 102 -10.20 -5.85 25.68
C PRO A 102 -10.22 -4.37 26.02
N SER A 103 -11.21 -3.67 25.49
CA SER A 103 -11.35 -2.25 25.72
C SER A 103 -10.06 -1.53 25.33
N SER A 104 -10.10 -0.89 24.17
CA SER A 104 -8.94 -0.17 23.68
C SER A 104 -7.84 -1.15 23.27
N GLY A 105 -7.37 -1.90 24.25
CA GLY A 105 -6.32 -2.88 24.02
C GLY A 105 -6.03 -3.69 25.28
N GLY A 1 13.78 21.21 -11.35
CA GLY A 1 13.26 19.88 -11.61
C GLY A 1 12.92 19.70 -13.09
N SER A 2 11.79 19.07 -13.33
CA SER A 2 11.34 18.83 -14.70
C SER A 2 12.41 18.04 -15.46
N SER A 3 12.09 16.78 -15.74
CA SER A 3 13.00 15.93 -16.47
C SER A 3 12.24 14.77 -17.10
N GLY A 4 11.60 13.98 -16.24
CA GLY A 4 10.83 12.84 -16.71
C GLY A 4 9.48 12.75 -15.98
N SER A 5 8.75 11.69 -16.28
CA SER A 5 7.45 11.48 -15.67
C SER A 5 6.84 10.17 -16.18
N SER A 6 7.23 9.08 -15.54
CA SER A 6 6.73 7.77 -15.92
C SER A 6 6.42 6.95 -14.67
N GLY A 7 5.13 6.76 -14.43
CA GLY A 7 4.69 6.01 -13.27
C GLY A 7 3.16 6.06 -13.14
N MET A 8 2.70 5.76 -11.93
CA MET A 8 1.26 5.77 -11.66
C MET A 8 0.99 6.16 -10.20
N THR A 9 -0.28 6.46 -9.95
CA THR A 9 -0.68 6.85 -8.61
C THR A 9 -1.71 5.86 -8.05
N VAL A 10 -1.21 4.93 -7.25
CA VAL A 10 -2.07 3.92 -6.65
C VAL A 10 -2.64 4.47 -5.33
N ARG A 11 -3.95 4.65 -5.32
CA ARG A 11 -4.62 5.16 -4.14
C ARG A 11 -4.90 4.02 -3.15
N VAL A 12 -4.29 4.13 -1.98
CA VAL A 12 -4.47 3.13 -0.95
C VAL A 12 -5.55 3.58 0.02
N CYS A 13 -6.74 3.04 -0.18
CA CYS A 13 -7.88 3.39 0.67
C CYS A 13 -7.84 2.48 1.90
N LYS A 14 -7.18 2.98 2.94
CA LYS A 14 -7.06 2.23 4.18
C LYS A 14 -8.37 1.50 4.45
N MET A 15 -9.26 2.18 5.16
CA MET A 15 -10.55 1.60 5.49
C MET A 15 -11.40 2.60 6.28
N ASP A 16 -10.79 3.17 7.31
CA ASP A 16 -11.48 4.13 8.16
C ASP A 16 -10.61 5.38 8.31
N GLY A 17 -9.84 5.67 7.26
CA GLY A 17 -8.96 6.82 7.28
C GLY A 17 -9.04 7.58 5.95
N GLU A 18 -7.91 8.13 5.54
CA GLU A 18 -7.84 8.88 4.31
C GLU A 18 -6.91 8.18 3.31
N VAL A 19 -7.51 7.76 2.20
CA VAL A 19 -6.76 7.07 1.17
C VAL A 19 -5.42 7.78 0.96
N MET A 20 -4.39 6.98 0.71
CA MET A 20 -3.05 7.51 0.49
C MET A 20 -2.57 7.22 -0.93
N PRO A 21 -2.23 8.32 -1.65
CA PRO A 21 -1.76 8.20 -3.02
C PRO A 21 -0.31 7.69 -3.05
N VAL A 22 -0.16 6.45 -3.50
CA VAL A 22 1.15 5.84 -3.58
C VAL A 22 1.60 5.82 -5.04
N VAL A 23 2.92 5.88 -5.22
CA VAL A 23 3.49 5.89 -6.55
C VAL A 23 4.30 4.60 -6.75
N VAL A 24 4.40 4.20 -8.01
CA VAL A 24 5.13 2.99 -8.35
C VAL A 24 5.50 3.02 -9.84
N VAL A 25 6.28 2.03 -10.24
CA VAL A 25 6.71 1.93 -11.62
C VAL A 25 5.53 1.47 -12.49
N GLN A 26 5.58 1.86 -13.76
CA GLN A 26 4.53 1.50 -14.69
C GLN A 26 4.27 -0.01 -14.63
N ASN A 27 5.28 -0.73 -14.16
CA ASN A 27 5.18 -2.18 -14.05
C ASN A 27 5.62 -2.62 -12.65
N ALA A 28 4.87 -2.17 -11.66
CA ALA A 28 5.16 -2.50 -10.28
C ALA A 28 4.42 -3.78 -9.90
N THR A 29 4.65 -4.21 -8.66
CA THR A 29 4.00 -5.42 -8.17
C THR A 29 3.33 -5.14 -6.82
N VAL A 30 2.81 -6.20 -6.22
CA VAL A 30 2.14 -6.09 -4.94
C VAL A 30 3.15 -5.64 -3.88
N LEU A 31 4.30 -6.29 -3.89
CA LEU A 31 5.35 -5.97 -2.94
C LEU A 31 5.64 -4.46 -3.00
N ASP A 32 6.13 -4.02 -4.15
CA ASP A 32 6.44 -2.61 -4.33
C ASP A 32 5.35 -1.76 -3.68
N LEU A 33 4.11 -2.02 -4.09
CA LEU A 33 2.98 -1.29 -3.56
C LEU A 33 3.18 -1.07 -2.05
N LYS A 34 3.48 -2.16 -1.37
CA LYS A 34 3.70 -2.11 0.07
C LYS A 34 4.97 -1.30 0.36
N LYS A 35 6.03 -1.64 -0.36
CA LYS A 35 7.30 -0.97 -0.18
C LYS A 35 7.08 0.54 -0.27
N ALA A 36 6.44 0.96 -1.36
CA ALA A 36 6.17 2.36 -1.59
C ALA A 36 5.43 2.93 -0.37
N ILE A 37 4.25 2.40 -0.15
CA ILE A 37 3.43 2.84 0.97
C ILE A 37 4.32 3.09 2.18
N GLN A 38 5.35 2.26 2.30
CA GLN A 38 6.29 2.37 3.41
C GLN A 38 7.24 3.54 3.18
N ARG A 39 7.82 3.56 1.99
CA ARG A 39 8.75 4.62 1.62
C ARG A 39 8.02 5.95 1.49
N TYR A 40 6.70 5.87 1.58
CA TYR A 40 5.87 7.06 1.46
C TYR A 40 5.72 7.76 2.82
N VAL A 41 5.59 6.94 3.85
CA VAL A 41 5.44 7.47 5.20
C VAL A 41 6.80 7.52 5.88
N GLN A 42 7.57 6.46 5.67
CA GLN A 42 8.90 6.36 6.26
C GLN A 42 9.73 7.57 5.87
N LEU A 43 10.11 7.61 4.59
CA LEU A 43 10.91 8.71 4.09
C LEU A 43 10.25 10.04 4.46
N LYS A 44 8.97 10.14 4.12
CA LYS A 44 8.21 11.35 4.41
C LYS A 44 8.48 11.78 5.86
N GLN A 45 8.18 10.88 6.78
CA GLN A 45 8.39 11.15 8.19
C GLN A 45 9.85 11.54 8.45
N GLU A 46 10.73 10.67 8.00
CA GLU A 46 12.16 10.90 8.17
C GLU A 46 12.50 12.36 7.89
N ARG A 47 12.00 12.85 6.76
CA ARG A 47 12.24 14.23 6.36
C ARG A 47 11.66 15.19 7.40
N GLU A 48 10.45 14.87 7.84
CA GLU A 48 9.77 15.68 8.83
C GLU A 48 10.38 15.47 10.21
N GLY A 49 11.31 14.53 10.27
CA GLY A 49 11.98 14.22 11.52
C GLY A 49 12.50 12.78 11.53
N GLY A 50 11.62 11.87 11.93
CA GLY A 50 11.97 10.47 11.98
C GLY A 50 11.61 9.86 13.34
N VAL A 51 11.31 8.57 13.33
CA VAL A 51 10.95 7.87 14.54
C VAL A 51 10.88 6.37 14.26
N GLN A 52 10.60 5.61 15.31
CA GLN A 52 10.50 4.17 15.19
C GLN A 52 9.41 3.80 14.18
N HIS A 53 9.59 2.64 13.56
CA HIS A 53 8.64 2.16 12.57
C HIS A 53 7.27 2.00 13.23
N ILE A 54 6.23 2.20 12.42
CA ILE A 54 4.87 2.08 12.91
C ILE A 54 4.43 0.61 12.82
N SER A 55 5.28 -0.26 13.34
CA SER A 55 4.99 -1.68 13.32
C SER A 55 4.37 -2.09 11.98
N TRP A 56 5.15 -1.93 10.93
CA TRP A 56 4.69 -2.26 9.60
C TRP A 56 4.58 -3.78 9.50
N SER A 57 5.61 -4.45 9.98
CA SER A 57 5.64 -5.90 9.96
C SER A 57 4.27 -6.47 10.33
N TYR A 58 3.75 -5.97 11.43
CA TYR A 58 2.45 -6.41 11.91
C TYR A 58 1.35 -6.04 10.92
N VAL A 59 1.34 -4.77 10.54
CA VAL A 59 0.36 -4.26 9.60
C VAL A 59 0.32 -5.18 8.37
N TRP A 60 1.49 -5.38 7.78
CA TRP A 60 1.60 -6.22 6.61
C TRP A 60 1.26 -7.65 7.02
N ARG A 61 1.62 -7.98 8.24
CA ARG A 61 1.35 -9.31 8.77
C ARG A 61 0.00 -9.34 9.47
N THR A 62 -0.95 -8.62 8.90
CA THR A 62 -2.29 -8.56 9.46
C THR A 62 -3.30 -8.16 8.38
N TYR A 63 -2.95 -7.13 7.63
CA TYR A 63 -3.81 -6.65 6.57
C TYR A 63 -3.18 -6.88 5.20
N HIS A 64 -4.02 -6.85 4.18
CA HIS A 64 -3.57 -7.07 2.82
C HIS A 64 -4.16 -5.99 1.90
N LEU A 65 -3.68 -5.98 0.66
CA LEU A 65 -4.15 -5.01 -0.31
C LEU A 65 -5.12 -5.71 -1.27
N THR A 66 -6.20 -5.01 -1.59
CA THR A 66 -7.20 -5.54 -2.50
C THR A 66 -7.40 -4.60 -3.68
N SER A 67 -8.08 -5.11 -4.70
CA SER A 67 -8.34 -4.33 -5.90
C SER A 67 -9.38 -5.05 -6.77
N ALA A 68 -10.41 -4.30 -7.14
CA ALA A 68 -11.47 -4.84 -7.97
C ALA A 68 -12.27 -5.87 -7.15
N GLY A 69 -11.59 -6.95 -6.79
CA GLY A 69 -12.23 -8.00 -6.02
C GLY A 69 -11.29 -9.20 -5.86
N GLU A 70 -10.02 -8.91 -5.68
CA GLU A 70 -9.02 -9.95 -5.51
C GLU A 70 -7.99 -9.54 -4.45
N LYS A 71 -7.54 -10.55 -3.71
CA LYS A 71 -6.56 -10.31 -2.66
C LYS A 71 -5.17 -10.18 -3.29
N LEU A 72 -4.57 -9.01 -3.09
CA LEU A 72 -3.25 -8.75 -3.61
C LEU A 72 -2.19 -9.39 -2.70
N THR A 73 -1.92 -10.66 -2.98
CA THR A 73 -0.94 -11.40 -2.21
C THR A 73 0.33 -11.62 -3.02
N GLU A 74 0.16 -12.31 -4.14
CA GLU A 74 1.29 -12.59 -5.02
C GLU A 74 2.14 -11.33 -5.22
N ASP A 75 3.40 -11.45 -4.85
CA ASP A 75 4.33 -10.34 -4.98
C ASP A 75 5.03 -10.41 -6.34
N ARG A 76 5.29 -11.64 -6.76
CA ARG A 76 5.95 -11.87 -8.03
C ARG A 76 5.05 -11.43 -9.19
N LYS A 77 3.79 -11.19 -8.85
CA LYS A 77 2.82 -10.75 -9.84
C LYS A 77 2.81 -9.22 -9.91
N LYS A 78 2.51 -8.72 -11.11
CA LYS A 78 2.47 -7.29 -11.32
C LYS A 78 1.05 -6.77 -11.07
N LEU A 79 0.98 -5.57 -10.56
CA LEU A 79 -0.31 -4.95 -10.26
C LEU A 79 -1.14 -4.89 -11.55
N ARG A 80 -0.47 -4.50 -12.63
CA ARG A 80 -1.13 -4.40 -13.92
C ARG A 80 -1.74 -5.74 -14.32
N ASP A 81 -1.04 -6.81 -13.96
CA ASP A 81 -1.51 -8.14 -14.28
C ASP A 81 -2.75 -8.46 -13.44
N TYR A 82 -2.95 -7.65 -12.41
CA TYR A 82 -4.08 -7.83 -11.52
C TYR A 82 -5.25 -6.92 -11.94
N GLY A 83 -5.00 -6.12 -12.97
CA GLY A 83 -6.02 -5.22 -13.47
C GLY A 83 -5.83 -3.81 -12.89
N ILE A 84 -4.75 -3.65 -12.16
CA ILE A 84 -4.44 -2.36 -11.54
C ILE A 84 -3.55 -1.55 -12.49
N ARG A 85 -4.16 -0.58 -13.15
CA ARG A 85 -3.43 0.27 -14.08
C ARG A 85 -3.14 1.63 -13.43
N ASN A 86 -2.58 2.51 -14.23
CA ASN A 86 -2.24 3.85 -13.76
C ASN A 86 -3.52 4.56 -13.30
N ARG A 87 -3.39 5.28 -12.20
CA ARG A 87 -4.52 6.01 -11.65
C ARG A 87 -5.65 5.04 -11.26
N ASP A 88 -5.32 4.15 -10.34
CA ASP A 88 -6.28 3.17 -9.87
C ASP A 88 -6.58 3.43 -8.39
N GLU A 89 -7.57 2.69 -7.89
CA GLU A 89 -7.97 2.84 -6.50
C GLU A 89 -7.85 1.49 -5.77
N VAL A 90 -6.87 1.42 -4.89
CA VAL A 90 -6.63 0.20 -4.14
C VAL A 90 -7.07 0.43 -2.69
N SER A 91 -7.55 -0.64 -2.07
CA SER A 91 -8.00 -0.58 -0.69
C SER A 91 -7.28 -1.63 0.15
N PHE A 92 -7.41 -1.50 1.46
CA PHE A 92 -6.77 -2.43 2.37
C PHE A 92 -7.79 -3.42 2.93
N ILE A 93 -7.36 -4.67 3.02
CA ILE A 93 -8.22 -5.73 3.53
C ILE A 93 -7.59 -6.33 4.80
N LYS A 94 -8.42 -7.04 5.54
CA LYS A 94 -7.96 -7.66 6.78
C LYS A 94 -8.02 -9.18 6.62
N LYS A 95 -7.08 -9.85 7.28
CA LYS A 95 -7.02 -11.30 7.22
C LYS A 95 -8.21 -11.89 7.98
N LEU A 96 -8.22 -13.21 8.06
CA LEU A 96 -9.30 -13.91 8.75
C LEU A 96 -8.94 -14.04 10.23
N GLY A 97 -9.65 -13.28 11.05
CA GLY A 97 -9.43 -13.31 12.49
C GLY A 97 -9.78 -11.96 13.11
N GLN A 98 -10.47 -12.03 14.25
CA GLN A 98 -10.87 -10.83 14.96
C GLN A 98 -9.90 -10.55 16.12
N LYS A 99 -9.03 -9.58 15.89
CA LYS A 99 -8.06 -9.20 16.90
C LYS A 99 -8.36 -7.78 17.38
N SER A 100 -8.39 -7.63 18.70
CA SER A 100 -8.66 -6.35 19.30
C SER A 100 -7.52 -5.38 19.01
N GLY A 101 -7.89 -4.14 18.71
CA GLY A 101 -6.91 -3.12 18.41
C GLY A 101 -7.49 -2.07 17.46
N PRO A 102 -8.18 -1.06 18.08
CA PRO A 102 -8.79 0.01 17.30
C PRO A 102 -7.73 1.00 16.81
N SER A 103 -7.59 1.05 15.49
CA SER A 103 -6.61 1.94 14.88
C SER A 103 -7.30 3.26 14.48
N SER A 104 -7.09 4.27 15.31
CA SER A 104 -7.67 5.58 15.06
C SER A 104 -6.60 6.53 14.53
N GLY A 105 -5.58 6.74 15.35
CA GLY A 105 -4.48 7.62 14.98
C GLY A 105 -3.77 8.16 16.22
N GLY A 1 11.46 17.80 -9.73
CA GLY A 1 12.58 18.19 -10.58
C GLY A 1 12.11 19.09 -11.72
N SER A 2 12.05 18.49 -12.91
CA SER A 2 11.62 19.23 -14.08
C SER A 2 11.00 18.28 -15.10
N SER A 3 9.69 18.07 -14.95
CA SER A 3 8.97 17.19 -15.85
C SER A 3 9.48 15.75 -15.69
N GLY A 4 8.56 14.87 -15.30
CA GLY A 4 8.91 13.48 -15.11
C GLY A 4 7.65 12.60 -15.10
N SER A 5 7.26 12.18 -16.29
CA SER A 5 6.08 11.34 -16.42
C SER A 5 6.49 9.89 -16.64
N SER A 6 6.40 9.11 -15.58
CA SER A 6 6.77 7.70 -15.64
C SER A 6 6.38 7.01 -14.33
N GLY A 7 5.10 6.71 -14.22
CA GLY A 7 4.60 6.04 -13.03
C GLY A 7 3.07 6.11 -12.96
N MET A 8 2.53 5.78 -11.80
CA MET A 8 1.10 5.80 -11.59
C MET A 8 0.75 6.21 -10.16
N THR A 9 -0.54 6.38 -9.92
CA THR A 9 -1.02 6.77 -8.61
C THR A 9 -1.92 5.68 -8.03
N VAL A 10 -1.34 4.88 -7.15
CA VAL A 10 -2.08 3.80 -6.52
C VAL A 10 -2.63 4.29 -5.18
N ARG A 11 -3.95 4.49 -5.16
CA ARG A 11 -4.62 4.95 -3.97
C ARG A 11 -4.77 3.81 -2.96
N VAL A 12 -4.55 4.13 -1.70
CA VAL A 12 -4.66 3.14 -0.64
C VAL A 12 -5.73 3.59 0.36
N CYS A 13 -6.97 3.28 0.03
CA CYS A 13 -8.09 3.65 0.88
C CYS A 13 -7.99 2.83 2.17
N LYS A 14 -7.14 3.31 3.07
CA LYS A 14 -6.93 2.64 4.35
C LYS A 14 -8.28 2.15 4.88
N MET A 15 -8.22 1.10 5.68
CA MET A 15 -9.42 0.51 6.26
C MET A 15 -10.29 1.60 6.89
N ASP A 16 -9.64 2.52 7.57
CA ASP A 16 -10.34 3.61 8.22
C ASP A 16 -11.18 4.37 7.19
N GLY A 17 -10.50 4.83 6.15
CA GLY A 17 -11.16 5.57 5.08
C GLY A 17 -10.16 6.42 4.30
N GLU A 18 -9.32 7.11 5.05
CA GLU A 18 -8.31 7.97 4.44
C GLU A 18 -7.51 7.18 3.39
N VAL A 19 -7.48 7.74 2.19
CA VAL A 19 -6.75 7.11 1.10
C VAL A 19 -5.44 7.85 0.87
N MET A 20 -4.38 7.07 0.67
CA MET A 20 -3.06 7.64 0.45
C MET A 20 -2.59 7.36 -0.98
N PRO A 21 -2.28 8.46 -1.72
CA PRO A 21 -1.82 8.34 -3.09
C PRO A 21 -0.36 7.86 -3.13
N VAL A 22 -0.19 6.62 -3.56
CA VAL A 22 1.13 6.04 -3.67
C VAL A 22 1.56 5.99 -5.13
N VAL A 23 2.87 6.08 -5.33
CA VAL A 23 3.41 6.06 -6.68
C VAL A 23 4.28 4.82 -6.84
N VAL A 24 4.26 4.27 -8.05
CA VAL A 24 5.04 3.08 -8.35
C VAL A 24 5.40 3.08 -9.84
N VAL A 25 6.12 2.04 -10.24
CA VAL A 25 6.53 1.90 -11.63
C VAL A 25 5.33 1.45 -12.46
N GLN A 26 5.35 1.86 -13.73
CA GLN A 26 4.28 1.51 -14.64
C GLN A 26 3.91 0.03 -14.49
N ASN A 27 4.93 -0.78 -14.25
CA ASN A 27 4.74 -2.21 -14.09
C ASN A 27 5.19 -2.62 -12.68
N ALA A 28 4.54 -2.03 -11.69
CA ALA A 28 4.86 -2.33 -10.30
C ALA A 28 4.24 -3.67 -9.92
N THR A 29 4.49 -4.07 -8.68
CA THR A 29 3.96 -5.33 -8.17
C THR A 29 3.30 -5.11 -6.81
N VAL A 30 2.87 -6.21 -6.22
CA VAL A 30 2.21 -6.16 -4.92
C VAL A 30 3.21 -5.66 -3.88
N LEU A 31 4.34 -6.35 -3.80
CA LEU A 31 5.38 -5.99 -2.84
C LEU A 31 5.75 -4.52 -3.05
N ASP A 32 6.15 -4.20 -4.28
CA ASP A 32 6.53 -2.84 -4.62
C ASP A 32 5.57 -1.86 -3.96
N LEU A 33 4.30 -2.02 -4.28
CA LEU A 33 3.27 -1.16 -3.72
C LEU A 33 3.59 -0.88 -2.26
N LYS A 34 3.63 -1.95 -1.48
CA LYS A 34 3.93 -1.83 -0.05
C LYS A 34 5.18 -0.97 0.14
N LYS A 35 6.25 -1.39 -0.50
CA LYS A 35 7.52 -0.68 -0.41
C LYS A 35 7.24 0.82 -0.54
N ALA A 36 6.40 1.17 -1.50
CA ALA A 36 6.05 2.55 -1.73
C ALA A 36 5.32 3.11 -0.50
N ILE A 37 4.14 2.57 -0.26
CA ILE A 37 3.33 2.99 0.87
C ILE A 37 4.25 3.23 2.08
N GLN A 38 5.27 2.40 2.17
CA GLN A 38 6.22 2.50 3.26
C GLN A 38 7.15 3.70 3.06
N ARG A 39 7.80 3.70 1.91
CA ARG A 39 8.71 4.79 1.58
C ARG A 39 7.96 6.11 1.45
N TYR A 40 6.63 5.99 1.44
CA TYR A 40 5.78 7.17 1.34
C TYR A 40 5.61 7.85 2.70
N VAL A 41 5.43 7.01 3.71
CA VAL A 41 5.23 7.51 5.07
C VAL A 41 6.59 7.55 5.78
N GLN A 42 7.35 6.49 5.61
CA GLN A 42 8.66 6.40 6.23
C GLN A 42 9.49 7.64 5.90
N LEU A 43 9.77 7.79 4.61
CA LEU A 43 10.56 8.92 4.15
C LEU A 43 9.94 10.22 4.70
N LYS A 44 8.62 10.26 4.68
CA LYS A 44 7.91 11.42 5.18
C LYS A 44 8.42 11.78 6.57
N GLN A 45 8.23 10.85 7.50
CA GLN A 45 8.66 11.04 8.87
C GLN A 45 10.16 11.31 8.91
N GLU A 46 10.90 10.44 8.24
CA GLU A 46 12.35 10.58 8.19
C GLU A 46 12.75 12.05 8.11
N ARG A 47 12.10 12.75 7.18
CA ARG A 47 12.38 14.16 6.99
C ARG A 47 12.48 14.87 8.34
N GLU A 48 11.41 14.74 9.12
CA GLU A 48 11.37 15.38 10.43
C GLU A 48 12.13 14.53 11.45
N GLY A 49 12.36 13.28 11.08
CA GLY A 49 13.08 12.36 11.94
C GLY A 49 12.23 11.13 12.27
N GLY A 50 11.14 11.37 12.99
CA GLY A 50 10.24 10.29 13.37
C GLY A 50 11.02 9.08 13.87
N VAL A 51 10.38 7.92 13.76
CA VAL A 51 11.00 6.68 14.20
C VAL A 51 11.16 5.75 12.99
N GLN A 52 12.37 5.23 12.85
CA GLN A 52 12.68 4.33 11.75
C GLN A 52 11.73 3.13 11.78
N HIS A 53 10.99 2.96 10.70
CA HIS A 53 10.06 1.85 10.59
C HIS A 53 8.95 2.02 11.62
N ILE A 54 7.73 1.68 11.21
CA ILE A 54 6.58 1.80 12.09
C ILE A 54 5.82 0.47 12.10
N SER A 55 6.51 -0.56 12.55
CA SER A 55 5.91 -1.89 12.61
C SER A 55 5.05 -2.14 11.37
N TRP A 56 5.72 -2.11 10.22
CA TRP A 56 5.04 -2.33 8.96
C TRP A 56 4.77 -3.83 8.82
N SER A 57 5.77 -4.62 9.21
CA SER A 57 5.64 -6.07 9.14
C SER A 57 4.28 -6.51 9.68
N TYR A 58 4.00 -6.07 10.90
CA TYR A 58 2.73 -6.41 11.54
C TYR A 58 1.55 -6.02 10.65
N VAL A 59 1.61 -4.79 10.16
CA VAL A 59 0.55 -4.27 9.31
C VAL A 59 0.28 -5.26 8.17
N TRP A 60 1.34 -5.59 7.45
CA TRP A 60 1.24 -6.52 6.34
C TRP A 60 0.84 -7.88 6.91
N ARG A 61 1.21 -8.10 8.16
CA ARG A 61 0.90 -9.35 8.82
C ARG A 61 -0.43 -9.24 9.57
N THR A 62 -1.35 -8.51 8.96
CA THR A 62 -2.67 -8.32 9.56
C THR A 62 -3.69 -7.95 8.48
N TYR A 63 -3.31 -6.98 7.65
CA TYR A 63 -4.18 -6.53 6.58
C TYR A 63 -3.52 -6.74 5.21
N HIS A 64 -4.36 -6.77 4.19
CA HIS A 64 -3.87 -6.95 2.83
C HIS A 64 -4.30 -5.77 1.97
N LEU A 65 -3.82 -5.77 0.73
CA LEU A 65 -4.14 -4.71 -0.21
C LEU A 65 -5.18 -5.22 -1.21
N THR A 66 -6.37 -4.65 -1.12
CA THR A 66 -7.44 -5.03 -2.02
C THR A 66 -7.78 -3.88 -2.97
N SER A 67 -8.48 -4.24 -4.05
CA SER A 67 -8.86 -3.24 -5.04
C SER A 67 -10.31 -3.49 -5.48
N ALA A 68 -10.57 -4.72 -5.89
CA ALA A 68 -11.90 -5.09 -6.34
C ALA A 68 -11.95 -6.60 -6.56
N GLY A 69 -11.91 -7.33 -5.46
CA GLY A 69 -11.96 -8.79 -5.52
C GLY A 69 -10.54 -9.37 -5.65
N GLU A 70 -9.71 -8.66 -6.39
CA GLU A 70 -8.34 -9.08 -6.61
C GLU A 70 -7.49 -8.81 -5.36
N LYS A 71 -7.27 -9.88 -4.60
CA LYS A 71 -6.48 -9.77 -3.39
C LYS A 71 -5.00 -9.66 -3.76
N LEU A 72 -4.43 -8.49 -3.52
CA LEU A 72 -3.03 -8.25 -3.82
C LEU A 72 -2.16 -9.01 -2.81
N THR A 73 -1.86 -10.25 -3.16
CA THR A 73 -1.04 -11.08 -2.29
C THR A 73 0.32 -11.36 -2.96
N GLU A 74 0.28 -12.20 -3.97
CA GLU A 74 1.49 -12.56 -4.69
C GLU A 74 2.37 -11.32 -4.90
N ASP A 75 3.66 -11.51 -4.67
CA ASP A 75 4.61 -10.42 -4.83
C ASP A 75 5.26 -10.51 -6.21
N ARG A 76 5.63 -11.73 -6.58
CA ARG A 76 6.25 -11.96 -7.87
C ARG A 76 5.30 -11.57 -9.00
N LYS A 77 4.02 -11.54 -8.67
CA LYS A 77 3.00 -11.18 -9.65
C LYS A 77 2.94 -9.66 -9.79
N LYS A 78 2.75 -9.23 -11.02
CA LYS A 78 2.68 -7.80 -11.31
C LYS A 78 1.22 -7.33 -11.19
N LEU A 79 1.07 -6.10 -10.72
CA LEU A 79 -0.26 -5.53 -10.55
C LEU A 79 -0.98 -5.55 -11.90
N ARG A 80 -0.21 -5.38 -12.95
CA ARG A 80 -0.76 -5.37 -14.30
C ARG A 80 -1.39 -6.73 -14.61
N ASP A 81 -0.70 -7.77 -14.22
CA ASP A 81 -1.18 -9.13 -14.46
C ASP A 81 -2.43 -9.38 -13.61
N TYR A 82 -2.62 -8.51 -12.62
CA TYR A 82 -3.76 -8.62 -11.74
C TYR A 82 -4.97 -7.86 -12.30
N GLY A 83 -4.70 -7.04 -13.30
CA GLY A 83 -5.74 -6.25 -13.94
C GLY A 83 -5.69 -4.80 -13.47
N ILE A 84 -4.69 -4.50 -12.65
CA ILE A 84 -4.52 -3.15 -12.13
C ILE A 84 -3.66 -2.35 -13.12
N ARG A 85 -3.88 -1.04 -13.09
CA ARG A 85 -3.14 -0.14 -13.97
C ARG A 85 -3.04 1.25 -13.34
N ASN A 86 -2.48 2.17 -14.11
CA ASN A 86 -2.31 3.54 -13.64
C ASN A 86 -3.61 3.99 -12.96
N ARG A 87 -3.47 5.01 -12.12
CA ARG A 87 -4.61 5.54 -11.39
C ARG A 87 -5.55 4.41 -10.99
N ASP A 88 -5.08 3.58 -10.08
CA ASP A 88 -5.87 2.46 -9.59
C ASP A 88 -6.27 2.72 -8.14
N GLU A 89 -7.50 2.35 -7.82
CA GLU A 89 -8.02 2.52 -6.48
C GLU A 89 -7.86 1.24 -5.67
N VAL A 90 -6.96 1.31 -4.69
CA VAL A 90 -6.69 0.17 -3.84
C VAL A 90 -7.03 0.53 -2.39
N SER A 91 -7.40 -0.50 -1.63
CA SER A 91 -7.75 -0.30 -0.23
C SER A 91 -7.21 -1.46 0.61
N PHE A 92 -7.12 -1.22 1.91
CA PHE A 92 -6.64 -2.24 2.82
C PHE A 92 -7.78 -3.12 3.33
N ILE A 93 -7.47 -4.40 3.50
CA ILE A 93 -8.45 -5.35 3.98
C ILE A 93 -7.90 -6.08 5.21
N LYS A 94 -8.82 -6.63 5.97
CA LYS A 94 -8.45 -7.35 7.18
C LYS A 94 -8.65 -8.86 6.96
N LYS A 95 -7.61 -9.62 7.30
CA LYS A 95 -7.67 -11.06 7.14
C LYS A 95 -9.02 -11.58 7.64
N LEU A 96 -9.37 -12.77 7.18
CA LEU A 96 -10.63 -13.39 7.57
C LEU A 96 -10.61 -13.67 9.08
N GLY A 97 -11.60 -13.12 9.76
CA GLY A 97 -11.71 -13.30 11.21
C GLY A 97 -12.58 -12.22 11.83
N GLN A 98 -12.03 -11.01 11.90
CA GLN A 98 -12.75 -9.89 12.47
C GLN A 98 -12.75 -9.99 14.00
N LYS A 99 -12.83 -8.82 14.62
CA LYS A 99 -12.84 -8.76 16.08
C LYS A 99 -13.32 -7.37 16.52
N SER A 100 -13.70 -7.29 17.79
CA SER A 100 -14.18 -6.04 18.35
C SER A 100 -13.05 -5.33 19.10
N GLY A 101 -13.03 -4.01 18.96
CA GLY A 101 -12.01 -3.21 19.63
C GLY A 101 -12.43 -1.74 19.70
N PRO A 102 -13.01 -1.36 20.88
CA PRO A 102 -13.46 0.00 21.08
C PRO A 102 -12.27 0.93 21.32
N SER A 103 -12.59 2.20 21.57
CA SER A 103 -11.58 3.20 21.81
C SER A 103 -12.18 4.41 22.52
N SER A 104 -11.31 5.32 22.92
CA SER A 104 -11.75 6.52 23.61
C SER A 104 -11.72 7.71 22.65
N GLY A 105 -12.63 8.65 22.89
CA GLY A 105 -12.73 9.83 22.05
C GLY A 105 -12.63 11.10 22.89
N GLY A 1 12.74 13.59 -26.77
CA GLY A 1 13.27 13.23 -25.47
C GLY A 1 12.42 13.83 -24.35
N SER A 2 11.67 12.97 -23.68
CA SER A 2 10.81 13.40 -22.59
C SER A 2 11.44 13.03 -21.25
N SER A 3 11.92 14.05 -20.56
CA SER A 3 12.55 13.84 -19.26
C SER A 3 11.81 14.65 -18.19
N GLY A 4 11.14 13.92 -17.31
CA GLY A 4 10.39 14.55 -16.24
C GLY A 4 10.08 13.55 -15.12
N SER A 5 9.28 12.55 -15.47
CA SER A 5 8.91 11.52 -14.51
C SER A 5 8.28 10.33 -15.24
N SER A 6 8.15 9.24 -14.50
CA SER A 6 7.57 8.04 -15.06
C SER A 6 7.12 7.10 -13.95
N GLY A 7 5.84 6.74 -13.99
CA GLY A 7 5.27 5.85 -12.99
C GLY A 7 3.74 5.90 -13.01
N MET A 8 3.16 5.64 -11.85
CA MET A 8 1.71 5.65 -11.73
C MET A 8 1.29 6.04 -10.31
N THR A 9 0.09 6.58 -10.21
CA THR A 9 -0.45 6.99 -8.92
C THR A 9 -1.46 5.97 -8.41
N VAL A 10 -1.03 5.19 -7.43
CA VAL A 10 -1.88 4.17 -6.85
C VAL A 10 -2.44 4.69 -5.52
N ARG A 11 -3.76 4.76 -5.46
CA ARG A 11 -4.43 5.22 -4.25
C ARG A 11 -4.71 4.06 -3.30
N VAL A 12 -4.67 4.35 -2.01
CA VAL A 12 -4.91 3.34 -1.01
C VAL A 12 -6.17 3.72 -0.21
N CYS A 13 -6.95 2.70 0.11
CA CYS A 13 -8.18 2.90 0.87
C CYS A 13 -7.99 2.29 2.26
N LYS A 14 -7.41 3.09 3.15
CA LYS A 14 -7.17 2.63 4.51
C LYS A 14 -8.49 2.18 5.14
N MET A 15 -8.39 1.13 5.94
CA MET A 15 -9.57 0.59 6.60
C MET A 15 -10.49 1.72 7.08
N ASP A 16 -9.87 2.79 7.55
CA ASP A 16 -10.63 3.94 8.04
C ASP A 16 -9.74 5.18 8.01
N GLY A 17 -8.77 5.15 7.12
CA GLY A 17 -7.84 6.26 6.97
C GLY A 17 -8.14 7.07 5.71
N GLU A 18 -7.31 8.07 5.48
CA GLU A 18 -7.46 8.93 4.31
C GLU A 18 -6.68 8.37 3.13
N VAL A 19 -7.26 8.52 1.95
CA VAL A 19 -6.63 8.04 0.73
C VAL A 19 -5.21 8.61 0.63
N MET A 20 -4.29 7.77 0.19
CA MET A 20 -2.91 8.18 0.04
C MET A 20 -2.38 7.86 -1.36
N PRO A 21 -1.90 8.93 -2.06
CA PRO A 21 -1.38 8.77 -3.39
C PRO A 21 0.02 8.14 -3.37
N VAL A 22 0.07 6.89 -3.80
CA VAL A 22 1.33 6.16 -3.82
C VAL A 22 1.86 6.13 -5.26
N VAL A 23 3.19 6.03 -5.36
CA VAL A 23 3.84 5.99 -6.66
C VAL A 23 4.57 4.66 -6.82
N VAL A 24 4.59 4.19 -8.06
CA VAL A 24 5.25 2.93 -8.35
C VAL A 24 5.63 2.90 -9.84
N VAL A 25 6.38 1.87 -10.21
CA VAL A 25 6.81 1.71 -11.59
C VAL A 25 5.62 1.30 -12.45
N GLN A 26 5.70 1.64 -13.72
CA GLN A 26 4.64 1.31 -14.65
C GLN A 26 4.34 -0.19 -14.61
N ASN A 27 5.31 -0.94 -14.12
CA ASN A 27 5.17 -2.38 -14.01
C ASN A 27 5.54 -2.83 -12.61
N ALA A 28 4.87 -2.24 -11.63
CA ALA A 28 5.12 -2.57 -10.24
C ALA A 28 4.29 -3.80 -9.85
N THR A 29 4.54 -4.27 -8.64
CA THR A 29 3.84 -5.44 -8.13
C THR A 29 3.26 -5.16 -6.75
N VAL A 30 2.56 -6.15 -6.22
CA VAL A 30 1.95 -6.03 -4.90
C VAL A 30 3.01 -5.57 -3.90
N LEU A 31 4.09 -6.33 -3.83
CA LEU A 31 5.18 -6.02 -2.93
C LEU A 31 5.55 -4.54 -3.07
N ASP A 32 5.88 -4.16 -4.29
CA ASP A 32 6.25 -2.78 -4.58
C ASP A 32 5.26 -1.85 -3.88
N LEU A 33 4.00 -2.04 -4.21
CA LEU A 33 2.95 -1.21 -3.62
C LEU A 33 3.26 -0.96 -2.14
N LYS A 34 3.45 -2.06 -1.43
CA LYS A 34 3.75 -1.98 0.00
C LYS A 34 4.98 -1.09 0.20
N LYS A 35 6.05 -1.45 -0.50
CA LYS A 35 7.30 -0.70 -0.40
C LYS A 35 7.00 0.79 -0.54
N ALA A 36 6.33 1.12 -1.65
CA ALA A 36 5.98 2.51 -1.91
C ALA A 36 5.23 3.08 -0.72
N ILE A 37 4.04 2.54 -0.48
CA ILE A 37 3.21 2.99 0.62
C ILE A 37 4.09 3.24 1.84
N GLN A 38 5.12 2.40 1.96
CA GLN A 38 6.05 2.52 3.08
C GLN A 38 6.98 3.71 2.87
N ARG A 39 7.59 3.76 1.70
CA ARG A 39 8.51 4.83 1.37
C ARG A 39 7.77 6.16 1.33
N TYR A 40 6.44 6.07 1.37
CA TYR A 40 5.61 7.26 1.34
C TYR A 40 5.45 7.86 2.75
N VAL A 41 5.31 6.97 3.71
CA VAL A 41 5.13 7.38 5.09
C VAL A 41 6.50 7.40 5.78
N GLN A 42 7.31 6.40 5.48
CA GLN A 42 8.63 6.29 6.06
C GLN A 42 9.45 7.53 5.73
N LEU A 43 9.79 7.66 4.46
CA LEU A 43 10.58 8.80 4.01
C LEU A 43 10.03 10.08 4.64
N LYS A 44 8.71 10.14 4.71
CA LYS A 44 8.04 11.30 5.29
C LYS A 44 8.54 11.50 6.73
N GLN A 45 8.21 10.53 7.57
CA GLN A 45 8.62 10.59 8.96
C GLN A 45 10.10 10.96 9.07
N GLU A 46 10.91 10.29 8.26
CA GLU A 46 12.34 10.54 8.26
C GLU A 46 12.61 12.03 8.10
N ARG A 47 11.97 12.62 7.09
CA ARG A 47 12.13 14.03 6.82
C ARG A 47 11.71 14.86 8.02
N GLU A 48 10.74 14.33 8.75
CA GLU A 48 10.23 15.01 9.94
C GLU A 48 10.98 14.55 11.18
N GLY A 49 12.11 13.89 10.95
CA GLY A 49 12.93 13.39 12.04
C GLY A 49 12.71 11.89 12.24
N GLY A 50 11.45 11.51 12.38
CA GLY A 50 11.11 10.12 12.58
C GLY A 50 10.30 9.93 13.87
N VAL A 51 9.41 8.95 13.84
CA VAL A 51 8.56 8.66 14.99
C VAL A 51 9.28 7.63 15.88
N GLN A 52 8.62 7.29 16.97
CA GLN A 52 9.16 6.32 17.90
C GLN A 52 9.48 5.01 17.18
N HIS A 53 8.45 4.43 16.59
CA HIS A 53 8.60 3.18 15.85
C HIS A 53 7.25 2.78 15.24
N ILE A 54 7.34 2.15 14.07
CA ILE A 54 6.14 1.71 13.38
C ILE A 54 6.20 0.20 13.20
N SER A 55 5.20 -0.47 13.75
CA SER A 55 5.11 -1.92 13.66
C SER A 55 4.58 -2.33 12.28
N TRP A 56 5.33 -1.95 11.25
CA TRP A 56 4.95 -2.27 9.89
C TRP A 56 4.80 -3.79 9.78
N SER A 57 5.81 -4.49 10.25
CA SER A 57 5.81 -5.94 10.21
C SER A 57 4.41 -6.46 10.55
N TYR A 58 3.95 -6.11 11.75
CA TYR A 58 2.64 -6.52 12.21
C TYR A 58 1.55 -6.05 11.25
N VAL A 59 1.66 -4.80 10.85
CA VAL A 59 0.69 -4.21 9.94
C VAL A 59 0.58 -5.08 8.68
N TRP A 60 1.71 -5.21 8.00
CA TRP A 60 1.76 -6.01 6.79
C TRP A 60 1.43 -7.46 7.16
N ARG A 61 1.80 -7.82 8.37
CA ARG A 61 1.54 -9.16 8.86
C ARG A 61 0.18 -9.24 9.55
N THR A 62 -0.80 -8.63 8.90
CA THR A 62 -2.15 -8.61 9.43
C THR A 62 -3.16 -8.26 8.33
N TYR A 63 -2.86 -7.17 7.64
CA TYR A 63 -3.72 -6.71 6.56
C TYR A 63 -3.06 -6.93 5.20
N HIS A 64 -3.89 -6.86 4.16
CA HIS A 64 -3.40 -7.05 2.81
C HIS A 64 -4.06 -6.02 1.88
N LEU A 65 -3.49 -5.89 0.69
CA LEU A 65 -4.00 -4.96 -0.30
C LEU A 65 -4.98 -5.70 -1.22
N THR A 66 -6.08 -5.01 -1.52
CA THR A 66 -7.09 -5.59 -2.39
C THR A 66 -7.51 -4.58 -3.46
N SER A 67 -8.20 -5.09 -4.47
CA SER A 67 -8.65 -4.25 -5.56
C SER A 67 -9.72 -4.99 -6.38
N ALA A 68 -10.81 -4.28 -6.67
CA ALA A 68 -11.89 -4.85 -7.44
C ALA A 68 -12.59 -5.93 -6.60
N GLY A 69 -11.84 -6.99 -6.32
CA GLY A 69 -12.37 -8.09 -5.55
C GLY A 69 -11.41 -9.28 -5.56
N GLU A 70 -10.13 -8.96 -5.48
CA GLU A 70 -9.10 -9.99 -5.48
C GLU A 70 -8.01 -9.65 -4.47
N LYS A 71 -7.76 -10.59 -3.56
CA LYS A 71 -6.75 -10.40 -2.55
C LYS A 71 -5.37 -10.30 -3.20
N LEU A 72 -4.79 -9.12 -3.12
CA LEU A 72 -3.48 -8.88 -3.70
C LEU A 72 -2.40 -9.40 -2.75
N THR A 73 -2.20 -10.70 -2.78
CA THR A 73 -1.21 -11.34 -1.93
C THR A 73 0.09 -11.57 -2.71
N GLU A 74 -0.06 -12.18 -3.88
CA GLU A 74 1.08 -12.46 -4.72
C GLU A 74 1.93 -11.20 -4.91
N ASP A 75 3.24 -11.38 -4.79
CA ASP A 75 4.17 -10.27 -4.93
C ASP A 75 4.81 -10.33 -6.33
N ARG A 76 5.18 -11.55 -6.71
CA ARG A 76 5.81 -11.76 -8.01
C ARG A 76 4.84 -11.37 -9.13
N LYS A 77 3.59 -11.21 -8.76
CA LYS A 77 2.56 -10.84 -9.73
C LYS A 77 2.49 -9.31 -9.83
N LYS A 78 2.50 -8.84 -11.07
CA LYS A 78 2.44 -7.41 -11.33
C LYS A 78 1.01 -6.92 -11.13
N LEU A 79 0.89 -5.66 -10.72
CA LEU A 79 -0.41 -5.06 -10.50
C LEU A 79 -1.21 -5.07 -11.81
N ARG A 80 -0.51 -4.75 -12.89
CA ARG A 80 -1.14 -4.71 -14.20
C ARG A 80 -1.77 -6.07 -14.52
N ASP A 81 -1.16 -7.11 -13.96
CA ASP A 81 -1.65 -8.47 -14.18
C ASP A 81 -2.87 -8.71 -13.30
N TYR A 82 -3.05 -7.83 -12.32
CA TYR A 82 -4.17 -7.93 -11.40
C TYR A 82 -5.33 -7.04 -11.84
N GLY A 83 -5.10 -6.33 -12.94
CA GLY A 83 -6.12 -5.45 -13.47
C GLY A 83 -5.92 -4.02 -12.99
N ILE A 84 -4.98 -3.88 -12.06
CA ILE A 84 -4.68 -2.58 -11.49
C ILE A 84 -3.80 -1.80 -12.48
N ARG A 85 -4.25 -0.59 -12.80
CA ARG A 85 -3.51 0.26 -13.72
C ARG A 85 -3.24 1.63 -13.08
N ASN A 86 -2.67 2.51 -13.88
CA ASN A 86 -2.36 3.86 -13.40
C ASN A 86 -3.65 4.58 -13.02
N ARG A 87 -3.55 5.35 -11.94
CA ARG A 87 -4.71 6.10 -11.46
C ARG A 87 -5.82 5.14 -11.05
N ASP A 88 -5.48 4.22 -10.18
CA ASP A 88 -6.44 3.24 -9.71
C ASP A 88 -6.64 3.42 -8.19
N GLU A 89 -7.62 2.69 -7.67
CA GLU A 89 -7.93 2.77 -6.25
C GLU A 89 -7.83 1.38 -5.62
N VAL A 90 -6.90 1.26 -4.68
CA VAL A 90 -6.70 -0.01 -3.99
C VAL A 90 -7.30 0.08 -2.58
N SER A 91 -7.64 -1.08 -2.06
CA SER A 91 -8.23 -1.15 -0.72
C SER A 91 -7.40 -2.07 0.16
N PHE A 92 -7.59 -1.91 1.47
CA PHE A 92 -6.85 -2.71 2.44
C PHE A 92 -7.78 -3.71 3.13
N ILE A 93 -7.41 -4.98 3.04
CA ILE A 93 -8.20 -6.04 3.65
C ILE A 93 -7.47 -6.56 4.88
N LYS A 94 -8.19 -7.34 5.68
CA LYS A 94 -7.63 -7.92 6.89
C LYS A 94 -7.62 -9.44 6.77
N LYS A 95 -6.54 -10.04 7.26
CA LYS A 95 -6.40 -11.48 7.21
C LYS A 95 -7.58 -12.13 7.94
N LEU A 96 -7.80 -13.40 7.62
CA LEU A 96 -8.89 -14.14 8.23
C LEU A 96 -10.18 -13.34 8.09
N GLY A 97 -11.27 -13.94 8.57
CA GLY A 97 -12.56 -13.30 8.51
C GLY A 97 -12.84 -12.49 9.79
N GLN A 98 -12.56 -11.20 9.70
CA GLN A 98 -12.76 -10.31 10.82
C GLN A 98 -12.62 -8.85 10.38
N LYS A 99 -13.23 -7.97 11.16
CA LYS A 99 -13.19 -6.55 10.86
C LYS A 99 -13.30 -5.76 12.16
N SER A 100 -12.22 -5.07 12.49
CA SER A 100 -12.18 -4.26 13.70
C SER A 100 -11.09 -3.19 13.58
N GLY A 101 -11.29 -2.11 14.33
CA GLY A 101 -10.34 -1.01 14.32
C GLY A 101 -10.35 -0.26 15.66
N PRO A 102 -9.19 -0.36 16.36
CA PRO A 102 -9.05 0.29 17.65
C PRO A 102 -8.87 1.80 17.49
N SER A 103 -7.93 2.16 16.63
CA SER A 103 -7.65 3.57 16.37
C SER A 103 -7.19 4.25 17.66
N SER A 104 -6.00 4.83 17.59
CA SER A 104 -5.43 5.51 18.74
C SER A 104 -4.87 6.87 18.31
N GLY A 105 -5.12 7.87 19.13
CA GLY A 105 -4.64 9.22 18.86
C GLY A 105 -4.84 9.57 17.38
N GLY A 1 18.22 12.73 -10.19
CA GLY A 1 16.99 13.27 -10.74
C GLY A 1 16.31 14.22 -9.75
N SER A 2 15.09 14.60 -10.08
CA SER A 2 14.33 15.51 -9.23
C SER A 2 12.84 15.19 -9.32
N SER A 3 12.32 15.26 -10.54
CA SER A 3 10.92 14.99 -10.78
C SER A 3 10.71 14.50 -12.22
N GLY A 4 10.49 13.21 -12.34
CA GLY A 4 10.28 12.62 -13.66
C GLY A 4 8.79 12.50 -13.98
N SER A 5 8.51 11.93 -15.14
CA SER A 5 7.14 11.77 -15.57
C SER A 5 6.94 10.37 -16.17
N SER A 6 6.90 9.38 -15.29
CA SER A 6 6.72 8.00 -15.72
C SER A 6 6.39 7.12 -14.52
N GLY A 7 5.13 6.76 -14.41
CA GLY A 7 4.67 5.92 -13.32
C GLY A 7 3.15 5.97 -13.17
N MET A 8 2.70 5.78 -11.94
CA MET A 8 1.27 5.81 -11.66
C MET A 8 1.01 6.22 -10.21
N THR A 9 -0.26 6.46 -9.92
CA THR A 9 -0.66 6.87 -8.59
C THR A 9 -1.70 5.90 -8.03
N VAL A 10 -1.23 4.99 -7.18
CA VAL A 10 -2.11 4.00 -6.57
C VAL A 10 -2.61 4.54 -5.24
N ARG A 11 -3.90 4.30 -4.99
CA ARG A 11 -4.53 4.75 -3.76
C ARG A 11 -4.66 3.59 -2.78
N VAL A 12 -4.58 3.92 -1.50
CA VAL A 12 -4.70 2.92 -0.46
C VAL A 12 -5.79 3.34 0.53
N CYS A 13 -7.03 3.08 0.13
CA CYS A 13 -8.17 3.42 0.98
C CYS A 13 -8.17 2.50 2.20
N LYS A 14 -7.42 2.91 3.21
CA LYS A 14 -7.32 2.14 4.44
C LYS A 14 -8.72 1.65 4.84
N MET A 15 -8.73 0.73 5.78
CA MET A 15 -9.99 0.18 6.27
C MET A 15 -10.82 1.25 7.00
N ASP A 16 -11.30 2.20 6.23
CA ASP A 16 -12.09 3.28 6.77
C ASP A 16 -11.17 4.34 7.40
N GLY A 17 -10.08 4.60 6.68
CA GLY A 17 -9.11 5.58 7.14
C GLY A 17 -8.86 6.65 6.07
N GLU A 18 -7.62 7.11 6.02
CA GLU A 18 -7.24 8.13 5.06
C GLU A 18 -6.42 7.49 3.92
N VAL A 19 -6.98 7.58 2.73
CA VAL A 19 -6.33 7.03 1.55
C VAL A 19 -5.02 7.78 1.30
N MET A 20 -4.03 7.04 0.81
CA MET A 20 -2.74 7.63 0.52
C MET A 20 -2.31 7.34 -0.92
N PRO A 21 -1.99 8.45 -1.65
CA PRO A 21 -1.57 8.32 -3.04
C PRO A 21 -0.14 7.80 -3.14
N VAL A 22 -0.03 6.53 -3.51
CA VAL A 22 1.27 5.90 -3.64
C VAL A 22 1.68 5.88 -5.11
N VAL A 23 2.99 5.99 -5.33
CA VAL A 23 3.51 5.99 -6.69
C VAL A 23 4.40 4.75 -6.88
N VAL A 24 4.40 4.26 -8.11
CA VAL A 24 5.18 3.09 -8.45
C VAL A 24 5.50 3.10 -9.94
N VAL A 25 6.38 2.18 -10.34
CA VAL A 25 6.77 2.08 -11.74
C VAL A 25 5.55 1.68 -12.58
N GLN A 26 5.60 2.04 -13.85
CA GLN A 26 4.52 1.73 -14.77
C GLN A 26 4.16 0.25 -14.67
N ASN A 27 5.15 -0.55 -14.34
CA ASN A 27 4.96 -1.99 -14.21
C ASN A 27 5.45 -2.46 -12.84
N ALA A 28 4.76 -2.00 -11.81
CA ALA A 28 5.13 -2.36 -10.45
C ALA A 28 4.41 -3.65 -10.07
N THR A 29 4.72 -4.13 -8.87
CA THR A 29 4.12 -5.35 -8.36
C THR A 29 3.52 -5.13 -6.98
N VAL A 30 3.07 -6.21 -6.38
CA VAL A 30 2.47 -6.16 -5.05
C VAL A 30 3.53 -5.71 -4.05
N LEU A 31 4.71 -6.31 -4.18
CA LEU A 31 5.81 -5.99 -3.29
C LEU A 31 6.06 -4.48 -3.32
N ASP A 32 6.49 -4.01 -4.48
CA ASP A 32 6.76 -2.59 -4.66
C ASP A 32 5.68 -1.77 -3.96
N LEU A 33 4.44 -2.03 -4.35
CA LEU A 33 3.31 -1.32 -3.77
C LEU A 33 3.54 -1.14 -2.27
N LYS A 34 3.55 -2.28 -1.57
CA LYS A 34 3.76 -2.26 -0.13
C LYS A 34 4.91 -1.31 0.21
N LYS A 35 6.09 -1.65 -0.28
CA LYS A 35 7.26 -0.83 -0.05
C LYS A 35 6.89 0.64 -0.17
N ALA A 36 6.43 1.00 -1.35
CA ALA A 36 6.04 2.38 -1.61
C ALA A 36 5.22 2.91 -0.42
N ILE A 37 4.06 2.31 -0.23
CA ILE A 37 3.19 2.70 0.87
C ILE A 37 4.03 2.99 2.11
N GLN A 38 5.07 2.18 2.28
CA GLN A 38 5.96 2.33 3.41
C GLN A 38 6.91 3.50 3.20
N ARG A 39 7.48 3.54 2.00
CA ARG A 39 8.41 4.61 1.65
C ARG A 39 7.68 5.94 1.55
N TYR A 40 6.36 5.86 1.62
CA TYR A 40 5.53 7.05 1.53
C TYR A 40 5.37 7.70 2.91
N VAL A 41 5.24 6.87 3.92
CA VAL A 41 5.08 7.35 5.28
C VAL A 41 6.45 7.42 5.95
N GLN A 42 7.27 6.42 5.67
CA GLN A 42 8.61 6.36 6.25
C GLN A 42 9.43 7.59 5.83
N LEU A 43 9.72 7.65 4.54
CA LEU A 43 10.48 8.76 4.00
C LEU A 43 9.90 10.08 4.51
N LYS A 44 8.58 10.13 4.57
CA LYS A 44 7.89 11.31 5.04
C LYS A 44 8.52 11.78 6.35
N GLN A 45 8.38 10.94 7.37
CA GLN A 45 8.95 11.25 8.67
C GLN A 45 10.39 11.72 8.54
N GLU A 46 11.21 10.86 7.95
CA GLU A 46 12.62 11.17 7.75
C GLU A 46 12.77 12.63 7.34
N ARG A 47 12.01 13.01 6.32
CA ARG A 47 12.06 14.38 5.83
C ARG A 47 11.73 15.37 6.94
N GLU A 48 10.60 15.14 7.58
CA GLU A 48 10.17 15.99 8.67
C GLU A 48 11.16 15.91 9.85
N GLY A 49 11.93 14.84 9.84
CA GLY A 49 12.92 14.62 10.90
C GLY A 49 12.47 13.51 11.84
N GLY A 50 11.25 13.67 12.36
CA GLY A 50 10.71 12.69 13.28
C GLY A 50 11.05 11.27 12.83
N VAL A 51 11.04 10.36 13.80
CA VAL A 51 11.35 8.96 13.53
C VAL A 51 11.04 8.13 14.77
N GLN A 52 9.78 7.73 14.88
CA GLN A 52 9.35 6.93 16.01
C GLN A 52 9.34 5.44 15.62
N HIS A 53 8.94 4.62 16.59
CA HIS A 53 8.88 3.19 16.37
C HIS A 53 7.55 2.83 15.70
N ILE A 54 7.66 2.19 14.54
CA ILE A 54 6.49 1.79 13.80
C ILE A 54 6.55 0.28 13.52
N SER A 55 5.38 -0.33 13.44
CA SER A 55 5.30 -1.76 13.18
C SER A 55 4.50 -2.01 11.90
N TRP A 56 5.21 -1.91 10.78
CA TRP A 56 4.59 -2.11 9.49
C TRP A 56 4.38 -3.62 9.30
N SER A 57 5.41 -4.38 9.63
CA SER A 57 5.34 -5.82 9.52
C SER A 57 3.97 -6.33 9.96
N TYR A 58 3.67 -6.06 11.23
CA TYR A 58 2.39 -6.47 11.79
C TYR A 58 1.24 -6.16 10.84
N VAL A 59 1.18 -4.89 10.44
CA VAL A 59 0.14 -4.45 9.54
C VAL A 59 0.07 -5.39 8.32
N TRP A 60 1.23 -5.58 7.71
CA TRP A 60 1.32 -6.45 6.54
C TRP A 60 1.00 -7.88 6.99
N ARG A 61 1.25 -8.13 8.27
CA ARG A 61 0.97 -9.44 8.83
C ARG A 61 -0.42 -9.49 9.44
N THR A 62 -1.25 -8.55 9.02
CA THR A 62 -2.62 -8.47 9.51
C THR A 62 -3.58 -8.10 8.37
N TYR A 63 -3.21 -7.07 7.64
CA TYR A 63 -4.02 -6.61 6.53
C TYR A 63 -3.33 -6.91 5.19
N HIS A 64 -4.08 -6.67 4.12
CA HIS A 64 -3.56 -6.91 2.78
C HIS A 64 -4.20 -5.92 1.81
N LEU A 65 -3.61 -5.84 0.62
CA LEU A 65 -4.10 -4.94 -0.41
C LEU A 65 -5.06 -5.70 -1.32
N THR A 66 -6.21 -5.09 -1.56
CA THR A 66 -7.22 -5.69 -2.42
C THR A 66 -7.27 -4.97 -3.76
N SER A 67 -8.04 -5.55 -4.67
CA SER A 67 -8.19 -4.98 -6.00
C SER A 67 -8.94 -5.95 -6.91
N ALA A 68 -9.77 -5.38 -7.78
CA ALA A 68 -10.55 -6.18 -8.70
C ALA A 68 -11.08 -7.43 -7.98
N GLY A 69 -11.86 -7.18 -6.94
CA GLY A 69 -12.43 -8.27 -6.16
C GLY A 69 -11.42 -9.39 -5.97
N GLU A 70 -10.16 -8.99 -5.82
CA GLU A 70 -9.10 -9.97 -5.63
C GLU A 70 -8.10 -9.45 -4.59
N LYS A 71 -7.47 -10.40 -3.90
CA LYS A 71 -6.50 -10.06 -2.88
C LYS A 71 -5.11 -9.93 -3.53
N LEU A 72 -4.40 -8.88 -3.13
CA LEU A 72 -3.06 -8.64 -3.66
C LEU A 72 -2.03 -9.23 -2.70
N THR A 73 -1.73 -10.49 -2.91
CA THR A 73 -0.76 -11.18 -2.08
C THR A 73 0.51 -11.51 -2.88
N GLU A 74 0.29 -12.15 -4.02
CA GLU A 74 1.39 -12.53 -4.89
C GLU A 74 2.33 -11.34 -5.11
N ASP A 75 3.60 -11.58 -4.86
CA ASP A 75 4.61 -10.54 -5.03
C ASP A 75 5.22 -10.65 -6.44
N ARG A 76 5.42 -11.88 -6.86
CA ARG A 76 6.00 -12.13 -8.18
C ARG A 76 5.06 -11.61 -9.27
N LYS A 77 3.79 -11.54 -8.93
CA LYS A 77 2.78 -11.07 -9.87
C LYS A 77 2.84 -9.54 -9.93
N LYS A 78 2.55 -9.01 -11.12
CA LYS A 78 2.56 -7.58 -11.33
C LYS A 78 1.14 -7.03 -11.13
N LEU A 79 1.08 -5.79 -10.65
CA LEU A 79 -0.20 -5.14 -10.42
C LEU A 79 -1.01 -5.15 -11.71
N ARG A 80 -0.31 -4.91 -12.81
CA ARG A 80 -0.96 -4.88 -14.12
C ARG A 80 -1.70 -6.20 -14.37
N ASP A 81 -1.04 -7.29 -14.00
CA ASP A 81 -1.63 -8.60 -14.19
C ASP A 81 -2.92 -8.71 -13.37
N TYR A 82 -2.98 -7.89 -12.32
CA TYR A 82 -4.14 -7.88 -11.44
C TYR A 82 -5.18 -6.88 -11.93
N GLY A 83 -4.96 -6.39 -13.14
CA GLY A 83 -5.87 -5.43 -13.74
C GLY A 83 -5.73 -4.05 -13.08
N ILE A 84 -4.52 -3.79 -12.60
CA ILE A 84 -4.22 -2.53 -11.96
C ILE A 84 -3.40 -1.65 -12.90
N ARG A 85 -4.03 -0.56 -13.34
CA ARG A 85 -3.36 0.36 -14.25
C ARG A 85 -3.02 1.66 -13.53
N ASN A 86 -2.51 2.61 -14.30
CA ASN A 86 -2.15 3.90 -13.74
C ASN A 86 -3.40 4.60 -13.20
N ARG A 87 -3.18 5.50 -12.26
CA ARG A 87 -4.27 6.24 -11.65
C ARG A 87 -5.40 5.27 -11.23
N ASP A 88 -5.03 4.31 -10.41
CA ASP A 88 -5.99 3.33 -9.94
C ASP A 88 -6.19 3.50 -8.43
N GLU A 89 -7.27 2.90 -7.94
CA GLU A 89 -7.59 2.99 -6.53
C GLU A 89 -7.54 1.61 -5.88
N VAL A 90 -6.96 1.55 -4.69
CA VAL A 90 -6.84 0.31 -3.96
C VAL A 90 -7.16 0.54 -2.49
N SER A 91 -7.66 -0.51 -1.85
CA SER A 91 -8.00 -0.42 -0.44
C SER A 91 -7.32 -1.56 0.33
N PHE A 92 -7.33 -1.41 1.65
CA PHE A 92 -6.71 -2.40 2.51
C PHE A 92 -7.76 -3.35 3.11
N ILE A 93 -7.39 -4.62 3.18
CA ILE A 93 -8.29 -5.62 3.72
C ILE A 93 -7.68 -6.19 5.02
N LYS A 94 -8.55 -6.80 5.81
CA LYS A 94 -8.13 -7.38 7.07
C LYS A 94 -8.10 -8.90 6.95
N LYS A 95 -7.03 -9.49 7.44
CA LYS A 95 -6.88 -10.94 7.38
C LYS A 95 -8.10 -11.61 8.00
N LEU A 96 -8.36 -12.82 7.55
CA LEU A 96 -9.50 -13.58 8.04
C LEU A 96 -9.29 -13.90 9.53
N GLY A 97 -9.72 -12.97 10.37
CA GLY A 97 -9.59 -13.15 11.80
C GLY A 97 -10.83 -13.84 12.40
N GLN A 98 -11.09 -13.53 13.66
CA GLN A 98 -12.23 -14.10 14.34
C GLN A 98 -13.09 -13.00 14.96
N LYS A 99 -14.40 -13.24 14.94
CA LYS A 99 -15.33 -12.28 15.51
C LYS A 99 -15.89 -12.82 16.82
N SER A 100 -15.78 -12.00 17.86
CA SER A 100 -16.26 -12.38 19.17
C SER A 100 -17.62 -11.71 19.45
N GLY A 101 -17.87 -10.64 18.70
CA GLY A 101 -19.11 -9.91 18.86
C GLY A 101 -19.33 -8.93 17.70
N PRO A 102 -20.14 -9.39 16.70
CA PRO A 102 -20.43 -8.57 15.54
C PRO A 102 -21.41 -7.44 15.89
N SER A 103 -22.34 -7.77 16.78
CA SER A 103 -23.35 -6.80 17.20
C SER A 103 -24.17 -6.34 16.00
N SER A 104 -25.29 -5.69 16.30
CA SER A 104 -26.17 -5.20 15.26
C SER A 104 -27.23 -4.27 15.86
N GLY A 105 -27.15 -3.01 15.47
CA GLY A 105 -28.09 -2.01 15.96
C GLY A 105 -27.61 -0.59 15.62
N GLY A 1 13.53 13.66 -4.39
CA GLY A 1 13.55 12.63 -5.42
C GLY A 1 13.18 13.22 -6.79
N SER A 2 13.93 12.81 -7.80
CA SER A 2 13.71 13.28 -9.16
C SER A 2 13.88 12.13 -10.14
N SER A 3 12.84 11.91 -10.94
CA SER A 3 12.86 10.85 -11.93
C SER A 3 12.40 11.39 -13.29
N GLY A 4 11.20 11.95 -13.29
CA GLY A 4 10.63 12.51 -14.50
C GLY A 4 9.10 12.36 -14.51
N SER A 5 8.58 12.14 -15.71
CA SER A 5 7.15 11.97 -15.87
C SER A 5 6.83 10.53 -16.27
N SER A 6 6.89 9.65 -15.28
CA SER A 6 6.61 8.24 -15.51
C SER A 6 6.16 7.57 -14.21
N GLY A 7 5.24 6.64 -14.35
CA GLY A 7 4.72 5.93 -13.20
C GLY A 7 3.19 6.05 -13.12
N MET A 8 2.67 5.69 -11.95
CA MET A 8 1.23 5.76 -11.73
C MET A 8 0.92 6.23 -10.30
N THR A 9 -0.36 6.28 -10.00
CA THR A 9 -0.81 6.71 -8.69
C THR A 9 -1.79 5.69 -8.10
N VAL A 10 -1.25 4.86 -7.22
CA VAL A 10 -2.06 3.84 -6.57
C VAL A 10 -2.52 4.34 -5.20
N ARG A 11 -3.84 4.48 -5.07
CA ARG A 11 -4.41 4.96 -3.82
C ARG A 11 -4.64 3.79 -2.87
N VAL A 12 -4.40 4.05 -1.59
CA VAL A 12 -4.58 3.02 -0.57
C VAL A 12 -5.60 3.52 0.46
N CYS A 13 -6.86 3.26 0.15
CA CYS A 13 -7.94 3.67 1.05
C CYS A 13 -7.86 2.81 2.31
N LYS A 14 -7.01 3.23 3.22
CA LYS A 14 -6.85 2.51 4.48
C LYS A 14 -8.20 2.02 4.97
N MET A 15 -8.20 0.84 5.56
CA MET A 15 -9.42 0.25 6.08
C MET A 15 -10.28 1.30 6.77
N ASP A 16 -9.61 2.22 7.44
CA ASP A 16 -10.30 3.30 8.15
C ASP A 16 -9.35 4.49 8.31
N GLY A 17 -8.62 4.78 7.24
CA GLY A 17 -7.69 5.88 7.24
C GLY A 17 -7.89 6.77 6.01
N GLU A 18 -6.93 7.67 5.81
CA GLU A 18 -7.00 8.59 4.68
C GLU A 18 -6.21 8.02 3.49
N VAL A 19 -6.94 7.70 2.44
CA VAL A 19 -6.33 7.15 1.24
C VAL A 19 -5.02 7.87 0.97
N MET A 20 -4.00 7.09 0.63
CA MET A 20 -2.69 7.65 0.33
C MET A 20 -2.27 7.36 -1.11
N PRO A 21 -1.97 8.45 -1.86
CA PRO A 21 -1.56 8.32 -3.24
C PRO A 21 -0.12 7.81 -3.35
N VAL A 22 0.00 6.55 -3.71
CA VAL A 22 1.31 5.94 -3.86
C VAL A 22 1.70 5.89 -5.34
N VAL A 23 3.00 5.95 -5.58
CA VAL A 23 3.51 5.92 -6.94
C VAL A 23 4.38 4.68 -7.13
N VAL A 24 4.34 4.14 -8.33
CA VAL A 24 5.11 2.96 -8.66
C VAL A 24 5.41 2.93 -10.16
N VAL A 25 6.35 2.08 -10.53
CA VAL A 25 6.73 1.96 -11.93
C VAL A 25 5.51 1.57 -12.76
N GLN A 26 5.57 1.91 -14.04
CA GLN A 26 4.49 1.60 -14.94
C GLN A 26 4.17 0.10 -14.92
N ASN A 27 5.13 -0.66 -14.41
CA ASN A 27 4.97 -2.10 -14.32
C ASN A 27 5.44 -2.58 -12.95
N ALA A 28 4.74 -2.12 -11.92
CA ALA A 28 5.07 -2.49 -10.56
C ALA A 28 4.29 -3.74 -10.17
N THR A 29 4.58 -4.24 -8.97
CA THR A 29 3.92 -5.42 -8.47
C THR A 29 3.36 -5.18 -7.06
N VAL A 30 2.80 -6.23 -6.49
CA VAL A 30 2.23 -6.14 -5.16
C VAL A 30 3.32 -5.70 -4.17
N LEU A 31 4.50 -6.29 -4.34
CA LEU A 31 5.62 -5.97 -3.48
C LEU A 31 5.91 -4.47 -3.56
N ASP A 32 6.32 -4.04 -4.75
CA ASP A 32 6.62 -2.63 -4.96
C ASP A 32 5.59 -1.77 -4.24
N LEU A 33 4.33 -2.01 -4.54
CA LEU A 33 3.24 -1.27 -3.93
C LEU A 33 3.55 -1.06 -2.45
N LYS A 34 3.73 -2.18 -1.76
CA LYS A 34 4.02 -2.14 -0.33
C LYS A 34 5.20 -1.20 -0.09
N LYS A 35 6.34 -1.55 -0.68
CA LYS A 35 7.55 -0.75 -0.54
C LYS A 35 7.18 0.73 -0.64
N ALA A 36 6.48 1.07 -1.71
CA ALA A 36 6.06 2.44 -1.94
C ALA A 36 5.31 2.95 -0.71
N ILE A 37 4.13 2.37 -0.49
CA ILE A 37 3.32 2.76 0.64
C ILE A 37 4.21 2.99 1.87
N GLN A 38 5.28 2.20 1.94
CA GLN A 38 6.22 2.32 3.03
C GLN A 38 7.10 3.55 2.86
N ARG A 39 7.78 3.59 1.72
CA ARG A 39 8.67 4.70 1.41
C ARG A 39 7.88 6.02 1.39
N TYR A 40 6.56 5.88 1.36
CA TYR A 40 5.69 7.05 1.35
C TYR A 40 5.57 7.67 2.74
N VAL A 41 5.31 6.81 3.72
CA VAL A 41 5.17 7.26 5.08
C VAL A 41 6.56 7.28 5.76
N GLN A 42 7.28 6.18 5.58
CA GLN A 42 8.61 6.07 6.16
C GLN A 42 9.42 7.33 5.87
N LEU A 43 9.58 7.61 4.59
CA LEU A 43 10.34 8.79 4.17
C LEU A 43 9.71 10.04 4.80
N LYS A 44 8.38 10.05 4.81
CA LYS A 44 7.65 11.17 5.37
C LYS A 44 8.19 11.49 6.77
N GLN A 45 7.87 10.59 7.70
CA GLN A 45 8.32 10.76 9.07
C GLN A 45 9.79 11.16 9.12
N GLU A 46 10.59 10.41 8.37
CA GLU A 46 12.02 10.68 8.31
C GLU A 46 12.27 12.18 8.31
N ARG A 47 11.54 12.87 7.45
CA ARG A 47 11.67 14.32 7.33
C ARG A 47 11.12 15.00 8.58
N GLU A 48 9.95 14.54 9.01
CA GLU A 48 9.30 15.10 10.17
C GLU A 48 10.14 14.83 11.43
N GLY A 49 11.08 13.90 11.29
CA GLY A 49 11.96 13.56 12.39
C GLY A 49 11.47 12.28 13.09
N GLY A 50 11.33 11.23 12.30
CA GLY A 50 10.87 9.95 12.83
C GLY A 50 11.85 8.82 12.48
N VAL A 51 11.60 7.67 13.06
CA VAL A 51 12.45 6.50 12.82
C VAL A 51 11.75 5.57 11.83
N GLN A 52 12.55 4.93 11.01
CA GLN A 52 12.03 4.00 10.02
C GLN A 52 11.49 2.73 10.71
N HIS A 53 10.49 2.94 11.54
CA HIS A 53 9.88 1.83 12.26
C HIS A 53 8.45 2.20 12.65
N ILE A 54 7.51 1.60 11.94
CA ILE A 54 6.10 1.85 12.19
C ILE A 54 5.36 0.52 12.32
N SER A 55 6.10 -0.48 12.79
CA SER A 55 5.52 -1.80 12.97
C SER A 55 4.84 -2.25 11.68
N TRP A 56 5.48 -1.93 10.57
CA TRP A 56 4.94 -2.30 9.27
C TRP A 56 4.71 -3.82 9.25
N SER A 57 5.60 -4.52 9.95
CA SER A 57 5.52 -5.96 10.02
C SER A 57 4.10 -6.38 10.42
N TYR A 58 3.65 -5.86 11.56
CA TYR A 58 2.32 -6.17 12.05
C TYR A 58 1.26 -5.80 11.03
N VAL A 59 1.37 -4.57 10.53
CA VAL A 59 0.42 -4.08 9.54
C VAL A 59 0.32 -5.08 8.39
N TRP A 60 1.43 -5.23 7.70
CA TRP A 60 1.49 -6.15 6.57
C TRP A 60 1.09 -7.54 7.07
N ARG A 61 1.34 -7.76 8.35
CA ARG A 61 1.02 -9.04 8.96
C ARG A 61 -0.36 -8.97 9.65
N THR A 62 -1.25 -8.21 9.03
CA THR A 62 -2.59 -8.05 9.56
C THR A 62 -3.56 -7.65 8.45
N TYR A 63 -3.13 -6.70 7.64
CA TYR A 63 -3.95 -6.21 6.55
C TYR A 63 -3.22 -6.36 5.21
N HIS A 64 -3.99 -6.60 4.17
CA HIS A 64 -3.44 -6.76 2.84
C HIS A 64 -3.99 -5.68 1.91
N LEU A 65 -3.48 -5.68 0.69
CA LEU A 65 -3.91 -4.71 -0.30
C LEU A 65 -4.93 -5.36 -1.24
N THR A 66 -6.03 -4.64 -1.45
CA THR A 66 -7.09 -5.14 -2.32
C THR A 66 -7.35 -4.15 -3.44
N SER A 67 -8.15 -4.59 -4.41
CA SER A 67 -8.49 -3.76 -5.55
C SER A 67 -9.45 -4.51 -6.47
N ALA A 68 -10.50 -3.81 -6.88
CA ALA A 68 -11.50 -4.39 -7.75
C ALA A 68 -12.27 -5.46 -6.99
N GLY A 69 -11.56 -6.51 -6.62
CA GLY A 69 -12.18 -7.61 -5.89
C GLY A 69 -11.22 -8.80 -5.80
N GLU A 70 -9.95 -8.49 -5.58
CA GLU A 70 -8.93 -9.52 -5.47
C GLU A 70 -7.89 -9.12 -4.41
N LYS A 71 -7.57 -10.09 -3.56
CA LYS A 71 -6.61 -9.85 -2.50
C LYS A 71 -5.21 -9.77 -3.11
N LEU A 72 -4.62 -8.59 -3.02
CA LEU A 72 -3.29 -8.36 -3.56
C LEU A 72 -2.26 -8.94 -2.59
N THR A 73 -1.96 -10.22 -2.78
CA THR A 73 -0.99 -10.89 -1.95
C THR A 73 0.24 -11.31 -2.76
N GLU A 74 -0.03 -12.00 -3.86
CA GLU A 74 1.03 -12.46 -4.74
C GLU A 74 2.01 -11.32 -5.03
N ASP A 75 3.27 -11.56 -4.74
CA ASP A 75 4.30 -10.57 -4.97
C ASP A 75 4.86 -10.75 -6.38
N ARG A 76 5.07 -12.00 -6.75
CA ARG A 76 5.60 -12.31 -8.07
C ARG A 76 4.69 -11.75 -9.15
N LYS A 77 3.40 -11.73 -8.85
CA LYS A 77 2.42 -11.21 -9.79
C LYS A 77 2.52 -9.68 -9.84
N LYS A 78 2.24 -9.15 -11.03
CA LYS A 78 2.30 -7.72 -11.23
C LYS A 78 0.89 -7.14 -11.13
N LEU A 79 0.82 -5.88 -10.69
CA LEU A 79 -0.46 -5.21 -10.54
C LEU A 79 -1.20 -5.25 -11.88
N ARG A 80 -0.44 -5.10 -12.95
CA ARG A 80 -1.01 -5.12 -14.28
C ARG A 80 -1.74 -6.45 -14.53
N ASP A 81 -1.09 -7.53 -14.11
CA ASP A 81 -1.67 -8.85 -14.29
C ASP A 81 -2.84 -9.02 -13.32
N TYR A 82 -2.94 -8.09 -12.39
CA TYR A 82 -4.01 -8.12 -11.40
C TYR A 82 -5.23 -7.34 -11.89
N GLY A 83 -5.05 -6.67 -13.03
CA GLY A 83 -6.13 -5.88 -13.61
C GLY A 83 -5.98 -4.40 -13.25
N ILE A 84 -4.99 -4.13 -12.40
CA ILE A 84 -4.74 -2.76 -11.98
C ILE A 84 -3.90 -2.05 -13.05
N ARG A 85 -4.12 -0.74 -13.15
CA ARG A 85 -3.41 0.06 -14.13
C ARG A 85 -3.10 1.45 -13.55
N ASN A 86 -2.53 2.29 -14.40
CA ASN A 86 -2.18 3.64 -13.99
C ASN A 86 -3.43 4.35 -13.48
N ARG A 87 -3.30 4.95 -12.31
CA ARG A 87 -4.41 5.67 -11.70
C ARG A 87 -5.54 4.70 -11.35
N ASP A 88 -5.31 3.92 -10.30
CA ASP A 88 -6.30 2.94 -9.87
C ASP A 88 -6.68 3.25 -8.41
N GLU A 89 -7.51 2.38 -7.86
CA GLU A 89 -7.96 2.53 -6.50
C GLU A 89 -7.73 1.24 -5.71
N VAL A 90 -6.87 1.34 -4.70
CA VAL A 90 -6.56 0.19 -3.87
C VAL A 90 -6.93 0.50 -2.42
N SER A 91 -7.28 -0.55 -1.69
CA SER A 91 -7.66 -0.40 -0.29
C SER A 91 -7.00 -1.50 0.54
N PHE A 92 -7.05 -1.31 1.85
CA PHE A 92 -6.48 -2.28 2.76
C PHE A 92 -7.56 -3.17 3.37
N ILE A 93 -7.33 -4.47 3.25
CA ILE A 93 -8.28 -5.44 3.78
C ILE A 93 -7.68 -6.11 5.03
N LYS A 94 -8.54 -6.79 5.76
CA LYS A 94 -8.12 -7.48 6.98
C LYS A 94 -8.15 -8.99 6.75
N LYS A 95 -7.08 -9.64 7.18
CA LYS A 95 -6.97 -11.08 7.03
C LYS A 95 -8.20 -11.75 7.64
N LEU A 96 -8.23 -13.07 7.55
CA LEU A 96 -9.34 -13.84 8.08
C LEU A 96 -9.22 -13.88 9.61
N GLY A 97 -10.18 -13.21 10.26
CA GLY A 97 -10.19 -13.16 11.71
C GLY A 97 -10.38 -11.73 12.21
N GLN A 98 -11.29 -11.58 13.16
CA GLN A 98 -11.57 -10.28 13.74
C GLN A 98 -11.31 -10.29 15.24
N LYS A 99 -10.08 -9.99 15.61
CA LYS A 99 -9.69 -9.96 17.01
C LYS A 99 -10.57 -8.95 17.76
N SER A 100 -10.40 -7.69 17.40
CA SER A 100 -11.18 -6.62 18.03
C SER A 100 -12.65 -6.74 17.61
N GLY A 101 -12.87 -6.61 16.31
CA GLY A 101 -14.22 -6.68 15.78
C GLY A 101 -14.44 -5.61 14.70
N PRO A 102 -15.73 -5.17 14.60
CA PRO A 102 -16.09 -4.15 13.62
C PRO A 102 -15.61 -2.77 14.07
N SER A 103 -14.61 -2.26 13.36
CA SER A 103 -14.06 -0.96 13.67
C SER A 103 -14.33 0.01 12.52
N SER A 104 -14.50 1.27 12.88
CA SER A 104 -14.77 2.30 11.90
C SER A 104 -14.07 3.60 12.30
N GLY A 105 -13.66 4.36 11.28
CA GLY A 105 -12.98 5.62 11.51
C GLY A 105 -12.85 6.43 10.22
N GLY A 1 7.56 18.04 -24.97
CA GLY A 1 6.69 16.91 -24.72
C GLY A 1 6.39 16.77 -23.22
N SER A 2 5.73 15.67 -22.88
CA SER A 2 5.39 15.41 -21.49
C SER A 2 5.78 13.97 -21.11
N SER A 3 7.03 13.81 -20.72
CA SER A 3 7.53 12.50 -20.34
C SER A 3 8.92 12.64 -19.71
N GLY A 4 9.03 12.12 -18.49
CA GLY A 4 10.28 12.18 -17.77
C GLY A 4 10.36 11.10 -16.70
N SER A 5 9.59 11.30 -15.65
CA SER A 5 9.55 10.34 -14.55
C SER A 5 8.61 9.20 -14.89
N SER A 6 7.38 9.57 -15.22
CA SER A 6 6.37 8.58 -15.57
C SER A 6 6.03 7.72 -14.34
N GLY A 7 4.96 6.96 -14.47
CA GLY A 7 4.52 6.10 -13.38
C GLY A 7 2.99 6.10 -13.26
N MET A 8 2.53 5.81 -12.06
CA MET A 8 1.10 5.79 -11.78
C MET A 8 0.80 6.23 -10.35
N THR A 9 -0.48 6.37 -10.07
CA THR A 9 -0.91 6.78 -8.74
C THR A 9 -1.90 5.77 -8.15
N VAL A 10 -1.36 4.90 -7.31
CA VAL A 10 -2.17 3.87 -6.68
C VAL A 10 -2.68 4.38 -5.34
N ARG A 11 -4.00 4.39 -5.20
CA ARG A 11 -4.62 4.85 -3.97
C ARG A 11 -4.73 3.71 -2.96
N VAL A 12 -4.57 4.07 -1.69
CA VAL A 12 -4.65 3.08 -0.63
C VAL A 12 -5.81 3.44 0.31
N CYS A 13 -7.02 3.08 -0.14
CA CYS A 13 -8.21 3.36 0.65
C CYS A 13 -8.18 2.47 1.89
N LYS A 14 -7.54 2.98 2.93
CA LYS A 14 -7.45 2.25 4.18
C LYS A 14 -8.75 1.50 4.44
N MET A 15 -9.66 2.18 5.12
CA MET A 15 -10.95 1.58 5.44
C MET A 15 -11.95 2.65 5.90
N ASP A 16 -11.45 3.55 6.74
CA ASP A 16 -12.28 4.62 7.27
C ASP A 16 -12.64 5.59 6.13
N GLY A 17 -11.71 5.70 5.18
CA GLY A 17 -11.91 6.59 4.05
C GLY A 17 -10.60 7.26 3.64
N GLU A 18 -9.68 7.33 4.59
CA GLU A 18 -8.39 7.93 4.34
C GLU A 18 -7.60 7.11 3.32
N VAL A 19 -7.44 7.68 2.14
CA VAL A 19 -6.71 7.01 1.07
C VAL A 19 -5.42 7.77 0.80
N MET A 20 -4.36 7.00 0.58
CA MET A 20 -3.05 7.58 0.31
C MET A 20 -2.60 7.26 -1.12
N PRO A 21 -2.32 8.35 -1.89
CA PRO A 21 -1.88 8.19 -3.27
C PRO A 21 -0.42 7.73 -3.33
N VAL A 22 -0.24 6.49 -3.74
CA VAL A 22 1.09 5.92 -3.84
C VAL A 22 1.52 5.91 -5.31
N VAL A 23 2.83 6.03 -5.51
CA VAL A 23 3.38 6.04 -6.85
C VAL A 23 4.25 4.80 -7.05
N VAL A 24 4.19 4.26 -8.26
CA VAL A 24 4.96 3.07 -8.59
C VAL A 24 5.21 3.04 -10.10
N VAL A 25 6.23 2.28 -10.48
CA VAL A 25 6.60 2.16 -11.88
C VAL A 25 5.33 1.85 -12.70
N GLN A 26 5.41 2.18 -13.98
CA GLN A 26 4.29 1.95 -14.88
C GLN A 26 3.91 0.46 -14.88
N ASN A 27 4.84 -0.35 -14.40
CA ASN A 27 4.62 -1.78 -14.35
C ASN A 27 5.13 -2.32 -13.00
N ALA A 28 4.51 -1.85 -11.94
CA ALA A 28 4.89 -2.27 -10.59
C ALA A 28 4.09 -3.51 -10.22
N THR A 29 4.40 -4.05 -9.05
CA THR A 29 3.72 -5.23 -8.55
C THR A 29 3.26 -5.02 -7.10
N VAL A 30 2.70 -6.07 -6.54
CA VAL A 30 2.22 -6.02 -5.17
C VAL A 30 3.36 -5.57 -4.24
N LEU A 31 4.51 -6.19 -4.43
CA LEU A 31 5.67 -5.86 -3.63
C LEU A 31 5.96 -4.36 -3.73
N ASP A 32 6.25 -3.94 -4.96
CA ASP A 32 6.54 -2.53 -5.20
C ASP A 32 5.58 -1.67 -4.38
N LEU A 33 4.29 -1.87 -4.63
CA LEU A 33 3.27 -1.11 -3.92
C LEU A 33 3.66 -0.98 -2.45
N LYS A 34 3.84 -2.13 -1.81
CA LYS A 34 4.22 -2.15 -0.41
C LYS A 34 5.49 -1.30 -0.22
N LYS A 35 6.44 -1.52 -1.11
CA LYS A 35 7.69 -0.79 -1.04
C LYS A 35 7.42 0.72 -1.12
N ALA A 36 6.43 1.05 -1.94
CA ALA A 36 6.06 2.45 -2.12
C ALA A 36 5.44 2.97 -0.82
N ILE A 37 4.25 2.48 -0.53
CA ILE A 37 3.55 2.89 0.68
C ILE A 37 4.55 3.01 1.83
N GLN A 38 5.57 2.18 1.76
CA GLN A 38 6.60 2.17 2.79
C GLN A 38 7.45 3.44 2.71
N ARG A 39 8.02 3.65 1.54
CA ARG A 39 8.86 4.83 1.31
C ARG A 39 7.99 6.09 1.30
N TYR A 40 6.69 5.89 1.36
CA TYR A 40 5.75 6.99 1.37
C TYR A 40 5.52 7.51 2.79
N VAL A 41 5.47 6.58 3.72
CA VAL A 41 5.24 6.92 5.11
C VAL A 41 6.60 7.04 5.82
N GLN A 42 7.50 6.15 5.45
CA GLN A 42 8.83 6.14 6.04
C GLN A 42 9.55 7.46 5.74
N LEU A 43 9.86 7.66 4.47
CA LEU A 43 10.54 8.87 4.04
C LEU A 43 9.93 10.07 4.76
N LYS A 44 8.61 10.03 4.89
CA LYS A 44 7.89 11.11 5.55
C LYS A 44 8.38 11.24 6.99
N GLN A 45 8.02 10.27 7.81
CA GLN A 45 8.42 10.27 9.20
C GLN A 45 9.90 10.65 9.33
N GLU A 46 10.68 10.17 8.37
CA GLU A 46 12.11 10.45 8.36
C GLU A 46 12.35 11.95 8.52
N ARG A 47 11.74 12.71 7.63
CA ARG A 47 11.89 14.16 7.67
C ARG A 47 10.94 14.77 8.70
N GLU A 48 9.91 14.01 9.03
CA GLU A 48 8.93 14.47 10.00
C GLU A 48 9.33 14.01 11.41
N GLY A 49 10.63 13.71 11.55
CA GLY A 49 11.14 13.27 12.83
C GLY A 49 12.39 12.40 12.64
N GLY A 50 12.16 11.13 12.32
CA GLY A 50 13.23 10.19 12.11
C GLY A 50 13.19 9.06 13.13
N VAL A 51 13.07 9.45 14.40
CA VAL A 51 13.01 8.48 15.48
C VAL A 51 12.04 7.35 15.10
N GLN A 52 12.60 6.15 14.96
CA GLN A 52 11.81 4.99 14.60
C GLN A 52 10.60 4.87 15.51
N HIS A 53 9.46 4.58 14.90
CA HIS A 53 8.22 4.45 15.64
C HIS A 53 7.12 3.93 14.71
N ILE A 54 7.42 2.86 14.00
CA ILE A 54 6.48 2.27 13.08
C ILE A 54 6.47 0.75 13.25
N SER A 55 5.27 0.19 13.20
CA SER A 55 5.11 -1.24 13.35
C SER A 55 4.58 -1.85 12.06
N TRP A 56 5.44 -1.88 11.04
CA TRP A 56 5.07 -2.43 9.76
C TRP A 56 4.80 -3.92 9.93
N SER A 57 5.58 -4.53 10.82
CA SER A 57 5.43 -5.95 11.10
C SER A 57 3.96 -6.29 11.31
N TYR A 58 3.38 -5.65 12.31
CA TYR A 58 1.97 -5.88 12.63
C TYR A 58 1.07 -5.43 11.48
N VAL A 59 1.31 -4.22 11.00
CA VAL A 59 0.54 -3.67 9.91
C VAL A 59 0.41 -4.71 8.80
N TRP A 60 1.54 -5.02 8.19
CA TRP A 60 1.58 -6.00 7.11
C TRP A 60 1.02 -7.32 7.66
N ARG A 61 1.36 -7.59 8.91
CA ARG A 61 0.90 -8.81 9.56
C ARG A 61 -0.46 -8.57 10.23
N THR A 62 -1.33 -7.89 9.51
CA THR A 62 -2.65 -7.59 10.02
C THR A 62 -3.62 -7.31 8.88
N TYR A 63 -3.16 -6.49 7.94
CA TYR A 63 -3.97 -6.13 6.78
C TYR A 63 -3.24 -6.47 5.48
N HIS A 64 -3.99 -6.40 4.39
CA HIS A 64 -3.43 -6.68 3.08
C HIS A 64 -3.95 -5.66 2.07
N LEU A 65 -3.45 -5.77 0.85
CA LEU A 65 -3.85 -4.87 -0.21
C LEU A 65 -4.85 -5.57 -1.13
N THR A 66 -5.92 -4.85 -1.45
CA THR A 66 -6.96 -5.40 -2.30
C THR A 66 -7.27 -4.42 -3.44
N SER A 67 -8.03 -4.92 -4.41
CA SER A 67 -8.41 -4.11 -5.56
C SER A 67 -9.20 -4.95 -6.56
N ALA A 68 -10.37 -4.44 -6.91
CA ALA A 68 -11.24 -5.14 -7.85
C ALA A 68 -12.08 -6.17 -7.08
N GLY A 69 -11.40 -6.93 -6.24
CA GLY A 69 -12.08 -7.95 -5.46
C GLY A 69 -11.10 -9.05 -5.03
N GLU A 70 -10.03 -9.17 -5.78
CA GLU A 70 -9.01 -10.17 -5.48
C GLU A 70 -8.05 -9.64 -4.41
N LYS A 71 -7.35 -10.57 -3.78
CA LYS A 71 -6.40 -10.22 -2.74
C LYS A 71 -4.99 -10.18 -3.33
N LEU A 72 -4.40 -8.99 -3.25
CA LEU A 72 -3.05 -8.80 -3.78
C LEU A 72 -2.04 -9.44 -2.83
N THR A 73 -1.83 -10.74 -3.04
CA THR A 73 -0.89 -11.48 -2.20
C THR A 73 0.27 -11.99 -3.05
N GLU A 74 0.14 -11.83 -4.36
CA GLU A 74 1.17 -12.28 -5.28
C GLU A 74 2.17 -11.15 -5.52
N ASP A 75 3.37 -11.34 -4.98
CA ASP A 75 4.42 -10.35 -5.13
C ASP A 75 5.02 -10.46 -6.53
N ARG A 76 4.93 -11.65 -7.10
CA ARG A 76 5.45 -11.90 -8.43
C ARG A 76 4.44 -11.45 -9.49
N LYS A 77 3.19 -11.34 -9.06
CA LYS A 77 2.13 -10.92 -9.95
C LYS A 77 2.10 -9.39 -10.01
N LYS A 78 2.19 -8.87 -11.22
CA LYS A 78 2.17 -7.43 -11.43
C LYS A 78 0.74 -6.91 -11.23
N LEU A 79 0.65 -5.67 -10.79
CA LEU A 79 -0.64 -5.05 -10.56
C LEU A 79 -1.44 -5.03 -11.86
N ARG A 80 -0.73 -4.77 -12.95
CA ARG A 80 -1.37 -4.72 -14.26
C ARG A 80 -2.00 -6.07 -14.58
N ASP A 81 -1.29 -7.13 -14.25
CA ASP A 81 -1.78 -8.48 -14.50
C ASP A 81 -3.03 -8.72 -13.65
N TYR A 82 -3.20 -7.89 -12.64
CA TYR A 82 -4.35 -8.01 -11.75
C TYR A 82 -5.49 -7.11 -12.22
N GLY A 83 -5.24 -6.40 -13.31
CA GLY A 83 -6.24 -5.50 -13.88
C GLY A 83 -6.10 -4.09 -13.30
N ILE A 84 -5.02 -3.90 -12.54
CA ILE A 84 -4.78 -2.60 -11.92
C ILE A 84 -3.87 -1.77 -12.84
N ARG A 85 -4.46 -0.72 -13.39
CA ARG A 85 -3.74 0.17 -14.29
C ARG A 85 -3.33 1.44 -13.55
N ASN A 86 -2.75 2.36 -14.31
CA ASN A 86 -2.31 3.63 -13.75
C ASN A 86 -3.54 4.43 -13.30
N ARG A 87 -3.35 5.16 -12.20
CA ARG A 87 -4.43 5.96 -11.65
C ARG A 87 -5.56 5.07 -11.14
N ASP A 88 -5.17 3.91 -10.64
CA ASP A 88 -6.13 2.96 -10.11
C ASP A 88 -6.42 3.29 -8.64
N GLU A 89 -7.18 2.42 -8.01
CA GLU A 89 -7.53 2.61 -6.61
C GLU A 89 -7.43 1.28 -5.85
N VAL A 90 -6.57 1.29 -4.85
CA VAL A 90 -6.36 0.10 -4.03
C VAL A 90 -6.81 0.37 -2.60
N SER A 91 -7.27 -0.67 -1.94
CA SER A 91 -7.73 -0.55 -0.56
C SER A 91 -7.01 -1.57 0.33
N PHE A 92 -7.18 -1.40 1.62
CA PHE A 92 -6.55 -2.29 2.59
C PHE A 92 -7.58 -3.21 3.23
N ILE A 93 -7.27 -4.50 3.23
CA ILE A 93 -8.15 -5.49 3.81
C ILE A 93 -7.56 -5.99 5.13
N LYS A 94 -8.41 -6.62 5.92
CA LYS A 94 -7.99 -7.15 7.21
C LYS A 94 -7.99 -8.68 7.15
N LYS A 95 -6.88 -9.26 7.60
CA LYS A 95 -6.74 -10.70 7.60
C LYS A 95 -7.93 -11.33 8.33
N LEU A 96 -7.91 -12.65 8.41
CA LEU A 96 -8.98 -13.38 9.07
C LEU A 96 -8.41 -14.14 10.27
N GLY A 97 -8.30 -13.43 11.39
CA GLY A 97 -7.78 -14.02 12.61
C GLY A 97 -6.40 -13.46 12.94
N GLN A 98 -6.29 -12.92 14.14
CA GLN A 98 -5.03 -12.35 14.60
C GLN A 98 -5.18 -11.79 16.01
N LYS A 99 -4.06 -11.76 16.73
CA LYS A 99 -4.05 -11.25 18.08
C LYS A 99 -3.38 -9.87 18.11
N SER A 100 -4.02 -8.95 18.81
CA SER A 100 -3.51 -7.60 18.93
C SER A 100 -2.18 -7.61 19.70
N GLY A 101 -1.48 -6.49 19.62
CA GLY A 101 -0.21 -6.36 20.31
C GLY A 101 0.88 -5.85 19.35
N PRO A 102 0.85 -4.52 19.12
CA PRO A 102 1.83 -3.89 18.24
C PRO A 102 3.19 -3.78 18.91
N SER A 103 4.23 -3.79 18.08
CA SER A 103 5.59 -3.69 18.58
C SER A 103 6.07 -2.24 18.50
N SER A 104 5.78 -1.49 19.56
CA SER A 104 6.18 -0.10 19.62
C SER A 104 5.72 0.64 18.35
N GLY A 105 4.43 0.87 18.28
CA GLY A 105 3.85 1.56 17.13
C GLY A 105 3.95 3.07 17.29
N GLY A 1 15.90 16.53 -19.02
CA GLY A 1 16.80 16.90 -17.95
C GLY A 1 16.07 16.97 -16.60
N SER A 2 16.77 17.48 -15.61
CA SER A 2 16.20 17.59 -14.28
C SER A 2 15.73 16.23 -13.78
N SER A 3 15.44 16.17 -12.50
CA SER A 3 14.97 14.93 -11.90
C SER A 3 13.67 14.47 -12.57
N GLY A 4 13.75 13.30 -13.18
CA GLY A 4 12.60 12.73 -13.87
C GLY A 4 11.55 12.26 -12.87
N SER A 5 10.45 11.75 -13.42
CA SER A 5 9.36 11.27 -12.58
C SER A 5 8.46 10.33 -13.40
N SER A 6 8.74 9.04 -13.28
CA SER A 6 7.96 8.05 -13.99
C SER A 6 7.29 7.09 -13.00
N GLY A 7 6.18 6.52 -13.44
CA GLY A 7 5.43 5.60 -12.60
C GLY A 7 3.92 5.87 -12.68
N MET A 8 3.28 5.78 -11.53
CA MET A 8 1.85 6.02 -11.46
C MET A 8 1.44 6.47 -10.05
N THR A 9 0.14 6.65 -9.88
CA THR A 9 -0.40 7.07 -8.59
C THR A 9 -1.46 6.10 -8.10
N VAL A 10 -1.05 5.22 -7.20
CA VAL A 10 -1.96 4.24 -6.65
C VAL A 10 -2.48 4.72 -5.29
N ARG A 11 -3.76 5.08 -5.28
CA ARG A 11 -4.38 5.56 -4.06
C ARG A 11 -4.75 4.39 -3.15
N VAL A 12 -4.11 4.36 -1.99
CA VAL A 12 -4.36 3.31 -1.02
C VAL A 12 -5.47 3.74 -0.06
N CYS A 13 -6.30 2.78 0.32
CA CYS A 13 -7.39 3.06 1.23
C CYS A 13 -7.11 2.36 2.56
N LYS A 14 -6.50 3.11 3.46
CA LYS A 14 -6.16 2.58 4.77
C LYS A 14 -7.38 1.88 5.37
N MET A 15 -7.12 1.00 6.30
CA MET A 15 -8.18 0.26 6.97
C MET A 15 -9.23 1.21 7.56
N ASP A 16 -8.72 2.22 8.25
CA ASP A 16 -9.60 3.21 8.87
C ASP A 16 -8.91 4.58 8.83
N GLY A 17 -8.38 4.92 7.67
CA GLY A 17 -7.70 6.19 7.49
C GLY A 17 -8.18 6.88 6.21
N GLU A 18 -7.32 7.76 5.70
CA GLU A 18 -7.64 8.50 4.49
C GLU A 18 -6.88 7.92 3.31
N VAL A 19 -7.33 8.28 2.11
CA VAL A 19 -6.69 7.80 0.90
C VAL A 19 -5.29 8.39 0.79
N MET A 20 -4.35 7.53 0.42
CA MET A 20 -2.96 7.95 0.27
C MET A 20 -2.44 7.65 -1.13
N PRO A 21 -1.97 8.73 -1.81
CA PRO A 21 -1.43 8.59 -3.16
C PRO A 21 -0.05 7.96 -3.14
N VAL A 22 0.01 6.70 -3.57
CA VAL A 22 1.26 5.98 -3.61
C VAL A 22 1.80 5.96 -5.04
N VAL A 23 3.12 5.93 -5.15
CA VAL A 23 3.76 5.92 -6.45
C VAL A 23 4.53 4.61 -6.61
N VAL A 24 4.58 4.14 -7.86
CA VAL A 24 5.28 2.90 -8.15
C VAL A 24 5.66 2.88 -9.64
N VAL A 25 6.53 1.95 -9.98
CA VAL A 25 6.99 1.82 -11.35
C VAL A 25 5.82 1.41 -12.24
N GLN A 26 5.91 1.78 -13.51
CA GLN A 26 4.86 1.46 -14.47
C GLN A 26 4.54 -0.03 -14.42
N ASN A 27 5.54 -0.81 -14.02
CA ASN A 27 5.37 -2.26 -13.92
C ASN A 27 5.74 -2.71 -12.50
N ALA A 28 5.01 -2.16 -11.54
CA ALA A 28 5.25 -2.51 -10.14
C ALA A 28 4.45 -3.77 -9.79
N THR A 29 4.66 -4.23 -8.57
CA THR A 29 3.98 -5.42 -8.10
C THR A 29 3.34 -5.16 -6.73
N VAL A 30 2.67 -6.19 -6.22
CA VAL A 30 2.01 -6.09 -4.93
C VAL A 30 3.03 -5.63 -3.88
N LEU A 31 4.18 -6.29 -3.88
CA LEU A 31 5.24 -5.96 -2.94
C LEU A 31 5.56 -4.46 -3.05
N ASP A 32 5.86 -4.04 -4.27
CA ASP A 32 6.18 -2.66 -4.51
C ASP A 32 5.16 -1.75 -3.81
N LEU A 33 3.89 -2.01 -4.11
CA LEU A 33 2.81 -1.24 -3.52
C LEU A 33 3.13 -0.98 -2.05
N LYS A 34 3.41 -2.06 -1.33
CA LYS A 34 3.73 -1.97 0.08
C LYS A 34 5.01 -1.16 0.26
N LYS A 35 6.06 -1.61 -0.42
CA LYS A 35 7.35 -0.94 -0.34
C LYS A 35 7.14 0.56 -0.59
N ALA A 36 6.10 0.87 -1.34
CA ALA A 36 5.79 2.26 -1.65
C ALA A 36 5.10 2.90 -0.45
N ILE A 37 3.90 2.43 -0.17
CA ILE A 37 3.13 2.96 0.95
C ILE A 37 4.06 3.19 2.13
N GLN A 38 5.11 2.39 2.20
CA GLN A 38 6.08 2.49 3.27
C GLN A 38 7.01 3.68 3.03
N ARG A 39 7.54 3.73 1.82
CA ARG A 39 8.44 4.81 1.44
C ARG A 39 7.69 6.13 1.37
N TYR A 40 6.38 6.05 1.52
CA TYR A 40 5.54 7.22 1.47
C TYR A 40 5.45 7.89 2.84
N VAL A 41 5.38 7.05 3.87
CA VAL A 41 5.29 7.55 5.24
C VAL A 41 6.70 7.59 5.85
N GLN A 42 7.44 6.52 5.59
CA GLN A 42 8.81 6.42 6.11
C GLN A 42 9.61 7.65 5.71
N LEU A 43 9.92 7.73 4.43
CA LEU A 43 10.69 8.85 3.91
C LEU A 43 10.04 10.16 4.34
N LYS A 44 8.78 10.32 3.93
CA LYS A 44 8.03 11.52 4.27
C LYS A 44 8.33 11.91 5.72
N GLN A 45 7.94 11.03 6.62
CA GLN A 45 8.16 11.28 8.05
C GLN A 45 9.59 11.74 8.29
N GLU A 46 10.53 10.96 7.75
CA GLU A 46 11.94 11.28 7.90
C GLU A 46 12.20 12.75 7.58
N ARG A 47 11.80 13.12 6.38
CA ARG A 47 11.98 14.50 5.93
C ARG A 47 11.19 15.45 6.82
N GLU A 48 10.19 14.89 7.50
CA GLU A 48 9.36 15.68 8.39
C GLU A 48 9.75 15.42 9.84
N GLY A 49 10.93 14.86 10.02
CA GLY A 49 11.43 14.56 11.35
C GLY A 49 10.43 13.69 12.12
N GLY A 50 10.40 12.42 11.74
CA GLY A 50 9.50 11.47 12.38
C GLY A 50 10.10 10.06 12.38
N VAL A 51 10.50 9.62 13.56
CA VAL A 51 11.09 8.30 13.72
C VAL A 51 10.00 7.24 13.56
N GLN A 52 10.26 6.30 12.68
CA GLN A 52 9.31 5.22 12.42
C GLN A 52 8.83 4.62 13.74
N HIS A 53 7.53 4.37 13.81
CA HIS A 53 6.93 3.81 15.01
C HIS A 53 5.75 2.92 14.61
N ILE A 54 5.85 2.35 13.42
CA ILE A 54 4.79 1.48 12.92
C ILE A 54 5.39 0.10 12.61
N SER A 55 4.70 -0.92 13.07
CA SER A 55 5.13 -2.29 12.84
C SER A 55 4.51 -2.83 11.56
N TRP A 56 4.97 -2.29 10.43
CA TRP A 56 4.47 -2.70 9.14
C TRP A 56 4.49 -4.23 9.10
N SER A 57 5.53 -4.80 9.68
CA SER A 57 5.69 -6.24 9.73
C SER A 57 4.34 -6.90 10.05
N TYR A 58 3.82 -6.58 11.22
CA TYR A 58 2.55 -7.12 11.66
C TYR A 58 1.42 -6.69 10.73
N VAL A 59 1.45 -5.41 10.35
CA VAL A 59 0.44 -4.87 9.47
C VAL A 59 0.24 -5.81 8.29
N TRP A 60 1.34 -6.13 7.62
CA TRP A 60 1.30 -7.01 6.48
C TRP A 60 0.95 -8.42 6.97
N ARG A 61 1.31 -8.67 8.22
CA ARG A 61 1.05 -9.96 8.83
C ARG A 61 -0.30 -9.95 9.55
N THR A 62 -1.19 -9.09 9.07
CA THR A 62 -2.50 -8.95 9.65
C THR A 62 -3.52 -8.51 8.60
N TYR A 63 -3.13 -7.48 7.85
CA TYR A 63 -3.99 -6.95 6.81
C TYR A 63 -3.39 -7.20 5.42
N HIS A 64 -4.24 -7.13 4.41
CA HIS A 64 -3.81 -7.34 3.05
C HIS A 64 -4.25 -6.16 2.17
N LEU A 65 -3.86 -6.22 0.91
CA LEU A 65 -4.20 -5.16 -0.03
C LEU A 65 -5.26 -5.68 -1.02
N THR A 66 -6.43 -5.05 -0.96
CA THR A 66 -7.52 -5.44 -1.84
C THR A 66 -7.85 -4.31 -2.80
N SER A 67 -8.58 -4.66 -3.87
CA SER A 67 -8.97 -3.69 -4.86
C SER A 67 -10.45 -3.86 -5.19
N ALA A 68 -10.79 -5.03 -5.71
CA ALA A 68 -12.16 -5.33 -6.08
C ALA A 68 -12.32 -6.84 -6.23
N GLY A 69 -12.33 -7.51 -5.08
CA GLY A 69 -12.49 -8.96 -5.07
C GLY A 69 -11.13 -9.65 -5.17
N GLU A 70 -10.24 -9.05 -5.94
CA GLU A 70 -8.92 -9.60 -6.12
C GLU A 70 -8.02 -9.23 -4.94
N LYS A 71 -7.58 -10.25 -4.22
CA LYS A 71 -6.72 -10.06 -3.07
C LYS A 71 -5.27 -9.88 -3.54
N LEU A 72 -4.74 -8.70 -3.28
CA LEU A 72 -3.37 -8.39 -3.68
C LEU A 72 -2.40 -9.05 -2.69
N THR A 73 -1.99 -10.26 -3.03
CA THR A 73 -1.08 -11.01 -2.19
C THR A 73 0.21 -11.33 -2.95
N GLU A 74 0.03 -12.03 -4.06
CA GLU A 74 1.17 -12.41 -4.89
C GLU A 74 2.06 -11.20 -5.16
N ASP A 75 3.32 -11.33 -4.76
CA ASP A 75 4.28 -10.25 -4.95
C ASP A 75 5.00 -10.44 -6.28
N ARG A 76 5.28 -11.70 -6.59
CA ARG A 76 5.97 -12.03 -7.82
C ARG A 76 5.10 -11.65 -9.03
N LYS A 77 3.85 -11.33 -8.74
CA LYS A 77 2.91 -10.95 -9.78
C LYS A 77 2.84 -9.42 -9.85
N LYS A 78 2.81 -8.91 -11.07
CA LYS A 78 2.73 -7.47 -11.29
C LYS A 78 1.28 -7.01 -11.14
N LEU A 79 1.13 -5.75 -10.78
CA LEU A 79 -0.19 -5.18 -10.60
C LEU A 79 -0.93 -5.18 -11.94
N ARG A 80 -0.19 -4.84 -12.99
CA ARG A 80 -0.76 -4.80 -14.32
C ARG A 80 -1.31 -6.18 -14.71
N ASP A 81 -0.76 -7.20 -14.07
CA ASP A 81 -1.19 -8.56 -14.33
C ASP A 81 -2.45 -8.87 -13.51
N TYR A 82 -2.78 -7.93 -12.64
CA TYR A 82 -3.97 -8.09 -11.81
C TYR A 82 -5.08 -7.16 -12.27
N GLY A 83 -4.79 -6.39 -13.29
CA GLY A 83 -5.76 -5.46 -13.84
C GLY A 83 -5.52 -4.04 -13.31
N ILE A 84 -4.68 -3.96 -12.30
CA ILE A 84 -4.36 -2.68 -11.69
C ILE A 84 -3.40 -1.91 -12.60
N ARG A 85 -3.81 -0.71 -12.97
CA ARG A 85 -2.99 0.13 -13.83
C ARG A 85 -2.73 1.48 -13.17
N ASN A 86 -2.08 2.36 -13.92
CA ASN A 86 -1.76 3.68 -13.41
C ASN A 86 -3.07 4.41 -13.05
N ARG A 87 -2.98 5.21 -12.00
CA ARG A 87 -4.14 5.96 -11.54
C ARG A 87 -5.24 5.01 -11.07
N ASP A 88 -4.88 4.17 -10.10
CA ASP A 88 -5.81 3.21 -9.56
C ASP A 88 -6.01 3.48 -8.06
N GLU A 89 -6.97 2.78 -7.48
CA GLU A 89 -7.26 2.93 -6.07
C GLU A 89 -7.38 1.57 -5.39
N VAL A 90 -6.40 1.28 -4.54
CA VAL A 90 -6.37 0.02 -3.84
C VAL A 90 -6.81 0.24 -2.39
N SER A 91 -7.44 -0.78 -1.83
CA SER A 91 -7.92 -0.71 -0.46
C SER A 91 -7.26 -1.80 0.39
N PHE A 92 -7.45 -1.68 1.69
CA PHE A 92 -6.88 -2.66 2.62
C PHE A 92 -7.94 -3.66 3.09
N ILE A 93 -7.47 -4.76 3.64
CA ILE A 93 -8.36 -5.79 4.13
C ILE A 93 -7.77 -6.41 5.39
N LYS A 94 -8.64 -6.97 6.21
CA LYS A 94 -8.23 -7.59 7.46
C LYS A 94 -8.34 -9.11 7.32
N LYS A 95 -7.31 -9.79 7.80
CA LYS A 95 -7.28 -11.25 7.75
C LYS A 95 -8.44 -11.81 8.56
N LEU A 96 -8.48 -13.13 8.63
CA LEU A 96 -9.54 -13.80 9.37
C LEU A 96 -9.03 -14.16 10.77
N GLY A 97 -9.19 -13.21 11.68
CA GLY A 97 -8.76 -13.41 13.05
C GLY A 97 -9.77 -12.84 14.04
N GLN A 98 -9.27 -12.46 15.20
CA GLN A 98 -10.11 -11.90 16.25
C GLN A 98 -9.38 -10.77 16.97
N LYS A 99 -9.47 -9.58 16.39
CA LYS A 99 -8.83 -8.41 16.97
C LYS A 99 -7.31 -8.57 16.84
N SER A 100 -6.78 -9.51 17.58
CA SER A 100 -5.34 -9.77 17.57
C SER A 100 -4.58 -8.55 18.11
N GLY A 101 -3.91 -8.77 19.23
CA GLY A 101 -3.15 -7.71 19.86
C GLY A 101 -4.08 -6.66 20.49
N PRO A 102 -4.30 -6.81 21.83
CA PRO A 102 -5.16 -5.90 22.56
C PRO A 102 -4.46 -4.56 22.79
N SER A 103 -4.61 -3.68 21.82
CA SER A 103 -4.01 -2.35 21.91
C SER A 103 -4.58 -1.44 20.82
N SER A 104 -4.42 -1.87 19.58
CA SER A 104 -4.91 -1.10 18.45
C SER A 104 -4.94 -1.98 17.19
N GLY A 105 -5.29 -1.35 16.08
CA GLY A 105 -5.34 -2.05 14.81
C GLY A 105 -4.04 -1.87 14.02
N GLY A 1 11.78 14.02 -8.34
CA GLY A 1 11.08 15.06 -7.59
C GLY A 1 9.57 14.97 -7.82
N SER A 2 9.05 16.01 -8.47
CA SER A 2 7.62 16.06 -8.76
C SER A 2 7.41 16.34 -10.25
N SER A 3 7.96 17.46 -10.70
CA SER A 3 7.83 17.86 -12.09
C SER A 3 8.14 16.66 -13.00
N GLY A 4 7.10 16.15 -13.64
CA GLY A 4 7.25 15.02 -14.54
C GLY A 4 6.02 14.10 -14.48
N SER A 5 6.14 12.96 -15.13
CA SER A 5 5.06 12.00 -15.16
C SER A 5 5.54 10.69 -15.80
N SER A 6 6.03 9.79 -14.95
CA SER A 6 6.51 8.50 -15.41
C SER A 6 6.20 7.43 -14.38
N GLY A 7 4.94 7.00 -14.38
CA GLY A 7 4.50 5.98 -13.45
C GLY A 7 2.98 6.00 -13.29
N MET A 8 2.54 5.71 -12.07
CA MET A 8 1.12 5.70 -11.77
C MET A 8 0.85 6.13 -10.32
N THR A 9 -0.42 6.33 -10.03
CA THR A 9 -0.82 6.73 -8.69
C THR A 9 -1.78 5.71 -8.07
N VAL A 10 -1.21 4.80 -7.30
CA VAL A 10 -1.99 3.76 -6.65
C VAL A 10 -2.51 4.28 -5.32
N ARG A 11 -3.83 4.46 -5.26
CA ARG A 11 -4.46 4.95 -4.04
C ARG A 11 -4.71 3.79 -3.07
N VAL A 12 -4.36 4.03 -1.81
CA VAL A 12 -4.55 3.02 -0.79
C VAL A 12 -5.54 3.55 0.27
N CYS A 13 -6.81 3.25 0.05
CA CYS A 13 -7.85 3.68 0.96
C CYS A 13 -7.78 2.81 2.21
N LYS A 14 -6.90 3.22 3.13
CA LYS A 14 -6.73 2.50 4.37
C LYS A 14 -8.09 2.00 4.87
N MET A 15 -8.05 0.91 5.61
CA MET A 15 -9.26 0.32 6.15
C MET A 15 -10.10 1.37 6.88
N ASP A 16 -9.40 2.34 7.46
CA ASP A 16 -10.06 3.41 8.19
C ASP A 16 -10.82 4.30 7.20
N GLY A 17 -10.11 4.75 6.18
CA GLY A 17 -10.69 5.60 5.17
C GLY A 17 -9.62 6.41 4.44
N GLU A 18 -8.83 7.12 5.23
CA GLU A 18 -7.75 7.94 4.67
C GLU A 18 -7.03 7.18 3.56
N VAL A 19 -7.07 7.76 2.36
CA VAL A 19 -6.42 7.14 1.22
C VAL A 19 -5.09 7.85 0.96
N MET A 20 -4.07 7.05 0.72
CA MET A 20 -2.75 7.59 0.44
C MET A 20 -2.33 7.29 -1.00
N PRO A 21 -2.01 8.39 -1.73
CA PRO A 21 -1.59 8.27 -3.12
C PRO A 21 -0.15 7.75 -3.21
N VAL A 22 -0.03 6.49 -3.62
CA VAL A 22 1.27 5.87 -3.75
C VAL A 22 1.65 5.81 -5.24
N VAL A 23 2.95 5.94 -5.49
CA VAL A 23 3.46 5.89 -6.85
C VAL A 23 4.39 4.69 -7.01
N VAL A 24 4.30 4.07 -8.17
CA VAL A 24 5.12 2.91 -8.47
C VAL A 24 5.49 2.91 -9.95
N VAL A 25 6.17 1.86 -10.36
CA VAL A 25 6.60 1.72 -11.75
C VAL A 25 5.42 1.19 -12.58
N GLN A 26 5.36 1.65 -13.82
CA GLN A 26 4.31 1.23 -14.72
C GLN A 26 4.10 -0.30 -14.63
N ASN A 27 5.19 -0.98 -14.28
CA ASN A 27 5.14 -2.43 -14.16
C ASN A 27 5.57 -2.83 -12.74
N ALA A 28 4.81 -2.34 -11.77
CA ALA A 28 5.10 -2.64 -10.37
C ALA A 28 4.31 -3.88 -9.94
N THR A 29 4.63 -4.37 -8.76
CA THR A 29 3.96 -5.55 -8.22
C THR A 29 3.50 -5.30 -6.79
N VAL A 30 2.96 -6.34 -6.19
CA VAL A 30 2.47 -6.24 -4.81
C VAL A 30 3.62 -5.79 -3.91
N LEU A 31 4.79 -6.36 -4.16
CA LEU A 31 5.96 -6.03 -3.37
C LEU A 31 6.19 -4.52 -3.39
N ASP A 32 6.54 -4.03 -4.56
CA ASP A 32 6.79 -2.61 -4.74
C ASP A 32 5.70 -1.82 -4.01
N LEU A 33 4.46 -2.22 -4.25
CA LEU A 33 3.32 -1.57 -3.63
C LEU A 33 3.68 -1.20 -2.18
N LYS A 34 3.79 -2.23 -1.36
CA LYS A 34 4.12 -2.03 0.04
C LYS A 34 5.35 -1.12 0.15
N LYS A 35 6.41 -1.55 -0.50
CA LYS A 35 7.65 -0.78 -0.49
C LYS A 35 7.33 0.71 -0.66
N ALA A 36 6.41 0.98 -1.58
CA ALA A 36 6.01 2.35 -1.84
C ALA A 36 5.26 2.90 -0.62
N ILE A 37 4.10 2.34 -0.37
CA ILE A 37 3.29 2.77 0.76
C ILE A 37 4.20 3.04 1.96
N GLN A 38 5.29 2.28 2.01
CA GLN A 38 6.24 2.42 3.10
C GLN A 38 7.09 3.69 2.91
N ARG A 39 7.62 3.82 1.70
CA ARG A 39 8.45 4.97 1.37
C ARG A 39 7.60 6.24 1.34
N TYR A 40 6.30 6.05 1.45
CA TYR A 40 5.37 7.16 1.43
C TYR A 40 5.21 7.77 2.83
N VAL A 41 5.19 6.88 3.82
CA VAL A 41 5.04 7.29 5.20
C VAL A 41 6.42 7.45 5.83
N GLN A 42 7.29 6.49 5.53
CA GLN A 42 8.64 6.50 6.05
C GLN A 42 9.34 7.79 5.67
N LEU A 43 9.62 7.93 4.38
CA LEU A 43 10.29 9.12 3.87
C LEU A 43 9.69 10.36 4.54
N LYS A 44 8.36 10.33 4.65
CA LYS A 44 7.65 11.45 5.25
C LYS A 44 8.13 11.63 6.70
N GLN A 45 7.73 10.69 7.54
CA GLN A 45 8.12 10.73 8.94
C GLN A 45 9.59 11.09 9.08
N GLU A 46 10.43 10.35 8.38
CA GLU A 46 11.86 10.58 8.41
C GLU A 46 12.16 12.08 8.27
N ARG A 47 11.63 12.65 7.20
CA ARG A 47 11.84 14.07 6.94
C ARG A 47 11.33 14.90 8.11
N GLU A 48 10.41 14.31 8.86
CA GLU A 48 9.83 15.00 10.01
C GLU A 48 10.52 14.54 11.29
N GLY A 49 11.69 13.94 11.11
CA GLY A 49 12.47 13.45 12.24
C GLY A 49 12.36 11.93 12.37
N GLY A 50 11.13 11.47 12.49
CA GLY A 50 10.88 10.04 12.61
C GLY A 50 10.03 9.74 13.85
N VAL A 51 9.13 8.78 13.69
CA VAL A 51 8.25 8.38 14.78
C VAL A 51 8.97 7.36 15.67
N GLN A 52 8.28 6.97 16.72
CA GLN A 52 8.84 6.00 17.66
C GLN A 52 9.26 4.74 16.92
N HIS A 53 8.27 3.91 16.60
CA HIS A 53 8.52 2.66 15.90
C HIS A 53 7.22 2.16 15.27
N ILE A 54 7.35 1.62 14.07
CA ILE A 54 6.21 1.09 13.35
C ILE A 54 6.37 -0.41 13.17
N SER A 55 5.25 -1.11 13.26
CA SER A 55 5.26 -2.56 13.11
C SER A 55 4.69 -2.95 11.74
N TRP A 56 5.37 -2.49 10.71
CA TRP A 56 4.94 -2.77 9.34
C TRP A 56 4.77 -4.29 9.21
N SER A 57 5.77 -5.01 9.70
CA SER A 57 5.74 -6.46 9.64
C SER A 57 4.33 -6.97 9.95
N TYR A 58 3.85 -6.63 11.13
CA TYR A 58 2.53 -7.05 11.56
C TYR A 58 1.45 -6.45 10.64
N VAL A 59 1.52 -5.14 10.49
CA VAL A 59 0.57 -4.43 9.64
C VAL A 59 0.43 -5.16 8.31
N TRP A 60 1.58 -5.47 7.72
CA TRP A 60 1.61 -6.16 6.44
C TRP A 60 1.10 -7.59 6.68
N ARG A 61 1.37 -8.09 7.86
CA ARG A 61 0.95 -9.43 8.22
C ARG A 61 -0.44 -9.40 8.85
N THR A 62 -1.29 -8.56 8.30
CA THR A 62 -2.65 -8.43 8.80
C THR A 62 -3.58 -7.93 7.69
N TYR A 63 -3.13 -6.88 7.01
CA TYR A 63 -3.90 -6.28 5.94
C TYR A 63 -3.16 -6.40 4.61
N HIS A 64 -3.95 -6.41 3.53
CA HIS A 64 -3.38 -6.52 2.19
C HIS A 64 -3.97 -5.43 1.31
N LEU A 65 -3.39 -5.30 0.12
CA LEU A 65 -3.83 -4.30 -0.83
C LEU A 65 -4.93 -4.90 -1.71
N THR A 66 -6.14 -4.37 -1.55
CA THR A 66 -7.27 -4.85 -2.32
C THR A 66 -7.64 -3.83 -3.40
N SER A 67 -8.39 -4.30 -4.39
CA SER A 67 -8.82 -3.45 -5.48
C SER A 67 -10.06 -4.04 -6.16
N ALA A 68 -9.83 -5.08 -6.95
CA ALA A 68 -10.92 -5.74 -7.65
C ALA A 68 -11.44 -6.91 -6.81
N GLY A 69 -11.34 -6.73 -5.49
CA GLY A 69 -11.78 -7.76 -4.56
C GLY A 69 -10.65 -8.75 -4.25
N GLU A 70 -9.75 -8.89 -5.21
CA GLU A 70 -8.63 -9.80 -5.05
C GLU A 70 -7.56 -9.16 -4.17
N LYS A 71 -7.32 -9.80 -3.02
CA LYS A 71 -6.33 -9.31 -2.09
C LYS A 71 -4.94 -9.43 -2.71
N LEU A 72 -4.34 -8.29 -2.99
CA LEU A 72 -3.01 -8.25 -3.58
C LEU A 72 -1.98 -8.68 -2.53
N THR A 73 -1.59 -9.95 -2.61
CA THR A 73 -0.62 -10.48 -1.68
C THR A 73 0.59 -11.04 -2.43
N GLU A 74 0.30 -11.74 -3.51
CA GLU A 74 1.35 -12.33 -4.33
C GLU A 74 2.35 -11.26 -4.76
N ASP A 75 3.58 -11.43 -4.30
CA ASP A 75 4.64 -10.49 -4.63
C ASP A 75 5.15 -10.77 -6.05
N ARG A 76 4.95 -12.01 -6.47
CA ARG A 76 5.38 -12.41 -7.80
C ARG A 76 4.38 -11.93 -8.86
N LYS A 77 3.12 -11.81 -8.42
CA LYS A 77 2.06 -11.37 -9.31
C LYS A 77 2.09 -9.84 -9.40
N LYS A 78 2.27 -9.35 -10.62
CA LYS A 78 2.32 -7.92 -10.86
C LYS A 78 0.93 -7.33 -10.63
N LEU A 79 0.91 -6.03 -10.32
CA LEU A 79 -0.34 -5.34 -10.08
C LEU A 79 -1.19 -5.35 -11.35
N ARG A 80 -0.49 -5.31 -12.48
CA ARG A 80 -1.16 -5.32 -13.77
C ARG A 80 -1.84 -6.66 -14.01
N ASP A 81 -1.22 -7.71 -13.48
CA ASP A 81 -1.75 -9.04 -13.63
C ASP A 81 -3.08 -9.15 -12.88
N TYR A 82 -3.23 -8.28 -11.89
CA TYR A 82 -4.44 -8.27 -11.09
C TYR A 82 -5.49 -7.36 -11.71
N GLY A 83 -5.08 -6.65 -12.75
CA GLY A 83 -5.98 -5.74 -13.44
C GLY A 83 -5.84 -4.32 -12.89
N ILE A 84 -4.68 -4.05 -12.31
CA ILE A 84 -4.42 -2.74 -11.74
C ILE A 84 -3.56 -1.94 -12.72
N ARG A 85 -4.13 -0.84 -13.19
CA ARG A 85 -3.43 0.02 -14.13
C ARG A 85 -3.14 1.39 -13.50
N ASN A 86 -2.59 2.28 -14.30
CA ASN A 86 -2.26 3.62 -13.82
C ASN A 86 -3.54 4.31 -13.36
N ARG A 87 -3.42 5.01 -12.23
CA ARG A 87 -4.56 5.72 -11.67
C ARG A 87 -5.65 4.73 -11.26
N ASP A 88 -5.30 3.87 -10.32
CA ASP A 88 -6.24 2.87 -9.83
C ASP A 88 -6.63 3.22 -8.39
N GLU A 89 -7.57 2.44 -7.86
CA GLU A 89 -8.03 2.65 -6.50
C GLU A 89 -7.86 1.37 -5.68
N VAL A 90 -6.90 1.43 -4.77
CA VAL A 90 -6.61 0.29 -3.91
C VAL A 90 -6.96 0.64 -2.47
N SER A 91 -7.19 -0.40 -1.67
CA SER A 91 -7.53 -0.21 -0.27
C SER A 91 -6.96 -1.35 0.57
N PHE A 92 -6.94 -1.13 1.87
CA PHE A 92 -6.42 -2.13 2.79
C PHE A 92 -7.56 -2.97 3.38
N ILE A 93 -7.48 -4.27 3.13
CA ILE A 93 -8.50 -5.18 3.64
C ILE A 93 -7.91 -6.00 4.79
N LYS A 94 -8.80 -6.54 5.61
CA LYS A 94 -8.39 -7.35 6.75
C LYS A 94 -8.55 -8.83 6.40
N LYS A 95 -7.47 -9.57 6.63
CA LYS A 95 -7.49 -10.99 6.35
C LYS A 95 -8.71 -11.63 7.01
N LEU A 96 -9.06 -12.82 6.53
CA LEU A 96 -10.20 -13.53 7.06
C LEU A 96 -10.01 -13.75 8.56
N GLY A 97 -10.49 -12.80 9.34
CA GLY A 97 -10.38 -12.88 10.79
C GLY A 97 -11.75 -12.89 11.45
N GLN A 98 -11.82 -12.22 12.59
CA GLN A 98 -13.07 -12.13 13.33
C GLN A 98 -12.93 -11.19 14.52
N LYS A 99 -12.04 -11.56 15.43
CA LYS A 99 -11.79 -10.75 16.61
C LYS A 99 -10.37 -10.18 16.54
N SER A 100 -10.28 -8.89 16.88
CA SER A 100 -8.99 -8.22 16.87
C SER A 100 -9.15 -6.78 17.36
N GLY A 101 -8.09 -6.28 17.98
CA GLY A 101 -8.11 -4.93 18.50
C GLY A 101 -6.73 -4.53 19.03
N PRO A 102 -5.96 -3.80 18.17
CA PRO A 102 -4.63 -3.36 18.54
C PRO A 102 -4.70 -2.19 19.53
N SER A 103 -3.93 -2.32 20.60
CA SER A 103 -3.89 -1.30 21.63
C SER A 103 -3.28 -0.01 21.05
N SER A 104 -3.86 1.11 21.45
CA SER A 104 -3.40 2.40 20.99
C SER A 104 -3.84 3.50 21.96
N GLY A 105 -3.07 4.58 21.98
CA GLY A 105 -3.36 5.70 22.86
C GLY A 105 -3.69 5.22 24.27
N GLY A 1 5.32 20.50 -2.53
CA GLY A 1 6.07 20.24 -3.75
C GLY A 1 5.27 19.34 -4.70
N SER A 2 6.01 18.62 -5.54
CA SER A 2 5.38 17.72 -6.49
C SER A 2 6.36 16.61 -6.88
N SER A 3 5.83 15.61 -7.57
CA SER A 3 6.63 14.48 -7.99
C SER A 3 5.89 13.69 -9.07
N GLY A 4 6.61 12.73 -9.65
CA GLY A 4 6.03 11.90 -10.70
C GLY A 4 7.12 11.34 -11.62
N SER A 5 6.90 11.54 -12.91
CA SER A 5 7.85 11.06 -13.90
C SER A 5 7.84 9.53 -13.95
N SER A 6 6.96 9.01 -14.80
CA SER A 6 6.85 7.57 -14.96
C SER A 6 6.25 6.96 -13.69
N GLY A 7 5.39 5.97 -13.90
CA GLY A 7 4.74 5.29 -12.79
C GLY A 7 3.23 5.59 -12.78
N MET A 8 2.63 5.37 -11.61
CA MET A 8 1.21 5.61 -11.45
C MET A 8 0.89 6.10 -10.04
N THR A 9 -0.37 6.43 -9.83
CA THR A 9 -0.81 6.92 -8.53
C THR A 9 -1.90 6.00 -7.96
N VAL A 10 -1.46 5.07 -7.12
CA VAL A 10 -2.38 4.13 -6.51
C VAL A 10 -2.94 4.75 -5.23
N ARG A 11 -4.26 4.89 -5.21
CA ARG A 11 -4.93 5.46 -4.05
C ARG A 11 -5.37 4.35 -3.10
N VAL A 12 -4.68 4.29 -1.97
CA VAL A 12 -4.99 3.29 -0.96
C VAL A 12 -6.30 3.66 -0.24
N CYS A 13 -7.13 2.66 -0.05
CA CYS A 13 -8.41 2.88 0.62
C CYS A 13 -8.32 2.28 2.03
N LYS A 14 -7.69 3.05 2.92
CA LYS A 14 -7.53 2.61 4.30
C LYS A 14 -8.88 2.16 4.85
N MET A 15 -8.86 1.70 6.09
CA MET A 15 -10.07 1.24 6.74
C MET A 15 -11.01 2.41 7.04
N ASP A 16 -11.46 3.05 5.97
CA ASP A 16 -12.36 4.18 6.11
C ASP A 16 -11.58 5.40 6.61
N GLY A 17 -10.30 5.40 6.29
CA GLY A 17 -9.43 6.49 6.70
C GLY A 17 -9.14 7.44 5.53
N GLU A 18 -7.93 7.98 5.53
CA GLU A 18 -7.53 8.89 4.48
C GLU A 18 -6.71 8.16 3.41
N VAL A 19 -7.09 8.38 2.16
CA VAL A 19 -6.41 7.75 1.05
C VAL A 19 -4.99 8.31 0.93
N MET A 20 -4.08 7.44 0.52
CA MET A 20 -2.68 7.85 0.37
C MET A 20 -2.20 7.58 -1.06
N PRO A 21 -1.74 8.68 -1.71
CA PRO A 21 -1.24 8.58 -3.08
C PRO A 21 0.14 7.93 -3.11
N VAL A 22 0.17 6.69 -3.60
CA VAL A 22 1.42 5.95 -3.69
C VAL A 22 1.89 5.95 -5.15
N VAL A 23 3.20 5.96 -5.31
CA VAL A 23 3.80 5.96 -6.64
C VAL A 23 4.57 4.65 -6.84
N VAL A 24 4.45 4.11 -8.04
CA VAL A 24 5.13 2.88 -8.38
C VAL A 24 5.46 2.87 -9.87
N VAL A 25 6.15 1.82 -10.29
CA VAL A 25 6.55 1.67 -11.68
C VAL A 25 5.35 1.19 -12.50
N GLN A 26 5.28 1.68 -13.73
CA GLN A 26 4.18 1.31 -14.62
C GLN A 26 3.93 -0.20 -14.53
N ASN A 27 4.98 -0.93 -14.17
CA ASN A 27 4.88 -2.37 -14.05
C ASN A 27 5.40 -2.81 -12.69
N ALA A 28 4.69 -2.38 -11.65
CA ALA A 28 5.07 -2.71 -10.29
C ALA A 28 4.35 -3.98 -9.86
N THR A 29 4.67 -4.43 -8.65
CA THR A 29 4.05 -5.63 -8.11
C THR A 29 3.53 -5.38 -6.70
N VAL A 30 3.03 -6.44 -6.09
CA VAL A 30 2.49 -6.35 -4.74
C VAL A 30 3.58 -5.83 -3.80
N LEU A 31 4.79 -6.33 -4.00
CA LEU A 31 5.92 -5.93 -3.19
C LEU A 31 6.08 -4.42 -3.26
N ASP A 32 6.40 -3.94 -4.46
CA ASP A 32 6.58 -2.51 -4.67
C ASP A 32 5.49 -1.74 -3.93
N LEU A 33 4.25 -2.13 -4.19
CA LEU A 33 3.11 -1.49 -3.54
C LEU A 33 3.47 -1.17 -2.10
N LYS A 34 3.55 -2.22 -1.29
CA LYS A 34 3.88 -2.05 0.12
C LYS A 34 5.14 -1.20 0.25
N LYS A 35 6.18 -1.62 -0.44
CA LYS A 35 7.44 -0.90 -0.41
C LYS A 35 7.16 0.60 -0.53
N ALA A 36 6.37 0.96 -1.53
CA ALA A 36 6.02 2.35 -1.75
C ALA A 36 5.31 2.90 -0.52
N ILE A 37 4.10 2.39 -0.29
CA ILE A 37 3.30 2.82 0.83
C ILE A 37 4.22 3.02 2.05
N GLN A 38 5.25 2.20 2.10
CA GLN A 38 6.20 2.27 3.20
C GLN A 38 7.15 3.45 3.01
N ARG A 39 7.72 3.53 1.82
CA ARG A 39 8.64 4.60 1.49
C ARG A 39 7.90 5.94 1.44
N TYR A 40 6.58 5.86 1.55
CA TYR A 40 5.75 7.05 1.53
C TYR A 40 5.62 7.66 2.93
N VAL A 41 5.51 6.79 3.92
CA VAL A 41 5.37 7.23 5.29
C VAL A 41 6.75 7.24 5.95
N GLN A 42 7.53 6.19 5.66
CA GLN A 42 8.86 6.07 6.21
C GLN A 42 9.70 7.31 5.88
N LEU A 43 10.04 7.42 4.61
CA LEU A 43 10.83 8.56 4.14
C LEU A 43 10.17 9.86 4.60
N LYS A 44 8.94 10.04 4.16
CA LYS A 44 8.18 11.23 4.52
C LYS A 44 8.42 11.56 6.00
N GLN A 45 7.97 10.66 6.85
CA GLN A 45 8.13 10.84 8.28
C GLN A 45 9.57 11.23 8.61
N GLU A 46 10.50 10.49 8.03
CA GLU A 46 11.91 10.75 8.25
C GLU A 46 12.21 12.25 8.13
N ARG A 47 11.72 12.82 7.04
CA ARG A 47 11.91 14.24 6.79
C ARG A 47 11.10 15.08 7.78
N GLU A 48 9.95 14.52 8.17
CA GLU A 48 9.08 15.20 9.11
C GLU A 48 9.37 14.72 10.54
N GLY A 49 10.55 14.16 10.72
CA GLY A 49 10.95 13.66 12.03
C GLY A 49 9.76 13.01 12.75
N GLY A 50 9.54 11.74 12.44
CA GLY A 50 8.45 11.00 13.05
C GLY A 50 8.92 10.27 14.31
N VAL A 51 8.03 9.47 14.85
CA VAL A 51 8.34 8.70 16.05
C VAL A 51 9.55 7.80 15.78
N GLN A 52 9.78 6.88 16.71
CA GLN A 52 10.89 5.95 16.57
C GLN A 52 10.76 5.13 15.29
N HIS A 53 9.75 4.27 15.28
CA HIS A 53 9.50 3.42 14.13
C HIS A 53 8.10 2.83 14.22
N ILE A 54 7.68 2.20 13.13
CA ILE A 54 6.36 1.60 13.08
C ILE A 54 6.50 0.10 12.77
N SER A 55 5.63 -0.68 13.39
CA SER A 55 5.65 -2.13 13.19
C SER A 55 4.93 -2.48 11.88
N TRP A 56 5.58 -2.15 10.78
CA TRP A 56 5.01 -2.43 9.47
C TRP A 56 4.82 -3.95 9.35
N SER A 57 5.74 -4.68 9.96
CA SER A 57 5.67 -6.13 9.93
C SER A 57 4.28 -6.61 10.34
N TYR A 58 3.88 -6.21 11.54
CA TYR A 58 2.57 -6.59 12.06
C TYR A 58 1.46 -6.06 11.15
N VAL A 59 1.69 -4.88 10.61
CA VAL A 59 0.72 -4.25 9.74
C VAL A 59 0.50 -5.13 8.50
N TRP A 60 1.56 -5.27 7.72
CA TRP A 60 1.51 -6.07 6.52
C TRP A 60 1.10 -7.50 6.92
N ARG A 61 1.38 -7.82 8.17
CA ARG A 61 1.05 -9.14 8.69
C ARG A 61 -0.35 -9.13 9.32
N THR A 62 -1.21 -8.30 8.75
CA THR A 62 -2.57 -8.19 9.24
C THR A 62 -3.52 -7.77 8.11
N TYR A 63 -3.08 -6.79 7.35
CA TYR A 63 -3.86 -6.30 6.23
C TYR A 63 -3.15 -6.54 4.91
N HIS A 64 -3.89 -6.35 3.82
CA HIS A 64 -3.35 -6.55 2.48
C HIS A 64 -4.01 -5.57 1.51
N LEU A 65 -3.40 -5.45 0.34
CA LEU A 65 -3.92 -4.56 -0.68
C LEU A 65 -4.92 -5.32 -1.55
N THR A 66 -6.16 -4.83 -1.52
CA THR A 66 -7.22 -5.44 -2.29
C THR A 66 -7.74 -4.47 -3.36
N SER A 67 -8.48 -5.02 -4.31
CA SER A 67 -9.03 -4.22 -5.39
C SER A 67 -10.43 -4.74 -5.76
N ALA A 68 -10.44 -5.91 -6.39
CA ALA A 68 -11.68 -6.52 -6.80
C ALA A 68 -11.68 -7.99 -6.40
N GLY A 69 -11.49 -8.22 -5.11
CA GLY A 69 -11.46 -9.58 -4.59
C GLY A 69 -10.05 -10.16 -4.64
N GLU A 70 -9.33 -9.76 -5.68
CA GLU A 70 -7.97 -10.25 -5.88
C GLU A 70 -7.06 -9.70 -4.77
N LYS A 71 -6.81 -10.54 -3.78
CA LYS A 71 -5.96 -10.15 -2.67
C LYS A 71 -4.52 -10.04 -3.15
N LEU A 72 -4.03 -8.80 -3.18
CA LEU A 72 -2.68 -8.53 -3.62
C LEU A 72 -1.70 -9.14 -2.61
N THR A 73 -1.38 -10.41 -2.82
CA THR A 73 -0.46 -11.10 -1.93
C THR A 73 0.77 -11.56 -2.71
N GLU A 74 0.54 -12.00 -3.94
CA GLU A 74 1.61 -12.47 -4.79
C GLU A 74 2.59 -11.33 -5.08
N ASP A 75 3.81 -11.49 -4.57
CA ASP A 75 4.85 -10.49 -4.77
C ASP A 75 5.40 -10.61 -6.19
N ARG A 76 5.41 -11.83 -6.69
CA ARG A 76 5.91 -12.11 -8.02
C ARG A 76 4.92 -11.61 -9.07
N LYS A 77 3.66 -11.57 -8.67
CA LYS A 77 2.60 -11.13 -9.56
C LYS A 77 2.58 -9.60 -9.60
N LYS A 78 2.41 -9.07 -10.81
CA LYS A 78 2.37 -7.63 -10.98
C LYS A 78 0.95 -7.12 -10.72
N LEU A 79 0.87 -5.87 -10.30
CA LEU A 79 -0.41 -5.25 -10.00
C LEU A 79 -1.21 -5.13 -11.30
N ARG A 80 -0.49 -4.91 -12.39
CA ARG A 80 -1.13 -4.76 -13.68
C ARG A 80 -1.84 -6.06 -14.08
N ASP A 81 -1.19 -7.17 -13.76
CA ASP A 81 -1.74 -8.47 -14.07
C ASP A 81 -3.03 -8.68 -13.27
N TYR A 82 -3.17 -7.91 -12.20
CA TYR A 82 -4.33 -8.00 -11.35
C TYR A 82 -5.42 -7.03 -11.81
N GLY A 83 -5.20 -6.46 -12.98
CA GLY A 83 -6.15 -5.50 -13.54
C GLY A 83 -6.00 -4.14 -12.87
N ILE A 84 -4.85 -3.93 -12.25
CA ILE A 84 -4.58 -2.68 -11.57
C ILE A 84 -3.71 -1.79 -12.46
N ARG A 85 -4.35 -0.79 -13.06
CA ARG A 85 -3.66 0.13 -13.93
C ARG A 85 -3.34 1.43 -13.20
N ASN A 86 -2.81 2.39 -13.96
CA ASN A 86 -2.47 3.68 -13.38
C ASN A 86 -3.75 4.40 -12.96
N ARG A 87 -3.59 5.30 -12.00
CA ARG A 87 -4.71 6.06 -11.49
C ARG A 87 -5.82 5.12 -11.01
N ASP A 88 -5.40 4.05 -10.34
CA ASP A 88 -6.33 3.07 -9.83
C ASP A 88 -6.52 3.28 -8.32
N GLU A 89 -7.63 2.78 -7.82
CA GLU A 89 -7.93 2.91 -6.40
C GLU A 89 -7.91 1.53 -5.72
N VAL A 90 -6.93 1.35 -4.86
CA VAL A 90 -6.79 0.09 -4.15
C VAL A 90 -7.41 0.22 -2.75
N SER A 91 -7.95 -0.88 -2.27
CA SER A 91 -8.57 -0.90 -0.96
C SER A 91 -7.73 -1.73 0.01
N PHE A 92 -8.07 -1.62 1.29
CA PHE A 92 -7.36 -2.35 2.32
C PHE A 92 -8.26 -3.40 2.98
N ILE A 93 -7.72 -4.61 3.10
CA ILE A 93 -8.47 -5.69 3.70
C ILE A 93 -7.66 -6.27 4.87
N LYS A 94 -8.40 -6.83 5.83
CA LYS A 94 -7.77 -7.41 7.00
C LYS A 94 -7.80 -8.94 6.89
N LYS A 95 -6.65 -9.54 7.18
CA LYS A 95 -6.53 -10.98 7.11
C LYS A 95 -7.70 -11.63 7.85
N LEU A 96 -7.78 -12.94 7.75
CA LEU A 96 -8.84 -13.69 8.40
C LEU A 96 -8.45 -13.99 9.85
N GLY A 97 -8.92 -13.14 10.75
CA GLY A 97 -8.62 -13.31 12.16
C GLY A 97 -8.34 -11.96 12.82
N GLN A 98 -8.81 -11.83 14.06
CA GLN A 98 -8.62 -10.60 14.81
C GLN A 98 -7.25 -10.60 15.50
N LYS A 99 -6.87 -9.42 15.98
CA LYS A 99 -5.60 -9.28 16.67
C LYS A 99 -5.62 -8.01 17.52
N SER A 100 -5.78 -6.88 16.84
CA SER A 100 -5.82 -5.61 17.53
C SER A 100 -4.48 -5.33 18.20
N GLY A 101 -3.75 -4.38 17.65
CA GLY A 101 -2.46 -4.01 18.18
C GLY A 101 -2.23 -2.50 18.10
N PRO A 102 -2.43 -1.82 19.26
CA PRO A 102 -2.26 -0.37 19.33
C PRO A 102 -0.78 0.00 19.33
N SER A 103 -0.53 1.29 19.29
CA SER A 103 0.83 1.79 19.29
C SER A 103 0.83 3.33 19.36
N SER A 104 1.30 3.83 20.49
CA SER A 104 1.36 5.26 20.70
C SER A 104 2.63 5.84 20.06
N GLY A 105 3.76 5.34 20.52
CA GLY A 105 5.05 5.79 20.00
C GLY A 105 6.06 4.65 20.01
N GLY A 1 16.86 15.08 -10.25
CA GLY A 1 16.05 16.29 -10.29
C GLY A 1 14.82 16.10 -11.17
N SER A 2 14.07 17.19 -11.32
CA SER A 2 12.87 17.16 -12.14
C SER A 2 13.24 17.12 -13.62
N SER A 3 13.15 15.93 -14.20
CA SER A 3 13.47 15.75 -15.60
C SER A 3 12.19 15.56 -16.41
N GLY A 4 11.41 14.57 -16.01
CA GLY A 4 10.15 14.28 -16.69
C GLY A 4 9.12 13.74 -15.70
N SER A 5 8.22 12.91 -16.24
CA SER A 5 7.17 12.33 -15.43
C SER A 5 6.86 10.91 -15.92
N SER A 6 6.81 9.98 -14.98
CA SER A 6 6.53 8.59 -15.30
C SER A 6 6.05 7.85 -14.06
N GLY A 7 5.25 6.82 -14.29
CA GLY A 7 4.73 6.02 -13.19
C GLY A 7 3.20 6.13 -13.12
N MET A 8 2.66 5.72 -11.98
CA MET A 8 1.22 5.77 -11.78
C MET A 8 0.89 6.18 -10.34
N THR A 9 -0.41 6.33 -10.09
CA THR A 9 -0.87 6.72 -8.77
C THR A 9 -1.82 5.66 -8.20
N VAL A 10 -1.29 4.89 -7.27
CA VAL A 10 -2.08 3.84 -6.65
C VAL A 10 -2.58 4.32 -5.28
N ARG A 11 -3.89 4.54 -5.22
CA ARG A 11 -4.50 5.01 -4.00
C ARG A 11 -4.69 3.85 -3.02
N VAL A 12 -4.40 4.13 -1.75
CA VAL A 12 -4.52 3.12 -0.71
C VAL A 12 -5.52 3.59 0.33
N CYS A 13 -6.79 3.27 0.10
CA CYS A 13 -7.85 3.67 1.02
C CYS A 13 -7.70 2.84 2.30
N LYS A 14 -6.83 3.31 3.17
CA LYS A 14 -6.60 2.61 4.43
C LYS A 14 -7.93 2.10 4.98
N MET A 15 -7.85 0.96 5.65
CA MET A 15 -9.04 0.35 6.23
C MET A 15 -9.91 1.39 6.94
N ASP A 16 -9.26 2.14 7.84
CA ASP A 16 -9.95 3.17 8.58
C ASP A 16 -9.06 4.41 8.68
N GLY A 17 -8.64 4.89 7.52
CA GLY A 17 -7.78 6.06 7.45
C GLY A 17 -8.04 6.86 6.17
N GLU A 18 -7.14 7.79 5.90
CA GLU A 18 -7.25 8.62 4.71
C GLU A 18 -6.41 8.03 3.57
N VAL A 19 -7.10 7.73 2.48
CA VAL A 19 -6.44 7.16 1.32
C VAL A 19 -5.09 7.86 1.11
N MET A 20 -4.15 7.11 0.56
CA MET A 20 -2.82 7.64 0.30
C MET A 20 -2.38 7.34 -1.14
N PRO A 21 -2.06 8.43 -1.88
CA PRO A 21 -1.62 8.29 -3.27
C PRO A 21 -0.18 7.77 -3.33
N VAL A 22 -0.06 6.51 -3.71
CA VAL A 22 1.25 5.89 -3.83
C VAL A 22 1.65 5.83 -5.30
N VAL A 23 2.95 5.91 -5.52
CA VAL A 23 3.48 5.86 -6.88
C VAL A 23 4.32 4.60 -7.05
N VAL A 24 4.27 4.05 -8.26
CA VAL A 24 5.01 2.84 -8.57
C VAL A 24 5.29 2.78 -10.06
N VAL A 25 6.19 1.88 -10.44
CA VAL A 25 6.55 1.71 -11.83
C VAL A 25 5.31 1.30 -12.63
N GLN A 26 5.35 1.63 -13.92
CA GLN A 26 4.25 1.30 -14.81
C GLN A 26 3.92 -0.19 -14.71
N ASN A 27 4.88 -0.95 -14.22
CA ASN A 27 4.70 -2.39 -14.07
C ASN A 27 5.22 -2.83 -12.70
N ALA A 28 4.53 -2.35 -11.67
CA ALA A 28 4.91 -2.69 -10.31
C ALA A 28 4.09 -3.89 -9.83
N THR A 29 4.51 -4.46 -8.72
CA THR A 29 3.82 -5.60 -8.15
C THR A 29 3.21 -5.24 -6.80
N VAL A 30 2.65 -6.25 -6.15
CA VAL A 30 2.03 -6.04 -4.85
C VAL A 30 3.07 -5.51 -3.86
N LEU A 31 4.06 -6.33 -3.59
CA LEU A 31 5.12 -5.96 -2.67
C LEU A 31 5.50 -4.50 -2.91
N ASP A 32 5.92 -4.23 -4.15
CA ASP A 32 6.31 -2.88 -4.52
C ASP A 32 5.36 -1.86 -3.86
N LEU A 33 4.08 -2.00 -4.19
CA LEU A 33 3.08 -1.11 -3.65
C LEU A 33 3.30 -0.96 -2.15
N LYS A 34 3.47 -2.09 -1.48
CA LYS A 34 3.69 -2.10 -0.05
C LYS A 34 4.96 -1.30 0.27
N LYS A 35 5.99 -1.55 -0.51
CA LYS A 35 7.26 -0.88 -0.33
C LYS A 35 7.04 0.63 -0.43
N ALA A 36 6.38 1.04 -1.51
CA ALA A 36 6.09 2.44 -1.73
C ALA A 36 5.34 3.01 -0.52
N ILE A 37 4.16 2.45 -0.30
CA ILE A 37 3.32 2.89 0.80
C ILE A 37 4.21 3.15 2.03
N GLN A 38 5.27 2.36 2.13
CA GLN A 38 6.20 2.50 3.24
C GLN A 38 7.11 3.71 3.03
N ARG A 39 7.76 3.72 1.87
CA ARG A 39 8.66 4.80 1.53
C ARG A 39 7.89 6.12 1.42
N TYR A 40 6.57 6.00 1.41
CA TYR A 40 5.72 7.17 1.32
C TYR A 40 5.53 7.83 2.68
N VAL A 41 5.38 6.99 3.70
CA VAL A 41 5.20 7.48 5.06
C VAL A 41 6.56 7.52 5.76
N GLN A 42 7.32 6.46 5.59
CA GLN A 42 8.63 6.37 6.20
C GLN A 42 9.45 7.62 5.89
N LEU A 43 9.70 7.82 4.61
CA LEU A 43 10.46 8.97 4.16
C LEU A 43 9.83 10.25 4.72
N LYS A 44 8.51 10.29 4.67
CA LYS A 44 7.77 11.44 5.17
C LYS A 44 8.24 11.76 6.58
N GLN A 45 7.92 10.88 7.50
CA GLN A 45 8.31 11.06 8.89
C GLN A 45 9.81 11.31 8.99
N GLU A 46 10.58 10.45 8.35
CA GLU A 46 12.02 10.57 8.35
C GLU A 46 12.43 12.04 8.25
N ARG A 47 11.89 12.70 7.24
CA ARG A 47 12.20 14.10 7.01
C ARG A 47 11.94 14.91 8.29
N GLU A 48 10.79 14.66 8.90
CA GLU A 48 10.42 15.35 10.12
C GLU A 48 11.25 14.83 11.30
N GLY A 49 11.75 13.61 11.13
CA GLY A 49 12.56 12.99 12.17
C GLY A 49 12.49 11.46 12.08
N GLY A 50 11.34 10.93 12.45
CA GLY A 50 11.14 9.49 12.42
C GLY A 50 10.55 8.99 13.74
N VAL A 51 9.87 7.86 13.66
CA VAL A 51 9.26 7.26 14.83
C VAL A 51 10.07 6.03 15.26
N GLN A 52 9.61 5.40 16.33
CA GLN A 52 10.28 4.23 16.85
C GLN A 52 10.07 3.04 15.91
N HIS A 53 10.50 3.21 14.67
CA HIS A 53 10.37 2.16 13.67
C HIS A 53 8.89 1.73 13.59
N ILE A 54 8.23 2.20 12.54
CA ILE A 54 6.84 1.87 12.34
C ILE A 54 6.69 0.35 12.20
N SER A 55 5.77 -0.20 12.97
CA SER A 55 5.52 -1.63 12.94
C SER A 55 4.78 -2.00 11.66
N TRP A 56 5.51 -1.96 10.56
CA TRP A 56 4.94 -2.29 9.26
C TRP A 56 4.79 -3.81 9.20
N SER A 57 5.79 -4.50 9.70
CA SER A 57 5.78 -5.95 9.70
C SER A 57 4.39 -6.47 10.06
N TYR A 58 3.93 -6.07 11.24
CA TYR A 58 2.62 -6.48 11.72
C TYR A 58 1.54 -6.08 10.72
N VAL A 59 1.48 -4.79 10.43
CA VAL A 59 0.49 -4.27 9.50
C VAL A 59 0.45 -5.17 8.26
N TRP A 60 1.60 -5.31 7.63
CA TRP A 60 1.71 -6.13 6.43
C TRP A 60 1.29 -7.55 6.81
N ARG A 61 1.62 -7.93 8.04
CA ARG A 61 1.29 -9.26 8.52
C ARG A 61 -0.07 -9.25 9.21
N THR A 62 -0.99 -8.48 8.63
CA THR A 62 -2.33 -8.37 9.19
C THR A 62 -3.33 -7.97 8.09
N TYR A 63 -2.97 -6.92 7.36
CA TYR A 63 -3.82 -6.44 6.29
C TYR A 63 -3.14 -6.61 4.93
N HIS A 64 -3.96 -6.83 3.92
CA HIS A 64 -3.45 -7.01 2.57
C HIS A 64 -4.05 -5.94 1.65
N LEU A 65 -3.48 -5.85 0.45
CA LEU A 65 -3.94 -4.88 -0.52
C LEU A 65 -4.99 -5.53 -1.43
N THR A 66 -6.12 -4.86 -1.55
CA THR A 66 -7.21 -5.36 -2.38
C THR A 66 -7.31 -4.55 -3.67
N SER A 67 -8.12 -5.06 -4.58
CA SER A 67 -8.32 -4.38 -5.86
C SER A 67 -9.11 -5.29 -6.81
N ALA A 68 -9.97 -4.65 -7.60
CA ALA A 68 -10.79 -5.39 -8.55
C ALA A 68 -11.43 -6.59 -7.85
N GLY A 69 -11.71 -6.41 -6.57
CA GLY A 69 -12.31 -7.46 -5.78
C GLY A 69 -11.44 -8.71 -5.77
N GLU A 70 -10.14 -8.49 -5.79
CA GLU A 70 -9.18 -9.58 -5.79
C GLU A 70 -8.05 -9.29 -4.80
N LYS A 71 -7.93 -10.17 -3.81
CA LYS A 71 -6.90 -10.03 -2.80
C LYS A 71 -5.53 -10.01 -3.48
N LEU A 72 -4.75 -9.00 -3.14
CA LEU A 72 -3.42 -8.85 -3.71
C LEU A 72 -2.39 -9.41 -2.71
N THR A 73 -2.24 -10.72 -2.73
CA THR A 73 -1.30 -11.38 -1.85
C THR A 73 0.02 -11.63 -2.57
N GLU A 74 -0.08 -12.17 -3.78
CA GLU A 74 1.10 -12.45 -4.59
C GLU A 74 1.98 -11.21 -4.70
N ASP A 75 3.28 -11.43 -4.51
CA ASP A 75 4.23 -10.34 -4.59
C ASP A 75 4.88 -10.33 -5.98
N ARG A 76 5.23 -11.53 -6.44
CA ARG A 76 5.85 -11.68 -7.74
C ARG A 76 4.87 -11.28 -8.85
N LYS A 77 3.59 -11.30 -8.50
CA LYS A 77 2.55 -10.94 -9.45
C LYS A 77 2.51 -9.43 -9.62
N LYS A 78 2.59 -9.00 -10.86
CA LYS A 78 2.56 -7.58 -11.18
C LYS A 78 1.13 -7.06 -11.02
N LEU A 79 1.04 -5.80 -10.61
CA LEU A 79 -0.25 -5.16 -10.42
C LEU A 79 -1.04 -5.20 -11.74
N ARG A 80 -0.31 -5.08 -12.83
CA ARG A 80 -0.91 -5.10 -14.14
C ARG A 80 -1.59 -6.45 -14.40
N ASP A 81 -0.94 -7.50 -13.90
CA ASP A 81 -1.47 -8.84 -14.08
C ASP A 81 -2.72 -9.01 -13.21
N TYR A 82 -2.92 -8.05 -12.32
CA TYR A 82 -4.06 -8.08 -11.43
C TYR A 82 -5.19 -7.21 -11.97
N GLY A 83 -5.02 -6.76 -13.21
CA GLY A 83 -6.01 -5.92 -13.85
C GLY A 83 -5.88 -4.46 -13.41
N ILE A 84 -4.76 -4.18 -12.75
CA ILE A 84 -4.49 -2.84 -12.28
C ILE A 84 -3.77 -2.05 -13.38
N ARG A 85 -3.95 -0.74 -13.33
CA ARG A 85 -3.32 0.13 -14.31
C ARG A 85 -3.00 1.49 -13.67
N ASN A 86 -2.51 2.40 -14.51
CA ASN A 86 -2.16 3.73 -14.05
C ASN A 86 -3.43 4.44 -13.56
N ARG A 87 -3.31 5.03 -12.38
CA ARG A 87 -4.43 5.75 -11.79
C ARG A 87 -5.54 4.77 -11.40
N ASP A 88 -5.27 4.03 -10.33
CA ASP A 88 -6.24 3.06 -9.83
C ASP A 88 -6.55 3.37 -8.36
N GLU A 89 -7.51 2.61 -7.83
CA GLU A 89 -7.92 2.79 -6.45
C GLU A 89 -7.75 1.49 -5.67
N VAL A 90 -6.80 1.52 -4.74
CA VAL A 90 -6.52 0.35 -3.92
C VAL A 90 -6.86 0.65 -2.46
N SER A 91 -7.07 -0.41 -1.70
CA SER A 91 -7.40 -0.25 -0.29
C SER A 91 -6.86 -1.44 0.50
N PHE A 92 -6.85 -1.29 1.81
CA PHE A 92 -6.37 -2.34 2.69
C PHE A 92 -7.52 -3.19 3.23
N ILE A 93 -7.27 -4.49 3.30
CA ILE A 93 -8.28 -5.42 3.79
C ILE A 93 -7.67 -6.28 4.90
N LYS A 94 -8.55 -6.78 5.76
CA LYS A 94 -8.11 -7.62 6.87
C LYS A 94 -8.33 -9.09 6.50
N LYS A 95 -7.41 -9.93 6.95
CA LYS A 95 -7.49 -11.35 6.68
C LYS A 95 -8.86 -11.87 7.12
N LEU A 96 -9.03 -13.18 7.01
CA LEU A 96 -10.28 -13.82 7.39
C LEU A 96 -10.05 -14.73 8.59
N GLY A 97 -10.52 -14.27 9.74
CA GLY A 97 -10.37 -15.02 10.97
C GLY A 97 -10.22 -14.09 12.18
N GLN A 98 -9.01 -14.07 12.71
CA GLN A 98 -8.73 -13.23 13.87
C GLN A 98 -9.31 -11.83 13.66
N LYS A 99 -10.49 -11.63 14.21
CA LYS A 99 -11.17 -10.35 14.09
C LYS A 99 -11.41 -9.78 15.49
N SER A 100 -10.61 -8.77 15.83
CA SER A 100 -10.72 -8.14 17.13
C SER A 100 -9.78 -6.94 17.21
N GLY A 101 -10.37 -5.75 17.24
CA GLY A 101 -9.59 -4.53 17.31
C GLY A 101 -9.75 -3.86 18.67
N PRO A 102 -8.60 -3.69 19.38
CA PRO A 102 -8.59 -3.07 20.69
C PRO A 102 -8.78 -1.55 20.58
N SER A 103 -10.04 -1.16 20.36
CA SER A 103 -10.37 0.24 20.23
C SER A 103 -9.63 0.85 19.03
N SER A 104 -10.23 1.89 18.46
CA SER A 104 -9.64 2.56 17.33
C SER A 104 -10.20 3.98 17.21
N GLY A 105 -11.52 4.06 17.10
CA GLY A 105 -12.19 5.34 16.98
C GLY A 105 -13.20 5.34 15.84
N GLY A 1 11.64 14.49 -7.49
CA GLY A 1 13.08 14.44 -7.70
C GLY A 1 13.42 13.57 -8.91
N SER A 2 13.98 12.40 -8.61
CA SER A 2 14.37 11.47 -9.65
C SER A 2 14.25 10.03 -9.15
N SER A 3 13.09 9.43 -9.40
CA SER A 3 12.84 8.07 -8.97
C SER A 3 12.51 7.19 -10.17
N GLY A 4 13.54 6.61 -10.74
CA GLY A 4 13.38 5.75 -11.91
C GLY A 4 12.57 6.46 -13.01
N SER A 5 12.29 5.70 -14.05
CA SER A 5 11.52 6.24 -15.17
C SER A 5 10.08 5.75 -15.11
N SER A 6 9.19 6.56 -15.66
CA SER A 6 7.78 6.22 -15.67
C SER A 6 7.29 5.94 -14.25
N GLY A 7 5.98 5.90 -14.11
CA GLY A 7 5.37 5.64 -12.82
C GLY A 7 3.84 5.72 -12.90
N MET A 8 3.21 5.62 -11.74
CA MET A 8 1.76 5.67 -11.67
C MET A 8 1.30 6.06 -10.26
N THR A 9 0.11 6.64 -10.20
CA THR A 9 -0.46 7.06 -8.93
C THR A 9 -1.50 6.04 -8.45
N VAL A 10 -1.12 5.29 -7.43
CA VAL A 10 -2.00 4.28 -6.87
C VAL A 10 -2.54 4.78 -5.53
N ARG A 11 -3.86 4.74 -5.41
CA ARG A 11 -4.52 5.18 -4.19
C ARG A 11 -4.69 4.01 -3.22
N VAL A 12 -4.66 4.33 -1.94
CA VAL A 12 -4.81 3.31 -0.91
C VAL A 12 -5.86 3.76 0.10
N CYS A 13 -6.84 2.89 0.32
CA CYS A 13 -7.92 3.19 1.25
C CYS A 13 -7.50 2.68 2.63
N LYS A 14 -6.77 3.52 3.35
CA LYS A 14 -6.31 3.16 4.67
C LYS A 14 -7.49 2.66 5.50
N MET A 15 -7.17 2.09 6.66
CA MET A 15 -8.19 1.58 7.55
C MET A 15 -9.03 2.71 8.14
N ASP A 16 -9.74 3.40 7.27
CA ASP A 16 -10.58 4.51 7.69
C ASP A 16 -11.35 5.05 6.47
N GLY A 17 -10.60 5.37 5.44
CA GLY A 17 -11.19 5.89 4.21
C GLY A 17 -10.22 6.81 3.48
N GLU A 18 -9.31 7.39 4.25
CA GLU A 18 -8.31 8.28 3.68
C GLU A 18 -7.63 7.63 2.48
N VAL A 19 -7.30 8.47 1.50
CA VAL A 19 -6.65 7.99 0.29
C VAL A 19 -5.23 8.57 0.22
N MET A 20 -4.28 7.69 -0.01
CA MET A 20 -2.89 8.09 -0.12
C MET A 20 -2.33 7.80 -1.51
N PRO A 21 -1.83 8.87 -2.17
CA PRO A 21 -1.27 8.75 -3.49
C PRO A 21 0.13 8.10 -3.44
N VAL A 22 0.19 6.86 -3.90
CA VAL A 22 1.43 6.12 -3.91
C VAL A 22 1.99 6.10 -5.33
N VAL A 23 3.32 6.01 -5.41
CA VAL A 23 3.99 5.98 -6.70
C VAL A 23 4.68 4.63 -6.88
N VAL A 24 4.54 4.08 -8.07
CA VAL A 24 5.15 2.80 -8.38
C VAL A 24 5.51 2.76 -9.87
N VAL A 25 6.37 1.81 -10.21
CA VAL A 25 6.81 1.65 -11.58
C VAL A 25 5.60 1.30 -12.46
N GLN A 26 5.68 1.72 -13.71
CA GLN A 26 4.61 1.47 -14.66
C GLN A 26 4.22 -0.02 -14.63
N ASN A 27 5.16 -0.83 -14.17
CA ASN A 27 4.93 -2.26 -14.08
C ASN A 27 5.36 -2.76 -12.70
N ALA A 28 4.72 -2.21 -11.68
CA ALA A 28 5.02 -2.60 -10.31
C ALA A 28 4.23 -3.85 -9.95
N THR A 29 4.47 -4.33 -8.73
CA THR A 29 3.79 -5.51 -8.25
C THR A 29 3.14 -5.25 -6.89
N VAL A 30 2.56 -6.31 -6.32
CA VAL A 30 1.91 -6.20 -5.03
C VAL A 30 2.93 -5.68 -4.00
N LEU A 31 4.03 -6.42 -3.87
CA LEU A 31 5.07 -6.05 -2.92
C LEU A 31 5.43 -4.58 -3.13
N ASP A 32 5.80 -4.25 -4.36
CA ASP A 32 6.17 -2.89 -4.70
C ASP A 32 5.19 -1.92 -4.04
N LEU A 33 3.93 -2.08 -4.38
CA LEU A 33 2.90 -1.22 -3.83
C LEU A 33 3.18 -0.97 -2.35
N LYS A 34 3.42 -2.07 -1.64
CA LYS A 34 3.70 -1.99 -0.22
C LYS A 34 4.96 -1.13 0.00
N LYS A 35 6.03 -1.56 -0.64
CA LYS A 35 7.30 -0.84 -0.52
C LYS A 35 7.05 0.66 -0.67
N ALA A 36 6.30 1.00 -1.71
CA ALA A 36 5.98 2.40 -1.97
C ALA A 36 5.25 2.98 -0.76
N ILE A 37 4.04 2.48 -0.54
CA ILE A 37 3.24 2.94 0.58
C ILE A 37 4.13 3.14 1.81
N GLN A 38 5.18 2.33 1.87
CA GLN A 38 6.12 2.41 2.98
C GLN A 38 7.00 3.65 2.84
N ARG A 39 7.57 3.80 1.65
CA ARG A 39 8.45 4.92 1.37
C ARG A 39 7.65 6.23 1.44
N TYR A 40 6.34 6.09 1.50
CA TYR A 40 5.46 7.25 1.57
C TYR A 40 5.28 7.72 3.01
N VAL A 41 5.17 6.75 3.91
CA VAL A 41 5.00 7.05 5.32
C VAL A 41 6.37 7.12 5.99
N GLN A 42 7.25 6.24 5.56
CA GLN A 42 8.60 6.20 6.11
C GLN A 42 9.34 7.50 5.81
N LEU A 43 9.65 7.68 4.53
CA LEU A 43 10.36 8.88 4.09
C LEU A 43 9.78 10.10 4.82
N LYS A 44 8.47 10.08 4.98
CA LYS A 44 7.78 11.18 5.65
C LYS A 44 8.43 11.42 7.01
N GLN A 45 8.18 10.49 7.93
CA GLN A 45 8.72 10.59 9.27
C GLN A 45 10.22 10.92 9.20
N GLU A 46 10.88 10.33 8.22
CA GLU A 46 12.30 10.56 8.05
C GLU A 46 12.60 12.06 7.96
N ARG A 47 11.81 12.73 7.14
CA ARG A 47 11.98 14.16 6.96
C ARG A 47 11.44 14.92 8.17
N GLU A 48 10.72 14.19 9.00
CA GLU A 48 10.15 14.78 10.21
C GLU A 48 10.97 14.39 11.44
N GLY A 49 11.99 13.58 11.19
CA GLY A 49 12.87 13.13 12.26
C GLY A 49 12.58 11.66 12.62
N GLY A 50 11.36 11.42 13.06
CA GLY A 50 10.94 10.08 13.44
C GLY A 50 9.76 10.12 14.42
N VAL A 51 8.94 9.09 14.34
CA VAL A 51 7.78 9.00 15.21
C VAL A 51 8.07 8.04 16.36
N GLN A 52 7.06 7.80 17.17
CA GLN A 52 7.20 6.90 18.31
C GLN A 52 7.76 5.55 17.85
N HIS A 53 6.93 4.83 17.11
CA HIS A 53 7.32 3.53 16.60
C HIS A 53 6.22 2.98 15.71
N ILE A 54 6.62 2.53 14.52
CA ILE A 54 5.68 1.98 13.56
C ILE A 54 5.94 0.48 13.41
N SER A 55 4.88 -0.30 13.62
CA SER A 55 4.99 -1.74 13.51
C SER A 55 4.52 -2.19 12.12
N TRP A 56 5.25 -1.76 11.11
CA TRP A 56 4.92 -2.10 9.74
C TRP A 56 4.84 -3.63 9.65
N SER A 57 5.83 -4.27 10.24
CA SER A 57 5.88 -5.73 10.23
C SER A 57 4.48 -6.31 10.43
N TYR A 58 3.91 -5.98 11.58
CA TYR A 58 2.57 -6.46 11.91
C TYR A 58 1.54 -5.96 10.89
N VAL A 59 1.57 -4.66 10.66
CA VAL A 59 0.65 -4.05 9.71
C VAL A 59 0.57 -4.91 8.46
N TRP A 60 1.71 -5.05 7.80
CA TRP A 60 1.78 -5.85 6.58
C TRP A 60 1.43 -7.30 6.94
N ARG A 61 1.88 -7.70 8.13
CA ARG A 61 1.64 -9.04 8.60
C ARG A 61 0.29 -9.11 9.34
N THR A 62 -0.71 -8.50 8.73
CA THR A 62 -2.04 -8.49 9.30
C THR A 62 -3.08 -8.12 8.25
N TYR A 63 -2.83 -7.03 7.55
CA TYR A 63 -3.73 -6.57 6.51
C TYR A 63 -3.07 -6.63 5.14
N HIS A 64 -3.87 -6.95 4.14
CA HIS A 64 -3.37 -7.04 2.77
C HIS A 64 -4.01 -5.94 1.92
N LEU A 65 -3.61 -5.93 0.65
CA LEU A 65 -4.13 -4.94 -0.28
C LEU A 65 -5.16 -5.59 -1.19
N THR A 66 -6.30 -4.93 -1.32
CA THR A 66 -7.38 -5.43 -2.15
C THR A 66 -7.59 -4.53 -3.37
N SER A 67 -8.29 -5.07 -4.35
CA SER A 67 -8.55 -4.32 -5.57
C SER A 67 -9.32 -5.20 -6.57
N ALA A 68 -10.21 -4.56 -7.30
CA ALA A 68 -11.01 -5.26 -8.29
C ALA A 68 -11.62 -6.51 -7.65
N GLY A 69 -11.83 -6.42 -6.34
CA GLY A 69 -12.41 -7.53 -5.60
C GLY A 69 -11.46 -8.73 -5.59
N GLU A 70 -10.17 -8.43 -5.62
CA GLU A 70 -9.16 -9.47 -5.62
C GLU A 70 -8.13 -9.20 -4.51
N LYS A 71 -7.71 -10.28 -3.87
CA LYS A 71 -6.73 -10.17 -2.80
C LYS A 71 -5.32 -10.04 -3.41
N LEU A 72 -4.70 -8.90 -3.15
CA LEU A 72 -3.37 -8.64 -3.65
C LEU A 72 -2.34 -9.31 -2.74
N THR A 73 -2.08 -10.57 -3.02
CA THR A 73 -1.12 -11.34 -2.24
C THR A 73 0.16 -11.56 -3.04
N GLU A 74 0.02 -12.29 -4.14
CA GLU A 74 1.14 -12.59 -4.99
C GLU A 74 2.01 -11.34 -5.19
N ASP A 75 3.30 -11.51 -4.95
CA ASP A 75 4.24 -10.41 -5.09
C ASP A 75 4.88 -10.47 -6.47
N ARG A 76 5.23 -11.69 -6.88
CA ARG A 76 5.85 -11.89 -8.18
C ARG A 76 4.90 -11.45 -9.29
N LYS A 77 3.63 -11.33 -8.94
CA LYS A 77 2.62 -10.92 -9.90
C LYS A 77 2.56 -9.39 -9.94
N LYS A 78 2.54 -8.86 -11.17
CA LYS A 78 2.48 -7.43 -11.35
C LYS A 78 1.03 -6.96 -11.22
N LEU A 79 0.89 -5.71 -10.78
CA LEU A 79 -0.43 -5.13 -10.61
C LEU A 79 -1.17 -5.16 -11.94
N ARG A 80 -0.42 -4.95 -13.01
CA ARG A 80 -1.00 -4.96 -14.34
C ARG A 80 -1.66 -6.31 -14.63
N ASP A 81 -0.92 -7.37 -14.35
CA ASP A 81 -1.43 -8.71 -14.57
C ASP A 81 -2.64 -8.95 -13.67
N TYR A 82 -2.79 -8.07 -12.69
CA TYR A 82 -3.90 -8.18 -11.75
C TYR A 82 -5.12 -7.40 -12.25
N GLY A 83 -4.89 -6.64 -13.31
CA GLY A 83 -5.96 -5.85 -13.90
C GLY A 83 -5.90 -4.40 -13.40
N ILE A 84 -4.93 -4.14 -12.54
CA ILE A 84 -4.76 -2.82 -11.98
C ILE A 84 -3.97 -1.95 -12.96
N ARG A 85 -4.08 -0.64 -12.77
CA ARG A 85 -3.40 0.31 -13.64
C ARG A 85 -3.13 1.60 -12.89
N ASN A 86 -2.61 2.57 -13.62
CA ASN A 86 -2.30 3.87 -13.05
C ASN A 86 -3.60 4.64 -12.80
N ARG A 87 -3.67 5.28 -11.64
CA ARG A 87 -4.84 6.05 -11.27
C ARG A 87 -5.96 5.10 -10.82
N ASP A 88 -5.57 4.06 -10.11
CA ASP A 88 -6.53 3.09 -9.62
C ASP A 88 -6.80 3.35 -8.13
N GLU A 89 -7.61 2.48 -7.54
CA GLU A 89 -7.95 2.60 -6.14
C GLU A 89 -7.79 1.26 -5.43
N VAL A 90 -6.97 1.27 -4.39
CA VAL A 90 -6.71 0.06 -3.63
C VAL A 90 -7.19 0.27 -2.18
N SER A 91 -7.40 -0.84 -1.50
CA SER A 91 -7.85 -0.80 -0.12
C SER A 91 -7.11 -1.85 0.71
N PHE A 92 -7.22 -1.71 2.02
CA PHE A 92 -6.57 -2.64 2.93
C PHE A 92 -7.59 -3.58 3.57
N ILE A 93 -7.33 -4.88 3.39
CA ILE A 93 -8.21 -5.90 3.93
C ILE A 93 -7.54 -6.54 5.14
N LYS A 94 -8.33 -7.32 5.87
CA LYS A 94 -7.82 -8.01 7.05
C LYS A 94 -7.88 -9.52 6.82
N LYS A 95 -6.84 -10.20 7.28
CA LYS A 95 -6.77 -11.64 7.13
C LYS A 95 -7.92 -12.29 7.90
N LEU A 96 -7.95 -13.61 7.84
CA LEU A 96 -8.99 -14.36 8.52
C LEU A 96 -8.35 -15.25 9.60
N GLY A 97 -8.63 -14.91 10.85
CA GLY A 97 -8.10 -15.67 11.96
C GLY A 97 -8.10 -14.83 13.25
N GLN A 98 -6.91 -14.54 13.73
CA GLN A 98 -6.76 -13.75 14.94
C GLN A 98 -7.81 -12.64 14.98
N LYS A 99 -8.18 -12.25 16.18
CA LYS A 99 -9.16 -11.19 16.37
C LYS A 99 -8.83 -10.41 17.65
N SER A 100 -9.30 -9.17 17.68
CA SER A 100 -9.07 -8.31 18.82
C SER A 100 -7.58 -7.96 18.92
N GLY A 101 -7.33 -6.72 19.31
CA GLY A 101 -5.96 -6.24 19.44
C GLY A 101 -5.82 -5.31 20.65
N PRO A 102 -4.57 -5.20 21.15
CA PRO A 102 -4.28 -4.35 22.29
C PRO A 102 -4.30 -2.87 21.90
N SER A 103 -3.64 -2.59 20.78
CA SER A 103 -3.57 -1.22 20.28
C SER A 103 -2.66 -0.38 21.18
N SER A 104 -3.04 -0.30 22.45
CA SER A 104 -2.29 0.46 23.42
C SER A 104 -1.35 -0.47 24.20
N GLY A 105 -1.97 -1.42 24.89
CA GLY A 105 -1.21 -2.37 25.68
C GLY A 105 -1.85 -2.58 27.06
N GLY A 1 8.22 20.33 -9.07
CA GLY A 1 8.61 18.93 -9.03
C GLY A 1 9.99 18.73 -9.67
N SER A 2 10.17 17.54 -10.24
CA SER A 2 11.43 17.22 -10.88
C SER A 2 11.35 15.82 -11.51
N SER A 3 12.30 15.54 -12.39
CA SER A 3 12.35 14.26 -13.06
C SER A 3 11.10 14.08 -13.94
N GLY A 4 11.31 13.42 -15.07
CA GLY A 4 10.22 13.19 -16.01
C GLY A 4 9.01 12.59 -15.30
N SER A 5 7.93 12.43 -16.06
CA SER A 5 6.71 11.87 -15.52
C SER A 5 6.61 10.39 -15.86
N SER A 6 7.17 9.57 -15.00
CA SER A 6 7.15 8.13 -15.20
C SER A 6 6.68 7.42 -13.91
N GLY A 7 5.65 6.63 -14.06
CA GLY A 7 5.11 5.89 -12.92
C GLY A 7 3.58 5.99 -12.88
N MET A 8 3.03 5.68 -11.72
CA MET A 8 1.59 5.72 -11.54
C MET A 8 1.22 6.13 -10.11
N THR A 9 0.00 6.61 -9.96
CA THR A 9 -0.48 7.03 -8.65
C THR A 9 -1.57 6.08 -8.15
N VAL A 10 -1.15 5.16 -7.30
CA VAL A 10 -2.08 4.18 -6.74
C VAL A 10 -2.68 4.75 -5.46
N ARG A 11 -3.99 4.95 -5.50
CA ARG A 11 -4.71 5.49 -4.35
C ARG A 11 -5.07 4.37 -3.38
N VAL A 12 -4.71 4.58 -2.12
CA VAL A 12 -5.00 3.59 -1.09
C VAL A 12 -6.28 3.99 -0.35
N CYS A 13 -7.22 3.06 -0.31
CA CYS A 13 -8.49 3.30 0.36
C CYS A 13 -8.31 3.00 1.84
N LYS A 14 -7.77 3.97 2.55
CA LYS A 14 -7.53 3.83 3.98
C LYS A 14 -8.71 3.10 4.61
N MET A 15 -9.78 3.86 4.86
CA MET A 15 -10.98 3.30 5.46
C MET A 15 -12.12 4.31 5.43
N ASP A 16 -12.33 4.90 4.27
CA ASP A 16 -13.38 5.88 4.09
C ASP A 16 -12.95 7.21 4.72
N GLY A 17 -11.65 7.31 4.99
CA GLY A 17 -11.10 8.50 5.59
C GLY A 17 -10.32 9.33 4.55
N GLU A 18 -9.00 9.27 4.67
CA GLU A 18 -8.14 10.00 3.77
C GLU A 18 -7.30 9.03 2.94
N VAL A 19 -7.36 9.21 1.62
CA VAL A 19 -6.62 8.36 0.71
C VAL A 19 -5.19 8.90 0.57
N MET A 20 -4.26 7.97 0.40
CA MET A 20 -2.87 8.33 0.24
C MET A 20 -2.36 8.00 -1.16
N PRO A 21 -1.86 9.06 -1.85
CA PRO A 21 -1.34 8.88 -3.21
C PRO A 21 0.03 8.21 -3.18
N VAL A 22 0.03 6.95 -3.59
CA VAL A 22 1.26 6.17 -3.62
C VAL A 22 1.80 6.14 -5.05
N VAL A 23 3.12 6.05 -5.15
CA VAL A 23 3.77 6.01 -6.46
C VAL A 23 4.54 4.70 -6.59
N VAL A 24 4.59 4.20 -7.82
CA VAL A 24 5.29 2.96 -8.10
C VAL A 24 5.72 2.94 -9.56
N VAL A 25 6.57 1.98 -9.89
CA VAL A 25 7.05 1.84 -11.25
C VAL A 25 5.90 1.38 -12.16
N GLN A 26 5.93 1.88 -13.39
CA GLN A 26 4.90 1.54 -14.35
C GLN A 26 4.61 0.04 -14.30
N ASN A 27 5.60 -0.71 -13.89
CA ASN A 27 5.47 -2.15 -13.79
C ASN A 27 5.89 -2.62 -12.40
N ALA A 28 5.13 -2.17 -11.40
CA ALA A 28 5.42 -2.54 -10.03
C ALA A 28 4.65 -3.81 -9.66
N THR A 29 4.88 -4.27 -8.44
CA THR A 29 4.22 -5.47 -7.97
C THR A 29 3.60 -5.23 -6.58
N VAL A 30 3.01 -6.29 -6.04
CA VAL A 30 2.38 -6.20 -4.73
C VAL A 30 3.41 -5.74 -3.71
N LEU A 31 4.60 -6.33 -3.79
CA LEU A 31 5.67 -5.98 -2.88
C LEU A 31 5.95 -4.48 -2.96
N ASP A 32 6.25 -4.03 -4.18
CA ASP A 32 6.54 -2.63 -4.40
C ASP A 32 5.48 -1.77 -3.71
N LEU A 33 4.23 -2.01 -4.08
CA LEU A 33 3.12 -1.28 -3.51
C LEU A 33 3.36 -1.09 -2.01
N LYS A 34 3.35 -2.20 -1.30
CA LYS A 34 3.57 -2.17 0.14
C LYS A 34 4.72 -1.22 0.46
N LYS A 35 5.88 -1.52 -0.11
CA LYS A 35 7.06 -0.70 0.10
C LYS A 35 6.71 0.76 -0.14
N ALA A 36 6.05 1.01 -1.27
CA ALA A 36 5.65 2.35 -1.63
C ALA A 36 4.93 3.00 -0.46
N ILE A 37 3.72 2.50 -0.20
CA ILE A 37 2.92 3.02 0.90
C ILE A 37 3.81 3.27 2.11
N GLN A 38 4.85 2.44 2.23
CA GLN A 38 5.78 2.54 3.33
C GLN A 38 6.73 3.73 3.10
N ARG A 39 7.26 3.78 1.90
CA ARG A 39 8.19 4.85 1.54
C ARG A 39 7.46 6.20 1.52
N TYR A 40 6.15 6.13 1.65
CA TYR A 40 5.32 7.33 1.65
C TYR A 40 5.20 7.91 3.06
N VAL A 41 5.11 7.01 4.03
CA VAL A 41 4.99 7.41 5.41
C VAL A 41 6.38 7.46 6.05
N GLN A 42 7.21 6.52 5.65
CA GLN A 42 8.57 6.44 6.16
C GLN A 42 9.37 7.68 5.75
N LEU A 43 9.66 7.75 4.46
CA LEU A 43 10.41 8.87 3.93
C LEU A 43 9.89 10.17 4.54
N LYS A 44 8.57 10.26 4.63
CA LYS A 44 7.94 11.44 5.19
C LYS A 44 8.53 11.72 6.58
N GLN A 45 8.33 10.78 7.48
CA GLN A 45 8.83 10.91 8.83
C GLN A 45 10.32 11.24 8.81
N GLU A 46 11.08 10.41 8.10
CA GLU A 46 12.51 10.61 7.99
C GLU A 46 12.82 12.09 7.74
N ARG A 47 12.26 12.60 6.65
CA ARG A 47 12.47 13.99 6.28
C ARG A 47 12.20 14.90 7.49
N GLU A 48 11.02 14.74 8.06
CA GLU A 48 10.63 15.53 9.22
C GLU A 48 11.52 15.20 10.41
N GLY A 49 12.19 14.07 10.32
CA GLY A 49 13.08 13.63 11.38
C GLY A 49 12.28 13.27 12.63
N GLY A 50 11.39 12.31 12.47
CA GLY A 50 10.57 11.86 13.58
C GLY A 50 10.42 10.33 13.57
N VAL A 51 11.49 9.66 13.95
CA VAL A 51 11.48 8.21 13.99
C VAL A 51 10.43 7.73 14.99
N GLN A 52 9.56 6.85 14.51
CA GLN A 52 8.51 6.31 15.34
C GLN A 52 8.52 4.78 15.30
N HIS A 53 7.79 4.18 16.22
CA HIS A 53 7.70 2.74 16.30
C HIS A 53 6.54 2.24 15.45
N ILE A 54 6.89 1.73 14.28
CA ILE A 54 5.90 1.21 13.35
C ILE A 54 6.32 -0.18 12.87
N SER A 55 5.53 -1.17 13.28
CA SER A 55 5.81 -2.55 12.90
C SER A 55 5.11 -2.88 11.58
N TRP A 56 5.69 -2.39 10.49
CA TRP A 56 5.13 -2.64 9.18
C TRP A 56 5.08 -4.15 8.95
N SER A 57 6.17 -4.81 9.34
CA SER A 57 6.25 -6.25 9.18
C SER A 57 4.94 -6.90 9.59
N TYR A 58 4.55 -6.68 10.84
CA TYR A 58 3.32 -7.24 11.36
C TYR A 58 2.11 -6.70 10.59
N VAL A 59 2.12 -5.38 10.38
CA VAL A 59 1.03 -4.74 9.67
C VAL A 59 0.72 -5.51 8.39
N TRP A 60 1.73 -5.58 7.52
CA TRP A 60 1.58 -6.29 6.26
C TRP A 60 1.22 -7.75 6.58
N ARG A 61 1.63 -8.17 7.76
CA ARG A 61 1.36 -9.54 8.20
C ARG A 61 0.03 -9.59 8.96
N THR A 62 -0.87 -8.72 8.58
CA THR A 62 -2.18 -8.67 9.21
C THR A 62 -3.25 -8.25 8.20
N TYR A 63 -2.92 -7.22 7.43
CA TYR A 63 -3.85 -6.72 6.42
C TYR A 63 -3.33 -7.03 5.01
N HIS A 64 -4.27 -7.07 4.07
CA HIS A 64 -3.92 -7.35 2.69
C HIS A 64 -4.35 -6.18 1.80
N LEU A 65 -3.96 -6.26 0.55
CA LEU A 65 -4.30 -5.21 -0.41
C LEU A 65 -5.22 -5.79 -1.48
N THR A 66 -6.42 -5.23 -1.54
CA THR A 66 -7.41 -5.68 -2.51
C THR A 66 -7.79 -4.52 -3.45
N SER A 67 -8.35 -4.90 -4.59
CA SER A 67 -8.77 -3.92 -5.57
C SER A 67 -10.13 -4.30 -6.16
N ALA A 68 -10.08 -5.19 -7.14
CA ALA A 68 -11.29 -5.65 -7.79
C ALA A 68 -11.71 -7.00 -7.19
N GLY A 69 -11.39 -7.16 -5.93
CA GLY A 69 -11.72 -8.39 -5.23
C GLY A 69 -10.52 -9.35 -5.20
N GLU A 70 -9.59 -9.11 -6.10
CA GLU A 70 -8.40 -9.93 -6.19
C GLU A 70 -7.41 -9.54 -5.10
N LYS A 71 -7.40 -10.35 -4.04
CA LYS A 71 -6.50 -10.10 -2.93
C LYS A 71 -5.05 -10.17 -3.41
N LEU A 72 -4.39 -9.03 -3.38
CA LEU A 72 -3.01 -8.94 -3.80
C LEU A 72 -2.11 -9.57 -2.74
N THR A 73 -1.86 -10.86 -2.91
CA THR A 73 -1.02 -11.59 -1.98
C THR A 73 0.19 -12.19 -2.70
N GLU A 74 0.25 -11.92 -4.00
CA GLU A 74 1.34 -12.42 -4.81
C GLU A 74 2.39 -11.33 -5.03
N ASP A 75 3.49 -11.45 -4.30
CA ASP A 75 4.57 -10.49 -4.41
C ASP A 75 5.23 -10.62 -5.79
N ARG A 76 5.21 -11.84 -6.30
CA ARG A 76 5.80 -12.11 -7.60
C ARG A 76 4.89 -11.60 -8.71
N LYS A 77 3.58 -11.69 -8.46
CA LYS A 77 2.61 -11.25 -9.43
C LYS A 77 2.63 -9.72 -9.52
N LYS A 78 2.68 -9.22 -10.75
CA LYS A 78 2.71 -7.79 -10.98
C LYS A 78 1.29 -7.23 -10.83
N LEU A 79 1.23 -5.95 -10.49
CA LEU A 79 -0.05 -5.28 -10.31
C LEU A 79 -0.83 -5.34 -11.63
N ARG A 80 -0.10 -5.22 -12.73
CA ARG A 80 -0.71 -5.25 -14.04
C ARG A 80 -1.43 -6.59 -14.26
N ASP A 81 -0.82 -7.64 -13.76
CA ASP A 81 -1.39 -8.97 -13.89
C ASP A 81 -2.78 -8.99 -13.23
N TYR A 82 -2.94 -8.13 -12.24
CA TYR A 82 -4.21 -8.03 -11.53
C TYR A 82 -5.14 -7.04 -12.20
N GLY A 83 -4.62 -6.40 -13.25
CA GLY A 83 -5.40 -5.43 -13.99
C GLY A 83 -5.33 -4.05 -13.32
N ILE A 84 -4.35 -3.91 -12.45
CA ILE A 84 -4.16 -2.65 -11.74
C ILE A 84 -3.37 -1.68 -12.62
N ARG A 85 -4.05 -0.64 -13.08
CA ARG A 85 -3.43 0.36 -13.93
C ARG A 85 -3.15 1.63 -13.13
N ASN A 86 -2.69 2.64 -13.84
CA ASN A 86 -2.38 3.92 -13.21
C ASN A 86 -3.68 4.61 -12.81
N ARG A 87 -3.57 5.48 -11.81
CA ARG A 87 -4.74 6.20 -11.32
C ARG A 87 -5.80 5.23 -10.81
N ASP A 88 -5.32 4.10 -10.30
CA ASP A 88 -6.21 3.08 -9.77
C ASP A 88 -6.40 3.29 -8.27
N GLU A 89 -7.44 2.67 -7.75
CA GLU A 89 -7.74 2.79 -6.33
C GLU A 89 -7.77 1.40 -5.68
N VAL A 90 -6.81 1.19 -4.77
CA VAL A 90 -6.71 -0.08 -4.07
C VAL A 90 -7.35 0.07 -2.69
N SER A 91 -7.89 -1.05 -2.21
CA SER A 91 -8.52 -1.07 -0.90
C SER A 91 -7.72 -1.95 0.06
N PHE A 92 -7.99 -1.77 1.35
CA PHE A 92 -7.31 -2.54 2.37
C PHE A 92 -8.26 -3.51 3.06
N ILE A 93 -7.67 -4.46 3.78
CA ILE A 93 -8.45 -5.45 4.49
C ILE A 93 -7.62 -6.03 5.64
N LYS A 94 -8.32 -6.45 6.69
CA LYS A 94 -7.67 -7.01 7.85
C LYS A 94 -7.94 -8.52 7.90
N LYS A 95 -6.90 -9.26 8.26
CA LYS A 95 -7.01 -10.70 8.36
C LYS A 95 -8.05 -11.06 9.42
N LEU A 96 -8.17 -12.35 9.68
CA LEU A 96 -9.11 -12.83 10.67
C LEU A 96 -8.37 -13.24 11.94
N GLY A 97 -8.74 -12.60 13.04
CA GLY A 97 -8.11 -12.89 14.32
C GLY A 97 -7.61 -11.59 14.97
N GLN A 98 -6.39 -11.66 15.49
CA GLN A 98 -5.79 -10.52 16.15
C GLN A 98 -6.57 -10.17 17.43
N LYS A 99 -5.82 -9.76 18.43
CA LYS A 99 -6.42 -9.40 19.71
C LYS A 99 -6.54 -7.87 19.79
N SER A 100 -5.40 -7.23 19.98
CA SER A 100 -5.37 -5.78 20.09
C SER A 100 -6.21 -5.16 18.98
N GLY A 101 -6.76 -3.99 19.28
CA GLY A 101 -7.59 -3.28 18.31
C GLY A 101 -8.34 -2.12 18.99
N PRO A 102 -9.59 -1.89 18.50
CA PRO A 102 -10.41 -0.83 19.04
C PRO A 102 -10.99 -1.21 20.41
N SER A 103 -11.26 -0.19 21.21
CA SER A 103 -11.81 -0.42 22.53
C SER A 103 -13.20 -1.03 22.42
N SER A 104 -13.27 -2.31 22.78
CA SER A 104 -14.54 -3.02 22.73
C SER A 104 -14.53 -4.17 23.74
N GLY A 105 -15.11 -3.90 24.90
CA GLY A 105 -15.17 -4.90 25.95
C GLY A 105 -15.08 -4.24 27.33
N GLY A 1 14.13 21.09 -11.20
CA GLY A 1 14.12 19.86 -11.96
C GLY A 1 12.69 19.50 -12.39
N SER A 2 12.42 19.72 -13.67
CA SER A 2 11.11 19.43 -14.21
C SER A 2 11.24 18.82 -15.61
N SER A 3 10.97 17.52 -15.69
CA SER A 3 11.07 16.82 -16.95
C SER A 3 9.90 15.84 -17.08
N GLY A 4 9.81 14.93 -16.12
CA GLY A 4 8.74 13.93 -16.12
C GLY A 4 9.28 12.57 -15.70
N SER A 5 8.43 11.83 -15.00
CA SER A 5 8.79 10.51 -14.52
C SER A 5 7.63 9.54 -14.71
N SER A 6 7.86 8.52 -15.51
CA SER A 6 6.84 7.52 -15.77
C SER A 6 6.33 6.93 -14.46
N GLY A 7 5.25 6.17 -14.57
CA GLY A 7 4.66 5.54 -13.40
C GLY A 7 3.17 5.84 -13.31
N MET A 8 2.59 5.53 -12.16
CA MET A 8 1.17 5.75 -11.94
C MET A 8 0.91 6.26 -10.52
N THR A 9 -0.35 6.58 -10.26
CA THR A 9 -0.73 7.08 -8.96
C THR A 9 -1.73 6.12 -8.30
N VAL A 10 -1.20 5.29 -7.41
CA VAL A 10 -2.02 4.32 -6.71
C VAL A 10 -2.50 4.93 -5.38
N ARG A 11 -3.78 4.70 -5.09
CA ARG A 11 -4.37 5.21 -3.87
C ARG A 11 -4.52 4.09 -2.84
N VAL A 12 -4.66 4.50 -1.59
CA VAL A 12 -4.81 3.55 -0.50
C VAL A 12 -6.07 3.90 0.30
N CYS A 13 -6.99 2.95 0.32
CA CYS A 13 -8.24 3.13 1.04
C CYS A 13 -8.16 2.32 2.34
N LYS A 14 -7.70 2.98 3.39
CA LYS A 14 -7.58 2.34 4.69
C LYS A 14 -8.95 1.86 5.14
N MET A 15 -9.57 2.67 5.98
CA MET A 15 -10.89 2.34 6.50
C MET A 15 -11.60 3.59 7.04
N ASP A 16 -10.83 4.41 7.75
CA ASP A 16 -11.37 5.63 8.32
C ASP A 16 -11.78 6.57 7.20
N GLY A 17 -10.95 6.63 6.17
CA GLY A 17 -11.22 7.50 5.04
C GLY A 17 -9.96 8.27 4.63
N GLU A 18 -8.85 7.56 4.59
CA GLU A 18 -7.59 8.17 4.22
C GLU A 18 -7.13 7.66 2.85
N VAL A 19 -6.63 8.59 2.05
CA VAL A 19 -6.16 8.25 0.72
C VAL A 19 -4.76 8.83 0.51
N MET A 20 -3.83 7.93 0.20
CA MET A 20 -2.45 8.33 -0.02
C MET A 20 -2.01 8.01 -1.46
N PRO A 21 -1.56 9.08 -2.16
CA PRO A 21 -1.11 8.92 -3.54
C PRO A 21 0.27 8.26 -3.59
N VAL A 22 0.27 7.01 -4.00
CA VAL A 22 1.51 6.25 -4.11
C VAL A 22 1.92 6.15 -5.58
N VAL A 23 3.23 6.11 -5.79
CA VAL A 23 3.76 6.01 -7.14
C VAL A 23 4.54 4.70 -7.28
N VAL A 24 4.49 4.14 -8.48
CA VAL A 24 5.19 2.90 -8.75
C VAL A 24 5.41 2.77 -10.26
N VAL A 25 6.32 1.87 -10.62
CA VAL A 25 6.64 1.64 -12.01
C VAL A 25 5.40 1.10 -12.73
N GLN A 26 5.25 1.50 -13.97
CA GLN A 26 4.12 1.06 -14.77
C GLN A 26 3.95 -0.46 -14.66
N ASN A 27 5.05 -1.12 -14.33
CA ASN A 27 5.04 -2.57 -14.18
C ASN A 27 5.50 -2.93 -12.77
N ALA A 28 4.83 -2.34 -11.79
CA ALA A 28 5.16 -2.60 -10.40
C ALA A 28 4.48 -3.89 -9.95
N THR A 29 4.78 -4.29 -8.72
CA THR A 29 4.21 -5.50 -8.16
C THR A 29 3.61 -5.21 -6.78
N VAL A 30 3.04 -6.26 -6.19
CA VAL A 30 2.44 -6.13 -4.88
C VAL A 30 3.47 -5.63 -3.88
N LEU A 31 4.68 -6.16 -4.01
CA LEU A 31 5.77 -5.77 -3.14
C LEU A 31 6.03 -4.27 -3.27
N ASP A 32 6.27 -3.85 -4.51
CA ASP A 32 6.52 -2.44 -4.78
C ASP A 32 5.45 -1.59 -4.09
N LEU A 33 4.20 -1.85 -4.45
CA LEU A 33 3.09 -1.12 -3.88
C LEU A 33 3.35 -0.89 -2.39
N LYS A 34 3.62 -1.99 -1.70
CA LYS A 34 3.88 -1.93 -0.26
C LYS A 34 5.05 -0.97 -0.01
N LYS A 35 6.21 -1.37 -0.50
CA LYS A 35 7.41 -0.56 -0.32
C LYS A 35 7.07 0.91 -0.57
N ALA A 36 6.27 1.13 -1.61
CA ALA A 36 5.86 2.48 -1.97
C ALA A 36 5.12 3.11 -0.79
N ILE A 37 3.91 2.59 -0.55
CA ILE A 37 3.09 3.09 0.54
C ILE A 37 3.95 3.25 1.79
N GLN A 38 5.00 2.44 1.85
CA GLN A 38 5.91 2.49 2.98
C GLN A 38 6.84 3.70 2.88
N ARG A 39 7.49 3.81 1.73
CA ARG A 39 8.41 4.91 1.49
C ARG A 39 7.65 6.24 1.51
N TYR A 40 6.33 6.13 1.52
CA TYR A 40 5.49 7.32 1.55
C TYR A 40 5.38 7.90 2.96
N VAL A 41 5.23 7.00 3.92
CA VAL A 41 5.12 7.40 5.30
C VAL A 41 6.50 7.34 5.96
N GLN A 42 7.17 6.21 5.75
CA GLN A 42 8.49 6.01 6.31
C GLN A 42 9.35 7.25 6.10
N LEU A 43 9.72 7.48 4.84
CA LEU A 43 10.54 8.62 4.49
C LEU A 43 9.88 9.89 5.02
N LYS A 44 8.63 10.07 4.64
CA LYS A 44 7.87 11.24 5.06
C LYS A 44 8.12 11.49 6.54
N GLN A 45 7.73 10.52 7.35
CA GLN A 45 7.91 10.63 8.79
C GLN A 45 9.36 10.94 9.13
N GLU A 46 10.26 10.29 8.40
CA GLU A 46 11.68 10.49 8.61
C GLU A 46 12.03 11.97 8.56
N ARG A 47 11.48 12.65 7.55
CA ARG A 47 11.72 14.07 7.38
C ARG A 47 10.95 14.86 8.45
N GLU A 48 9.99 14.19 9.06
CA GLU A 48 9.18 14.83 10.10
C GLU A 48 9.59 14.29 11.48
N GLY A 49 10.74 13.65 11.51
CA GLY A 49 11.25 13.10 12.76
C GLY A 49 10.50 11.82 13.15
N GLY A 50 10.72 10.78 12.36
CA GLY A 50 10.08 9.50 12.61
C GLY A 50 11.02 8.35 12.29
N VAL A 51 10.66 7.17 12.80
CA VAL A 51 11.45 5.98 12.59
C VAL A 51 10.53 4.78 12.37
N GLN A 52 11.14 3.64 12.08
CA GLN A 52 10.39 2.42 11.84
C GLN A 52 9.86 1.86 13.16
N HIS A 53 8.57 2.04 13.37
CA HIS A 53 7.92 1.55 14.58
C HIS A 53 6.42 1.42 14.35
N ILE A 54 6.07 1.00 13.14
CA ILE A 54 4.68 0.84 12.78
C ILE A 54 4.38 -0.66 12.57
N SER A 55 5.42 -1.46 12.77
CA SER A 55 5.29 -2.90 12.61
C SER A 55 4.73 -3.22 11.22
N TRP A 56 5.26 -2.52 10.23
CA TRP A 56 4.82 -2.72 8.85
C TRP A 56 4.73 -4.22 8.59
N SER A 57 5.76 -4.93 9.02
CA SER A 57 5.81 -6.37 8.85
C SER A 57 4.50 -6.99 9.34
N TYR A 58 4.17 -6.70 10.58
CA TYR A 58 2.96 -7.22 11.17
C TYR A 58 1.71 -6.64 10.49
N VAL A 59 1.79 -5.35 10.19
CA VAL A 59 0.68 -4.68 9.53
C VAL A 59 0.27 -5.48 8.29
N TRP A 60 1.25 -5.76 7.45
CA TRP A 60 1.00 -6.52 6.23
C TRP A 60 0.55 -7.92 6.62
N ARG A 61 1.23 -8.46 7.64
CA ARG A 61 0.91 -9.79 8.12
C ARG A 61 -0.53 -9.85 8.64
N THR A 62 -1.06 -8.66 8.91
CA THR A 62 -2.43 -8.56 9.42
C THR A 62 -3.38 -8.13 8.30
N TYR A 63 -3.11 -6.95 7.75
CA TYR A 63 -3.93 -6.41 6.68
C TYR A 63 -3.28 -6.67 5.33
N HIS A 64 -4.12 -6.71 4.29
CA HIS A 64 -3.64 -6.95 2.94
C HIS A 64 -4.16 -5.84 2.02
N LEU A 65 -3.61 -5.81 0.82
CA LEU A 65 -3.99 -4.81 -0.16
C LEU A 65 -5.04 -5.40 -1.11
N THR A 66 -6.23 -4.84 -1.05
CA THR A 66 -7.32 -5.31 -1.89
C THR A 66 -7.62 -4.28 -2.99
N SER A 67 -8.28 -4.76 -4.04
CA SER A 67 -8.63 -3.91 -5.15
C SER A 67 -10.09 -4.14 -5.56
N ALA A 68 -10.41 -5.39 -5.80
CA ALA A 68 -11.77 -5.76 -6.19
C ALA A 68 -11.95 -7.27 -6.03
N GLY A 69 -11.92 -7.71 -4.77
CA GLY A 69 -12.08 -9.12 -4.47
C GLY A 69 -10.76 -9.88 -4.65
N GLU A 70 -9.79 -9.17 -5.21
CA GLU A 70 -8.48 -9.77 -5.44
C GLU A 70 -7.48 -9.28 -4.39
N LYS A 71 -7.15 -10.18 -3.47
CA LYS A 71 -6.22 -9.86 -2.41
C LYS A 71 -4.81 -9.76 -2.99
N LEU A 72 -4.25 -8.55 -2.92
CA LEU A 72 -2.92 -8.31 -3.44
C LEU A 72 -1.89 -8.81 -2.43
N THR A 73 -1.68 -10.12 -2.44
CA THR A 73 -0.72 -10.73 -1.52
C THR A 73 0.50 -11.23 -2.29
N GLU A 74 0.24 -11.87 -3.42
CA GLU A 74 1.30 -12.39 -4.26
C GLU A 74 2.30 -11.28 -4.62
N ASP A 75 3.53 -11.48 -4.21
CA ASP A 75 4.58 -10.51 -4.48
C ASP A 75 5.17 -10.78 -5.86
N ARG A 76 5.24 -12.05 -6.20
CA ARG A 76 5.77 -12.46 -7.49
C ARG A 76 4.82 -12.06 -8.61
N LYS A 77 3.54 -12.00 -8.26
CA LYS A 77 2.52 -11.63 -9.23
C LYS A 77 2.55 -10.12 -9.45
N LYS A 78 2.70 -9.73 -10.71
CA LYS A 78 2.75 -8.32 -11.07
C LYS A 78 1.36 -7.70 -10.85
N LEU A 79 1.35 -6.37 -10.80
CA LEU A 79 0.11 -5.65 -10.60
C LEU A 79 -0.79 -5.82 -11.83
N ARG A 80 -0.15 -5.78 -13.00
CA ARG A 80 -0.87 -5.92 -14.25
C ARG A 80 -1.65 -7.24 -14.26
N ASP A 81 -1.12 -8.21 -13.52
CA ASP A 81 -1.76 -9.52 -13.44
C ASP A 81 -3.02 -9.41 -12.58
N TYR A 82 -3.04 -8.39 -11.74
CA TYR A 82 -4.18 -8.17 -10.85
C TYR A 82 -5.15 -7.16 -11.47
N GLY A 83 -5.02 -6.98 -12.77
CA GLY A 83 -5.89 -6.05 -13.48
C GLY A 83 -5.71 -4.62 -12.96
N ILE A 84 -4.51 -4.36 -12.44
CA ILE A 84 -4.21 -3.05 -11.90
C ILE A 84 -3.90 -2.09 -13.06
N ARG A 85 -4.21 -0.82 -12.83
CA ARG A 85 -3.97 0.20 -13.83
C ARG A 85 -3.49 1.49 -13.17
N ASN A 86 -3.28 2.50 -14.00
CA ASN A 86 -2.82 3.79 -13.52
C ASN A 86 -4.01 4.56 -12.95
N ARG A 87 -3.74 5.33 -11.90
CA ARG A 87 -4.76 6.13 -11.26
C ARG A 87 -5.84 5.22 -10.66
N ASP A 88 -5.39 4.05 -10.21
CA ASP A 88 -6.31 3.09 -9.61
C ASP A 88 -6.49 3.41 -8.13
N GLU A 89 -7.33 2.62 -7.47
CA GLU A 89 -7.60 2.82 -6.07
C GLU A 89 -7.60 1.47 -5.34
N VAL A 90 -6.56 1.27 -4.53
CA VAL A 90 -6.43 0.04 -3.78
C VAL A 90 -6.94 0.26 -2.34
N SER A 91 -7.59 -0.76 -1.82
CA SER A 91 -8.13 -0.69 -0.47
C SER A 91 -7.37 -1.64 0.45
N PHE A 92 -7.51 -1.39 1.75
CA PHE A 92 -6.84 -2.21 2.73
C PHE A 92 -7.83 -3.12 3.45
N ILE A 93 -7.56 -4.42 3.39
CA ILE A 93 -8.42 -5.40 4.04
C ILE A 93 -7.70 -5.99 5.25
N LYS A 94 -8.47 -6.68 6.07
CA LYS A 94 -7.93 -7.29 7.27
C LYS A 94 -8.04 -8.82 7.17
N LYS A 95 -7.00 -9.49 7.62
CA LYS A 95 -6.97 -10.95 7.58
C LYS A 95 -8.05 -11.50 8.51
N LEU A 96 -8.10 -12.82 8.58
CA LEU A 96 -9.07 -13.49 9.43
C LEU A 96 -8.50 -13.64 10.84
N GLY A 97 -8.79 -12.66 11.67
CA GLY A 97 -8.31 -12.68 13.05
C GLY A 97 -9.00 -11.60 13.89
N GLN A 98 -8.88 -10.36 13.42
CA GLN A 98 -9.49 -9.25 14.11
C GLN A 98 -8.87 -9.08 15.50
N LYS A 99 -9.32 -9.93 16.42
CA LYS A 99 -8.82 -9.90 17.79
C LYS A 99 -9.53 -8.78 18.55
N SER A 100 -9.27 -8.74 19.85
CA SER A 100 -9.88 -7.73 20.70
C SER A 100 -8.88 -7.30 21.78
N GLY A 101 -8.92 -6.01 22.11
CA GLY A 101 -8.04 -5.47 23.11
C GLY A 101 -8.15 -3.94 23.17
N PRO A 102 -7.77 -3.39 24.35
CA PRO A 102 -7.82 -1.94 24.55
C PRO A 102 -6.68 -1.24 23.80
N SER A 103 -7.07 -0.39 22.88
CA SER A 103 -6.09 0.35 22.09
C SER A 103 -6.67 1.72 21.71
N SER A 104 -5.76 2.68 21.59
CA SER A 104 -6.15 4.03 21.22
C SER A 104 -7.14 4.58 22.25
N GLY A 105 -6.62 5.40 23.15
CA GLY A 105 -7.44 6.01 24.19
C GLY A 105 -8.75 6.53 23.61
#